data_6JKL
# 
_entry.id   6JKL 
# 
_audit_conform.dict_name       mmcif_pdbx.dic 
_audit_conform.dict_version    5.403 
_audit_conform.dict_location   http://mmcif.pdb.org/dictionaries/ascii/mmcif_pdbx.dic 
# 
loop_
_database_2.database_id 
_database_2.database_code 
_database_2.pdbx_database_accession 
_database_2.pdbx_DOI 
PDB   6JKL         pdb_00006jkl 10.2210/pdb6jkl/pdb 
WWPDB D_1300011268 ?            ?                   
# 
loop_
_pdbx_audit_revision_history.ordinal 
_pdbx_audit_revision_history.data_content_type 
_pdbx_audit_revision_history.major_revision 
_pdbx_audit_revision_history.minor_revision 
_pdbx_audit_revision_history.revision_date 
_pdbx_audit_revision_history.part_number 
1 'Structure model' 1 0 2020-03-04 ? 
2 'Structure model' 1 1 2025-04-09 ? 
# 
_pdbx_audit_revision_details.ordinal             1 
_pdbx_audit_revision_details.revision_ordinal    1 
_pdbx_audit_revision_details.data_content_type   'Structure model' 
_pdbx_audit_revision_details.provider            repository 
_pdbx_audit_revision_details.type                'Initial release' 
_pdbx_audit_revision_details.description         ? 
_pdbx_audit_revision_details.details             ? 
# 
loop_
_pdbx_audit_revision_group.ordinal 
_pdbx_audit_revision_group.revision_ordinal 
_pdbx_audit_revision_group.data_content_type 
_pdbx_audit_revision_group.group 
1 2 'Structure model' 'Data collection'     
2 2 'Structure model' 'Database references' 
3 2 'Structure model' 'Structure summary'   
# 
loop_
_pdbx_audit_revision_category.ordinal 
_pdbx_audit_revision_category.revision_ordinal 
_pdbx_audit_revision_category.data_content_type 
_pdbx_audit_revision_category.category 
1 2 'Structure model' chem_comp_atom            
2 2 'Structure model' chem_comp_bond            
3 2 'Structure model' database_2                
4 2 'Structure model' pdbx_entry_details        
5 2 'Structure model' pdbx_modification_feature 
# 
loop_
_pdbx_audit_revision_item.ordinal 
_pdbx_audit_revision_item.revision_ordinal 
_pdbx_audit_revision_item.data_content_type 
_pdbx_audit_revision_item.item 
1 2 'Structure model' '_database_2.pdbx_DOI'                
2 2 'Structure model' '_database_2.pdbx_database_accession' 
# 
_pdbx_database_status.status_code                     REL 
_pdbx_database_status.status_code_sf                  REL 
_pdbx_database_status.status_code_mr                  ? 
_pdbx_database_status.entry_id                        6JKL 
_pdbx_database_status.recvd_initial_deposition_date   2019-03-01 
_pdbx_database_status.SG_entry                        N 
_pdbx_database_status.deposit_site                    PDBJ 
_pdbx_database_status.process_site                    PDBJ 
_pdbx_database_status.status_code_cs                  ? 
_pdbx_database_status.methods_development_category    ? 
_pdbx_database_status.pdb_format_compatible           Y 
_pdbx_database_status.status_code_nmr_data            ? 
# 
loop_
_audit_author.name 
_audit_author.pdbx_ordinal 
_audit_author.identifier_ORCID 
'Yang, X.'  1 ? 
'Zhu, Y.'   2 ? 
'Ye, S.'    3 ? 
'Zhang, R.' 4 ? 
# 
_citation.abstract                  ? 
_citation.abstract_id_CAS           ? 
_citation.book_id_ISBN              ? 
_citation.book_publisher            ? 
_citation.book_publisher_city       ? 
_citation.book_title                ? 
_citation.coordinate_linkage        ? 
_citation.country                   ? 
_citation.database_id_Medline       ? 
_citation.details                   ? 
_citation.id                        primary 
_citation.journal_abbrev            'To Be Published' 
_citation.journal_id_ASTM           ? 
_citation.journal_id_CSD            0353 
_citation.journal_id_ISSN           ? 
_citation.journal_full              ? 
_citation.journal_issue             ? 
_citation.journal_volume            ? 
_citation.language                  ? 
_citation.page_first                ? 
_citation.page_last                 ? 
_citation.title                     'Structure of a triple-helix region of human collagen type II.' 
_citation.year                      ? 
_citation.database_id_CSD           ? 
_citation.pdbx_database_id_DOI      ? 
_citation.pdbx_database_id_PubMed   ? 
_citation.unpublished_flag          ? 
# 
loop_
_citation_author.citation_id 
_citation_author.name 
_citation_author.ordinal 
_citation_author.identifier_ORCID 
primary 'Yang, X.'  1 ? 
primary 'Zhu, Y.'   2 ? 
primary 'Ye, S.'    3 ? 
primary 'Zhang, R.' 4 ? 
primary 'Lu, L.'    5 ? 
# 
loop_
_entity.id 
_entity.type 
_entity.src_method 
_entity.pdbx_description 
_entity.formula_weight 
_entity.pdbx_number_of_molecules 
_entity.pdbx_ec 
_entity.pdbx_mutation 
_entity.pdbx_fragment 
_entity.details 
1 polymer syn 'A triple-helix region of human collagen type II' 2431.464 3  ? ? ? ? 
2 water   nat water                                             18.015   84 ? ? ? ? 
# 
_entity_poly.entity_id                      1 
_entity_poly.type                           'polypeptide(L)' 
_entity_poly.nstd_linkage                   no 
_entity_poly.nstd_monomer                   yes 
_entity_poly.pdbx_seq_one_letter_code       '(ACE)P(HYP)GP(HYP)GP(HYP)GDDGPSGAEGP(HYP)GP(HYP)GP(HYP)G(NH2)' 
_entity_poly.pdbx_seq_one_letter_code_can   XPPGPPGPPGDDGPSGAEGPPGPPGPPGX 
_entity_poly.pdbx_strand_id                 A,B,C 
_entity_poly.pdbx_target_identifier         ? 
# 
_pdbx_entity_nonpoly.entity_id   2 
_pdbx_entity_nonpoly.name        water 
_pdbx_entity_nonpoly.comp_id     HOH 
# 
loop_
_entity_poly_seq.entity_id 
_entity_poly_seq.num 
_entity_poly_seq.mon_id 
_entity_poly_seq.hetero 
1 1  ACE n 
1 2  PRO n 
1 3  HYP n 
1 4  GLY n 
1 5  PRO n 
1 6  HYP n 
1 7  GLY n 
1 8  PRO n 
1 9  HYP n 
1 10 GLY n 
1 11 ASP n 
1 12 ASP n 
1 13 GLY n 
1 14 PRO n 
1 15 SER n 
1 16 GLY n 
1 17 ALA n 
1 18 GLU n 
1 19 GLY n 
1 20 PRO n 
1 21 HYP n 
1 22 GLY n 
1 23 PRO n 
1 24 HYP n 
1 25 GLY n 
1 26 PRO n 
1 27 HYP n 
1 28 GLY n 
1 29 NH2 n 
# 
_pdbx_entity_src_syn.entity_id              1 
_pdbx_entity_src_syn.pdbx_src_id            1 
_pdbx_entity_src_syn.pdbx_alt_source_flag   sample 
_pdbx_entity_src_syn.pdbx_beg_seq_num       1 
_pdbx_entity_src_syn.pdbx_end_seq_num       29 
_pdbx_entity_src_syn.organism_scientific    'Homo sapiens' 
_pdbx_entity_src_syn.organism_common_name   ? 
_pdbx_entity_src_syn.ncbi_taxonomy_id       9606 
_pdbx_entity_src_syn.details                ? 
# 
loop_
_chem_comp.id 
_chem_comp.type 
_chem_comp.mon_nstd_flag 
_chem_comp.name 
_chem_comp.pdbx_synonyms 
_chem_comp.formula 
_chem_comp.formula_weight 
ACE non-polymer         . 'ACETYL GROUP'   ?              'C2 H4 O'    44.053  
ALA 'L-peptide linking' y ALANINE          ?              'C3 H7 N O2' 89.093  
ASP 'L-peptide linking' y 'ASPARTIC ACID'  ?              'C4 H7 N O4' 133.103 
GLU 'L-peptide linking' y 'GLUTAMIC ACID'  ?              'C5 H9 N O4' 147.129 
GLY 'peptide linking'   y GLYCINE          ?              'C2 H5 N O2' 75.067  
HOH non-polymer         . WATER            ?              'H2 O'       18.015  
HYP 'L-peptide linking' n 4-HYDROXYPROLINE HYDROXYPROLINE 'C5 H9 N O3' 131.130 
NH2 non-polymer         . 'AMINO GROUP'    ?              'H2 N'       16.023  
PRO 'L-peptide linking' y PROLINE          ?              'C5 H9 N O2' 115.130 
SER 'L-peptide linking' y SERINE           ?              'C3 H7 N O3' 105.093 
# 
loop_
_pdbx_poly_seq_scheme.asym_id 
_pdbx_poly_seq_scheme.entity_id 
_pdbx_poly_seq_scheme.seq_id 
_pdbx_poly_seq_scheme.mon_id 
_pdbx_poly_seq_scheme.ndb_seq_num 
_pdbx_poly_seq_scheme.pdb_seq_num 
_pdbx_poly_seq_scheme.auth_seq_num 
_pdbx_poly_seq_scheme.pdb_mon_id 
_pdbx_poly_seq_scheme.auth_mon_id 
_pdbx_poly_seq_scheme.pdb_strand_id 
_pdbx_poly_seq_scheme.pdb_ins_code 
_pdbx_poly_seq_scheme.hetero 
A 1 1  ACE 1  0  ?  ?   ?   A . n 
A 1 2  PRO 2  1  1  PRO PRO A . n 
A 1 3  HYP 3  2  2  HYP HYP A . n 
A 1 4  GLY 4  3  3  GLY GLY A . n 
A 1 5  PRO 5  4  4  PRO PRO A . n 
A 1 6  HYP 6  5  5  HYP HYP A . n 
A 1 7  GLY 7  6  6  GLY GLY A . n 
A 1 8  PRO 8  7  7  PRO PRO A . n 
A 1 9  HYP 9  8  8  HYP HYP A . n 
A 1 10 GLY 10 9  9  GLY GLY A . n 
A 1 11 ASP 11 10 10 ASP ASP A . n 
A 1 12 ASP 12 11 11 ASP ASP A . n 
A 1 13 GLY 13 12 12 GLY GLY A . n 
A 1 14 PRO 14 13 13 PRO PRO A . n 
A 1 15 SER 15 14 14 SER SER A . n 
A 1 16 GLY 16 15 15 GLY GLY A . n 
A 1 17 ALA 17 16 16 ALA ALA A . n 
A 1 18 GLU 18 17 17 GLU GLU A . n 
A 1 19 GLY 19 18 18 GLY GLY A . n 
A 1 20 PRO 20 19 19 PRO PRO A . n 
A 1 21 HYP 21 20 20 HYP HYP A . n 
A 1 22 GLY 22 21 21 GLY GLY A . n 
A 1 23 PRO 23 22 22 PRO PRO A . n 
A 1 24 HYP 24 23 23 HYP HYP A . n 
A 1 25 GLY 25 24 24 GLY GLY A . n 
A 1 26 PRO 26 25 25 PRO PRO A . n 
A 1 27 HYP 27 26 26 HYP HYP A . n 
A 1 28 GLY 28 27 27 GLY GLY A . n 
A 1 29 NH2 29 28 28 NH2 NH2 A . n 
B 1 1  ACE 1  0  0  ACE ACE B . n 
B 1 2  PRO 2  1  1  PRO PRO B . n 
B 1 3  HYP 3  2  2  HYP HYP B . n 
B 1 4  GLY 4  3  3  GLY GLY B . n 
B 1 5  PRO 5  4  4  PRO PRO B . n 
B 1 6  HYP 6  5  5  HYP HYP B . n 
B 1 7  GLY 7  6  6  GLY GLY B . n 
B 1 8  PRO 8  7  7  PRO PRO B . n 
B 1 9  HYP 9  8  8  HYP HYP B . n 
B 1 10 GLY 10 9  9  GLY GLY B . n 
B 1 11 ASP 11 10 10 ASP ASP B . n 
B 1 12 ASP 12 11 11 ASP ASP B . n 
B 1 13 GLY 13 12 12 GLY GLY B . n 
B 1 14 PRO 14 13 13 PRO PRO B . n 
B 1 15 SER 15 14 14 SER SER B . n 
B 1 16 GLY 16 15 15 GLY GLY B . n 
B 1 17 ALA 17 16 16 ALA ALA B . n 
B 1 18 GLU 18 17 17 GLU GLU B . n 
B 1 19 GLY 19 18 18 GLY GLY B . n 
B 1 20 PRO 20 19 19 PRO PRO B . n 
B 1 21 HYP 21 20 20 HYP HYP B . n 
B 1 22 GLY 22 21 21 GLY GLY B . n 
B 1 23 PRO 23 22 22 PRO PRO B . n 
B 1 24 HYP 24 23 23 HYP HYP B . n 
B 1 25 GLY 25 24 24 GLY GLY B . n 
B 1 26 PRO 26 25 25 PRO PRO B . n 
B 1 27 HYP 27 26 26 HYP HYP B . n 
B 1 28 GLY 28 27 27 GLY GLY B . n 
B 1 29 NH2 29 28 ?  ?   ?   B . n 
C 1 1  ACE 1  0  0  ACE ACE C . n 
C 1 2  PRO 2  1  1  PRO PRO C . n 
C 1 3  HYP 3  2  2  HYP HYP C . n 
C 1 4  GLY 4  3  3  GLY GLY C . n 
C 1 5  PRO 5  4  4  PRO PRO C . n 
C 1 6  HYP 6  5  5  HYP HYP C . n 
C 1 7  GLY 7  6  6  GLY GLY C . n 
C 1 8  PRO 8  7  7  PRO PRO C . n 
C 1 9  HYP 9  8  8  HYP HYP C . n 
C 1 10 GLY 10 9  9  GLY GLY C . n 
C 1 11 ASP 11 10 10 ASP ASP C . n 
C 1 12 ASP 12 11 11 ASP ASP C . n 
C 1 13 GLY 13 12 12 GLY GLY C . n 
C 1 14 PRO 14 13 13 PRO PRO C . n 
C 1 15 SER 15 14 14 SER SER C . n 
C 1 16 GLY 16 15 15 GLY GLY C . n 
C 1 17 ALA 17 16 16 ALA ALA C . n 
C 1 18 GLU 18 17 17 GLU GLU C . n 
C 1 19 GLY 19 18 18 GLY GLY C . n 
C 1 20 PRO 20 19 19 PRO PRO C . n 
C 1 21 HYP 21 20 20 HYP HYP C . n 
C 1 22 GLY 22 21 21 GLY GLY C . n 
C 1 23 PRO 23 22 22 PRO PRO C . n 
C 1 24 HYP 24 23 23 HYP HYP C . n 
C 1 25 GLY 25 24 24 GLY GLY C . n 
C 1 26 PRO 26 25 25 PRO PRO C . n 
C 1 27 HYP 27 26 26 HYP HYP C . n 
C 1 28 GLY 28 27 27 GLY GLY C . n 
C 1 29 NH2 29 28 28 NH2 NH2 C . n 
# 
loop_
_pdbx_nonpoly_scheme.asym_id 
_pdbx_nonpoly_scheme.entity_id 
_pdbx_nonpoly_scheme.mon_id 
_pdbx_nonpoly_scheme.ndb_seq_num 
_pdbx_nonpoly_scheme.pdb_seq_num 
_pdbx_nonpoly_scheme.auth_seq_num 
_pdbx_nonpoly_scheme.pdb_mon_id 
_pdbx_nonpoly_scheme.auth_mon_id 
_pdbx_nonpoly_scheme.pdb_strand_id 
_pdbx_nonpoly_scheme.pdb_ins_code 
D 2 HOH 1  101 20 HOH HOH A . 
D 2 HOH 2  102 58 HOH HOH A . 
D 2 HOH 3  103 54 HOH HOH A . 
D 2 HOH 4  104 38 HOH HOH A . 
D 2 HOH 5  105 45 HOH HOH A . 
D 2 HOH 6  106 26 HOH HOH A . 
D 2 HOH 7  107 30 HOH HOH A . 
D 2 HOH 8  108 11 HOH HOH A . 
D 2 HOH 9  109 24 HOH HOH A . 
D 2 HOH 10 110 64 HOH HOH A . 
D 2 HOH 11 111 63 HOH HOH A . 
D 2 HOH 12 112 47 HOH HOH A . 
D 2 HOH 13 113 28 HOH HOH A . 
D 2 HOH 14 114 31 HOH HOH A . 
D 2 HOH 15 115 2  HOH HOH A . 
D 2 HOH 16 116 18 HOH HOH A . 
D 2 HOH 17 117 82 HOH HOH A . 
D 2 HOH 18 118 76 HOH HOH A . 
D 2 HOH 19 119 16 HOH HOH A . 
D 2 HOH 20 120 34 HOH HOH A . 
D 2 HOH 21 121 62 HOH HOH A . 
D 2 HOH 22 122 79 HOH HOH A . 
D 2 HOH 23 123 65 HOH HOH A . 
D 2 HOH 24 124 29 HOH HOH A . 
D 2 HOH 25 125 32 HOH HOH A . 
D 2 HOH 26 126 78 HOH HOH A . 
D 2 HOH 27 127 56 HOH HOH A . 
D 2 HOH 28 128 75 HOH HOH A . 
D 2 HOH 29 129 69 HOH HOH A . 
D 2 HOH 30 130 50 HOH HOH A . 
D 2 HOH 31 131 83 HOH HOH A . 
E 2 HOH 1  101 59 HOH HOH B . 
E 2 HOH 2  102 21 HOH HOH B . 
E 2 HOH 3  103 33 HOH HOH B . 
E 2 HOH 4  104 9  HOH HOH B . 
E 2 HOH 5  105 81 HOH HOH B . 
E 2 HOH 6  106 70 HOH HOH B . 
E 2 HOH 7  107 48 HOH HOH B . 
E 2 HOH 8  108 60 HOH HOH B . 
E 2 HOH 9  109 25 HOH HOH B . 
E 2 HOH 10 110 10 HOH HOH B . 
E 2 HOH 11 111 17 HOH HOH B . 
E 2 HOH 12 112 68 HOH HOH B . 
E 2 HOH 13 113 46 HOH HOH B . 
E 2 HOH 14 114 6  HOH HOH B . 
E 2 HOH 15 115 22 HOH HOH B . 
E 2 HOH 16 116 14 HOH HOH B . 
E 2 HOH 17 117 43 HOH HOH B . 
E 2 HOH 18 118 67 HOH HOH B . 
E 2 HOH 19 119 8  HOH HOH B . 
E 2 HOH 20 120 51 HOH HOH B . 
E 2 HOH 21 121 72 HOH HOH B . 
E 2 HOH 22 122 52 HOH HOH B . 
E 2 HOH 23 123 84 HOH HOH B . 
E 2 HOH 24 124 53 HOH HOH B . 
E 2 HOH 25 125 23 HOH HOH B . 
E 2 HOH 26 126 74 HOH HOH B . 
E 2 HOH 27 127 39 HOH HOH B . 
F 2 HOH 1  101 66 HOH HOH C . 
F 2 HOH 2  102 55 HOH HOH C . 
F 2 HOH 3  103 5  HOH HOH C . 
F 2 HOH 4  104 4  HOH HOH C . 
F 2 HOH 5  105 13 HOH HOH C . 
F 2 HOH 6  106 27 HOH HOH C . 
F 2 HOH 7  107 35 HOH HOH C . 
F 2 HOH 8  108 1  HOH HOH C . 
F 2 HOH 9  109 12 HOH HOH C . 
F 2 HOH 10 110 36 HOH HOH C . 
F 2 HOH 11 111 42 HOH HOH C . 
F 2 HOH 12 112 44 HOH HOH C . 
F 2 HOH 13 113 3  HOH HOH C . 
F 2 HOH 14 114 7  HOH HOH C . 
F 2 HOH 15 115 19 HOH HOH C . 
F 2 HOH 16 116 15 HOH HOH C . 
F 2 HOH 17 117 40 HOH HOH C . 
F 2 HOH 18 118 57 HOH HOH C . 
F 2 HOH 19 119 71 HOH HOH C . 
F 2 HOH 20 120 41 HOH HOH C . 
F 2 HOH 21 121 77 HOH HOH C . 
F 2 HOH 22 122 61 HOH HOH C . 
F 2 HOH 23 123 37 HOH HOH C . 
F 2 HOH 24 124 80 HOH HOH C . 
F 2 HOH 25 125 49 HOH HOH C . 
F 2 HOH 26 126 73 HOH HOH C . 
# 
loop_
_software.citation_id 
_software.classification 
_software.compiler_name 
_software.compiler_version 
_software.contact_author 
_software.contact_author_email 
_software.date 
_software.description 
_software.dependencies 
_software.hardware 
_software.language 
_software.location 
_software.mods 
_software.name 
_software.os 
_software.os_version 
_software.type 
_software.version 
_software.pdbx_ordinal 
? refinement       ? ? ? ? ? ? ? ? ? ? ? PHENIX   ? ? ? '(1.11.1_2575: ???)' 1 
? 'data reduction' ? ? ? ? ? ? ? ? ? ? ? HKL-2000 ? ? ? .                    2 
? 'data scaling'   ? ? ? ? ? ? ? ? ? ? ? HKL-2000 ? ? ? .                    3 
? phasing          ? ? ? ? ? ? ? ? ? ? ? PHASER   ? ? ? .                    4 
# 
_cell.angle_alpha                  90.00 
_cell.angle_alpha_esd              ? 
_cell.angle_beta                   114.39 
_cell.angle_beta_esd               ? 
_cell.angle_gamma                  90.00 
_cell.angle_gamma_esd              ? 
_cell.entry_id                     6JKL 
_cell.details                      ? 
_cell.formula_units_Z              ? 
_cell.length_a                     60.541 
_cell.length_a_esd                 ? 
_cell.length_b                     17.424 
_cell.length_b_esd                 ? 
_cell.length_c                     51.637 
_cell.length_c_esd                 ? 
_cell.volume                       ? 
_cell.volume_esd                   ? 
_cell.Z_PDB                        12 
_cell.reciprocal_angle_alpha       ? 
_cell.reciprocal_angle_beta        ? 
_cell.reciprocal_angle_gamma       ? 
_cell.reciprocal_angle_alpha_esd   ? 
_cell.reciprocal_angle_beta_esd    ? 
_cell.reciprocal_angle_gamma_esd   ? 
_cell.reciprocal_length_a          ? 
_cell.reciprocal_length_b          ? 
_cell.reciprocal_length_c          ? 
_cell.reciprocal_length_a_esd      ? 
_cell.reciprocal_length_b_esd      ? 
_cell.reciprocal_length_c_esd      ? 
_cell.pdbx_unique_axis             ? 
# 
_symmetry.entry_id                         6JKL 
_symmetry.cell_setting                     ? 
_symmetry.Int_Tables_number                5 
_symmetry.space_group_name_Hall            ? 
_symmetry.space_group_name_H-M             'C 1 2 1' 
_symmetry.pdbx_full_space_group_name_H-M   ? 
# 
_exptl.absorpt_coefficient_mu     ? 
_exptl.absorpt_correction_T_max   ? 
_exptl.absorpt_correction_T_min   ? 
_exptl.absorpt_correction_type    ? 
_exptl.absorpt_process_details    ? 
_exptl.entry_id                   6JKL 
_exptl.crystals_number            1 
_exptl.details                    ? 
_exptl.method                     'X-RAY DIFFRACTION' 
_exptl.method_details             ? 
# 
_exptl_crystal.colour                      ? 
_exptl_crystal.density_diffrn              ? 
_exptl_crystal.density_Matthews            1.70 
_exptl_crystal.density_method              ? 
_exptl_crystal.density_percent_sol         27.66 
_exptl_crystal.description                 ? 
_exptl_crystal.F_000                       ? 
_exptl_crystal.id                          1 
_exptl_crystal.preparation                 ? 
_exptl_crystal.size_max                    ? 
_exptl_crystal.size_mid                    ? 
_exptl_crystal.size_min                    ? 
_exptl_crystal.size_rad                    ? 
_exptl_crystal.colour_lustre               ? 
_exptl_crystal.colour_modifier             ? 
_exptl_crystal.colour_primary              ? 
_exptl_crystal.density_meas                ? 
_exptl_crystal.density_meas_esd            ? 
_exptl_crystal.density_meas_gt             ? 
_exptl_crystal.density_meas_lt             ? 
_exptl_crystal.density_meas_temp           ? 
_exptl_crystal.density_meas_temp_esd       ? 
_exptl_crystal.density_meas_temp_gt        ? 
_exptl_crystal.density_meas_temp_lt        ? 
_exptl_crystal.pdbx_crystal_image_url      ? 
_exptl_crystal.pdbx_crystal_image_format   ? 
_exptl_crystal.pdbx_mosaicity              ? 
_exptl_crystal.pdbx_mosaicity_esd          ? 
# 
_exptl_crystal_grow.apparatus       ? 
_exptl_crystal_grow.atmosphere      ? 
_exptl_crystal_grow.crystal_id      1 
_exptl_crystal_grow.details         ? 
_exptl_crystal_grow.method          'VAPOR DIFFUSION, SITTING DROP' 
_exptl_crystal_grow.method_ref      ? 
_exptl_crystal_grow.pH              ? 
_exptl_crystal_grow.pressure        ? 
_exptl_crystal_grow.pressure_esd    ? 
_exptl_crystal_grow.seeding         ? 
_exptl_crystal_grow.seeding_ref     ? 
_exptl_crystal_grow.temp            289 
_exptl_crystal_grow.temp_details    ? 
_exptl_crystal_grow.temp_esd        ? 
_exptl_crystal_grow.time            ? 
_exptl_crystal_grow.pdbx_details    '0.2 M NaCl, 0.1 M Imidazole:HCl pH 8.0, 30%(w/v) PEG 8000' 
_exptl_crystal_grow.pdbx_pH_range   ? 
# 
_diffrn.ambient_environment              ? 
_diffrn.ambient_temp                     100 
_diffrn.ambient_temp_details             ? 
_diffrn.ambient_temp_esd                 ? 
_diffrn.crystal_id                       1 
_diffrn.crystal_support                  ? 
_diffrn.crystal_treatment                ? 
_diffrn.details                          ? 
_diffrn.id                               1 
_diffrn.ambient_pressure                 ? 
_diffrn.ambient_pressure_esd             ? 
_diffrn.ambient_pressure_gt              ? 
_diffrn.ambient_pressure_lt              ? 
_diffrn.ambient_temp_gt                  ? 
_diffrn.ambient_temp_lt                  ? 
_diffrn.pdbx_serial_crystal_experiment   N 
# 
_diffrn_detector.details                      ? 
_diffrn_detector.detector                     CCD 
_diffrn_detector.diffrn_id                    1 
_diffrn_detector.type                         'RIGAKU SATURN 944+' 
_diffrn_detector.area_resol_mean              ? 
_diffrn_detector.dtime                        ? 
_diffrn_detector.pdbx_frames_total            ? 
_diffrn_detector.pdbx_collection_time_total   ? 
_diffrn_detector.pdbx_collection_date         2019-02-27 
_diffrn_detector.pdbx_frequency               ? 
# 
_diffrn_radiation.collimation                      ? 
_diffrn_radiation.diffrn_id                        1 
_diffrn_radiation.filter_edge                      ? 
_diffrn_radiation.inhomogeneity                    ? 
_diffrn_radiation.monochromator                    ? 
_diffrn_radiation.polarisn_norm                    ? 
_diffrn_radiation.polarisn_ratio                   ? 
_diffrn_radiation.probe                            ? 
_diffrn_radiation.type                             ? 
_diffrn_radiation.xray_symbol                      ? 
_diffrn_radiation.wavelength_id                    1 
_diffrn_radiation.pdbx_monochromatic_or_laue_m_l   M 
_diffrn_radiation.pdbx_wavelength_list             ? 
_diffrn_radiation.pdbx_wavelength                  ? 
_diffrn_radiation.pdbx_diffrn_protocol             'SINGLE WAVELENGTH' 
_diffrn_radiation.pdbx_analyzer                    ? 
_diffrn_radiation.pdbx_scattering_type             x-ray 
# 
_diffrn_radiation_wavelength.id           1 
_diffrn_radiation_wavelength.wavelength   1.5418 
_diffrn_radiation_wavelength.wt           1.0 
# 
_diffrn_source.current                     ? 
_diffrn_source.details                     ? 
_diffrn_source.diffrn_id                   1 
_diffrn_source.power                       ? 
_diffrn_source.size                        ? 
_diffrn_source.source                      'ROTATING ANODE' 
_diffrn_source.target                      ? 
_diffrn_source.type                        'RIGAKU MICROMAX-007 HF' 
_diffrn_source.voltage                     ? 
_diffrn_source.take-off_angle              ? 
_diffrn_source.pdbx_wavelength_list        1.5418 
_diffrn_source.pdbx_wavelength             ? 
_diffrn_source.pdbx_synchrotron_beamline   ? 
_diffrn_source.pdbx_synchrotron_site       ? 
# 
_reflns.B_iso_Wilson_estimate            ? 
_reflns.entry_id                         6JKL 
_reflns.data_reduction_details           ? 
_reflns.data_reduction_method            ? 
_reflns.d_resolution_high                2.148 
_reflns.d_resolution_low                 29.737 
_reflns.details                          ? 
_reflns.limit_h_max                      ? 
_reflns.limit_h_min                      ? 
_reflns.limit_k_max                      ? 
_reflns.limit_k_min                      ? 
_reflns.limit_l_max                      ? 
_reflns.limit_l_min                      ? 
_reflns.number_all                       ? 
_reflns.number_obs                       2848 
_reflns.observed_criterion               ? 
_reflns.observed_criterion_F_max         ? 
_reflns.observed_criterion_F_min         ? 
_reflns.observed_criterion_I_max         ? 
_reflns.observed_criterion_I_min         ? 
_reflns.observed_criterion_sigma_F       ? 
_reflns.observed_criterion_sigma_I       ? 
_reflns.percent_possible_obs             99.27 
_reflns.R_free_details                   ? 
_reflns.Rmerge_F_all                     ? 
_reflns.Rmerge_F_obs                     ? 
_reflns.Friedel_coverage                 ? 
_reflns.number_gt                        ? 
_reflns.threshold_expression             ? 
_reflns.pdbx_redundancy                  2.5 
_reflns.pdbx_Rmerge_I_obs                ? 
_reflns.pdbx_Rmerge_I_all                ? 
_reflns.pdbx_Rsym_value                  ? 
_reflns.pdbx_netI_over_av_sigmaI         ? 
_reflns.pdbx_netI_over_sigmaI            24.79 
_reflns.pdbx_res_netI_over_av_sigmaI_2   ? 
_reflns.pdbx_res_netI_over_sigmaI_2      ? 
_reflns.pdbx_chi_squared                 ? 
_reflns.pdbx_scaling_rejects             ? 
_reflns.pdbx_d_res_high_opt              ? 
_reflns.pdbx_d_res_low_opt               ? 
_reflns.pdbx_d_res_opt_method            ? 
_reflns.phase_calculation_details        ? 
_reflns.pdbx_Rrim_I_all                  ? 
_reflns.pdbx_Rpim_I_all                  ? 
_reflns.pdbx_d_opt                       ? 
_reflns.pdbx_number_measured_all         ? 
_reflns.pdbx_diffrn_id                   1 
_reflns.pdbx_ordinal                     1 
_reflns.pdbx_CC_half                     ? 
_reflns.pdbx_R_split                     ? 
# 
_reflns_shell.d_res_high                  2.15 
_reflns_shell.d_res_low                   2.19 
_reflns_shell.meanI_over_sigI_all         ? 
_reflns_shell.meanI_over_sigI_obs         ? 
_reflns_shell.number_measured_all         ? 
_reflns_shell.number_measured_obs         ? 
_reflns_shell.number_possible             ? 
_reflns_shell.number_unique_all           ? 
_reflns_shell.number_unique_obs           ? 
_reflns_shell.percent_possible_all        ? 
_reflns_shell.percent_possible_obs        ? 
_reflns_shell.Rmerge_F_all                ? 
_reflns_shell.Rmerge_F_obs                ? 
_reflns_shell.Rmerge_I_all                ? 
_reflns_shell.Rmerge_I_obs                ? 
_reflns_shell.meanI_over_sigI_gt          ? 
_reflns_shell.meanI_over_uI_all           ? 
_reflns_shell.meanI_over_uI_gt            ? 
_reflns_shell.number_measured_gt          ? 
_reflns_shell.number_unique_gt            ? 
_reflns_shell.percent_possible_gt         ? 
_reflns_shell.Rmerge_F_gt                 ? 
_reflns_shell.Rmerge_I_gt                 ? 
_reflns_shell.pdbx_redundancy             ? 
_reflns_shell.pdbx_Rsym_value             ? 
_reflns_shell.pdbx_chi_squared            ? 
_reflns_shell.pdbx_netI_over_sigmaI_all   ? 
_reflns_shell.pdbx_netI_over_sigmaI_obs   ? 
_reflns_shell.pdbx_Rrim_I_all             ? 
_reflns_shell.pdbx_Rpim_I_all             ? 
_reflns_shell.pdbx_rejects                ? 
_reflns_shell.pdbx_ordinal                1 
_reflns_shell.pdbx_diffrn_id              1 
_reflns_shell.pdbx_CC_half                ? 
_reflns_shell.pdbx_R_split                ? 
# 
_refine.aniso_B[1][1]                            ? 
_refine.aniso_B[1][2]                            ? 
_refine.aniso_B[1][3]                            ? 
_refine.aniso_B[2][2]                            ? 
_refine.aniso_B[2][3]                            ? 
_refine.aniso_B[3][3]                            ? 
_refine.B_iso_max                                ? 
_refine.B_iso_mean                               ? 
_refine.B_iso_min                                ? 
_refine.correlation_coeff_Fo_to_Fc               ? 
_refine.correlation_coeff_Fo_to_Fc_free          ? 
_refine.details                                  ? 
_refine.diff_density_max                         ? 
_refine.diff_density_max_esd                     ? 
_refine.diff_density_min                         ? 
_refine.diff_density_min_esd                     ? 
_refine.diff_density_rms                         ? 
_refine.diff_density_rms_esd                     ? 
_refine.entry_id                                 6JKL 
_refine.pdbx_refine_id                           'X-RAY DIFFRACTION' 
_refine.ls_abs_structure_details                 ? 
_refine.ls_abs_structure_Flack                   ? 
_refine.ls_abs_structure_Flack_esd               ? 
_refine.ls_abs_structure_Rogers                  ? 
_refine.ls_abs_structure_Rogers_esd              ? 
_refine.ls_d_res_high                            2.148 
_refine.ls_d_res_low                             29.737 
_refine.ls_extinction_coef                       ? 
_refine.ls_extinction_coef_esd                   ? 
_refine.ls_extinction_expression                 ? 
_refine.ls_extinction_method                     ? 
_refine.ls_goodness_of_fit_all                   ? 
_refine.ls_goodness_of_fit_all_esd               ? 
_refine.ls_goodness_of_fit_obs                   ? 
_refine.ls_goodness_of_fit_obs_esd               ? 
_refine.ls_hydrogen_treatment                    ? 
_refine.ls_matrix_type                           ? 
_refine.ls_number_constraints                    ? 
_refine.ls_number_parameters                     ? 
_refine.ls_number_reflns_all                     ? 
_refine.ls_number_reflns_obs                     2848 
_refine.ls_number_reflns_R_free                  143 
_refine.ls_number_reflns_R_work                  ? 
_refine.ls_number_restraints                     ? 
_refine.ls_percent_reflns_obs                    99.27 
_refine.ls_percent_reflns_R_free                 5.02 
_refine.ls_R_factor_all                          ? 
_refine.ls_R_factor_obs                          0.1983 
_refine.ls_R_factor_R_free                       0.2421 
_refine.ls_R_factor_R_free_error                 ? 
_refine.ls_R_factor_R_free_error_details         ? 
_refine.ls_R_factor_R_work                       0.1957 
_refine.ls_R_Fsqd_factor_obs                     ? 
_refine.ls_R_I_factor_obs                        ? 
_refine.ls_redundancy_reflns_all                 ? 
_refine.ls_redundancy_reflns_obs                 ? 
_refine.ls_restrained_S_all                      ? 
_refine.ls_restrained_S_obs                      ? 
_refine.ls_shift_over_esd_max                    ? 
_refine.ls_shift_over_esd_mean                   ? 
_refine.ls_structure_factor_coef                 ? 
_refine.ls_weighting_details                     ? 
_refine.ls_weighting_scheme                      ? 
_refine.ls_wR_factor_all                         ? 
_refine.ls_wR_factor_obs                         ? 
_refine.ls_wR_factor_R_free                      ? 
_refine.ls_wR_factor_R_work                      ? 
_refine.occupancy_max                            ? 
_refine.occupancy_min                            ? 
_refine.solvent_model_details                    ? 
_refine.solvent_model_param_bsol                 ? 
_refine.solvent_model_param_ksol                 ? 
_refine.ls_R_factor_gt                           ? 
_refine.ls_goodness_of_fit_gt                    ? 
_refine.ls_goodness_of_fit_ref                   ? 
_refine.ls_shift_over_su_max                     ? 
_refine.ls_shift_over_su_max_lt                  ? 
_refine.ls_shift_over_su_mean                    ? 
_refine.ls_shift_over_su_mean_lt                 ? 
_refine.pdbx_ls_sigma_I                          ? 
_refine.pdbx_ls_sigma_F                          1.36 
_refine.pdbx_ls_sigma_Fsqd                       ? 
_refine.pdbx_data_cutoff_high_absF               ? 
_refine.pdbx_data_cutoff_high_rms_absF           ? 
_refine.pdbx_data_cutoff_low_absF                ? 
_refine.pdbx_isotropic_thermal_model             ? 
_refine.pdbx_ls_cross_valid_method               'FREE R-VALUE' 
_refine.pdbx_method_to_determine_struct          'MOLECULAR REPLACEMENT' 
_refine.pdbx_starting_model                      ? 
_refine.pdbx_stereochemistry_target_values       ? 
_refine.pdbx_R_Free_selection_details            ? 
_refine.pdbx_stereochem_target_val_spec_case     ? 
_refine.pdbx_overall_ESU_R                       ? 
_refine.pdbx_overall_ESU_R_Free                  ? 
_refine.pdbx_solvent_vdw_probe_radii             1.11 
_refine.pdbx_solvent_ion_probe_radii             ? 
_refine.pdbx_solvent_shrinkage_radii             0.90 
_refine.pdbx_real_space_R                        ? 
_refine.pdbx_density_correlation                 ? 
_refine.pdbx_pd_number_of_powder_patterns        ? 
_refine.pdbx_pd_number_of_points                 ? 
_refine.pdbx_pd_meas_number_of_points            ? 
_refine.pdbx_pd_proc_ls_prof_R_factor            ? 
_refine.pdbx_pd_proc_ls_prof_wR_factor           ? 
_refine.pdbx_pd_Marquardt_correlation_coeff      ? 
_refine.pdbx_pd_Fsqrd_R_factor                   ? 
_refine.pdbx_pd_ls_matrix_band_width             ? 
_refine.pdbx_overall_phase_error                 17.92 
_refine.pdbx_overall_SU_R_free_Cruickshank_DPI   ? 
_refine.pdbx_overall_SU_R_free_Blow_DPI          ? 
_refine.pdbx_overall_SU_R_Blow_DPI               ? 
_refine.pdbx_TLS_residual_ADP_flag               ? 
_refine.pdbx_diffrn_id                           1 
_refine.overall_SU_B                             ? 
_refine.overall_SU_ML                            0.22 
_refine.overall_SU_R_Cruickshank_DPI             ? 
_refine.overall_SU_R_free                        ? 
_refine.overall_FOM_free_R_set                   ? 
_refine.overall_FOM_work_R_set                   ? 
_refine.pdbx_average_fsc_overall                 ? 
_refine.pdbx_average_fsc_work                    ? 
_refine.pdbx_average_fsc_free                    ? 
# 
_refine_hist.pdbx_refine_id                   'X-RAY DIFFRACTION' 
_refine_hist.cycle_id                         LAST 
_refine_hist.pdbx_number_atoms_protein        515 
_refine_hist.pdbx_number_atoms_nucleic_acid   0 
_refine_hist.pdbx_number_atoms_ligand         0 
_refine_hist.number_atoms_solvent             84 
_refine_hist.number_atoms_total               599 
_refine_hist.d_res_high                       2.148 
_refine_hist.d_res_low                        29.737 
# 
loop_
_refine_ls_restr.pdbx_refine_id 
_refine_ls_restr.criterion 
_refine_ls_restr.dev_ideal 
_refine_ls_restr.dev_ideal_target 
_refine_ls_restr.number 
_refine_ls_restr.rejects 
_refine_ls_restr.type 
_refine_ls_restr.weight 
_refine_ls_restr.pdbx_restraint_function 
'X-RAY DIFFRACTION' ? 0.004 ? 561 ? f_bond_d           ? ? 
'X-RAY DIFFRACTION' ? 1.189 ? 785 ? f_angle_d          ? ? 
'X-RAY DIFFRACTION' ? 5.239 ? 362 ? f_dihedral_angle_d ? ? 
'X-RAY DIFFRACTION' ? 0.085 ? 73  ? f_chiral_restr     ? ? 
'X-RAY DIFFRACTION' ? 0.004 ? 114 ? f_plane_restr      ? ? 
# 
_refine_ls_shell.pdbx_refine_id                   'X-RAY DIFFRACTION' 
_refine_ls_shell.d_res_high                       2.148 
_refine_ls_shell.d_res_low                        2.19 
_refine_ls_shell.number_reflns_all                ? 
_refine_ls_shell.number_reflns_obs                ? 
_refine_ls_shell.number_reflns_R_free             143 
_refine_ls_shell.number_reflns_R_work             2705 
_refine_ls_shell.percent_reflns_obs               99.00 
_refine_ls_shell.percent_reflns_R_free            ? 
_refine_ls_shell.R_factor_all                     ? 
_refine_ls_shell.R_factor_obs                     ? 
_refine_ls_shell.R_factor_R_free                  0.2421 
_refine_ls_shell.R_factor_R_free_error            ? 
_refine_ls_shell.R_factor_R_work                  0.1957 
_refine_ls_shell.redundancy_reflns_all            ? 
_refine_ls_shell.redundancy_reflns_obs            ? 
_refine_ls_shell.wR_factor_all                    ? 
_refine_ls_shell.wR_factor_obs                    ? 
_refine_ls_shell.wR_factor_R_free                 ? 
_refine_ls_shell.wR_factor_R_work                 ? 
_refine_ls_shell.pdbx_total_number_of_bins_used   ? 
_refine_ls_shell.pdbx_phase_error                 ? 
_refine_ls_shell.pdbx_fsc_work                    ? 
_refine_ls_shell.pdbx_fsc_free                    ? 
# 
_struct.entry_id                     6JKL 
_struct.title                        'Structure of a triple-helix region of human collagen type II' 
_struct.pdbx_model_details           ? 
_struct.pdbx_formula_weight          ? 
_struct.pdbx_formula_weight_method   ? 
_struct.pdbx_model_type_details      ? 
_struct.pdbx_CASP_flag               N 
# 
_struct_keywords.entry_id        6JKL 
_struct_keywords.text            'collagen, STRUCTURAL PROTEIN' 
_struct_keywords.pdbx_keywords   'STRUCTURAL PROTEIN' 
# 
loop_
_struct_asym.id 
_struct_asym.pdbx_blank_PDB_chainid_flag 
_struct_asym.pdbx_modified 
_struct_asym.entity_id 
_struct_asym.details 
A N N 1 ? 
B N N 1 ? 
C N N 1 ? 
D N N 2 ? 
E N N 2 ? 
F N N 2 ? 
# 
_struct_ref.id                         1 
_struct_ref.db_name                    PDB 
_struct_ref.db_code                    6JKL 
_struct_ref.pdbx_db_accession          6JKL 
_struct_ref.pdbx_db_isoform            ? 
_struct_ref.entity_id                  1 
_struct_ref.pdbx_seq_one_letter_code   ? 
_struct_ref.pdbx_align_begin           1 
# 
loop_
_struct_ref_seq.align_id 
_struct_ref_seq.ref_id 
_struct_ref_seq.pdbx_PDB_id_code 
_struct_ref_seq.pdbx_strand_id 
_struct_ref_seq.seq_align_beg 
_struct_ref_seq.pdbx_seq_align_beg_ins_code 
_struct_ref_seq.seq_align_end 
_struct_ref_seq.pdbx_seq_align_end_ins_code 
_struct_ref_seq.pdbx_db_accession 
_struct_ref_seq.db_align_beg 
_struct_ref_seq.pdbx_db_align_beg_ins_code 
_struct_ref_seq.db_align_end 
_struct_ref_seq.pdbx_db_align_end_ins_code 
_struct_ref_seq.pdbx_auth_seq_align_beg 
_struct_ref_seq.pdbx_auth_seq_align_end 
1 1 6JKL A 1 ? 29 ? 6JKL 0 ? 28 ? 0 28 
2 1 6JKL B 1 ? 29 ? 6JKL 0 ? 28 ? 0 28 
3 1 6JKL C 1 ? 29 ? 6JKL 0 ? 28 ? 0 28 
# 
_pdbx_struct_assembly.id                   1 
_pdbx_struct_assembly.details              author_and_software_defined_assembly 
_pdbx_struct_assembly.method_details       PISA 
_pdbx_struct_assembly.oligomeric_details   trimeric 
_pdbx_struct_assembly.oligomeric_count     3 
# 
loop_
_pdbx_struct_assembly_prop.biol_id 
_pdbx_struct_assembly_prop.type 
_pdbx_struct_assembly_prop.value 
_pdbx_struct_assembly_prop.details 
1 'ABSA (A^2)' 4990 ? 
1 MORE         -23  ? 
1 'SSA (A^2)'  4880 ? 
# 
_pdbx_struct_assembly_gen.assembly_id       1 
_pdbx_struct_assembly_gen.oper_expression   1 
_pdbx_struct_assembly_gen.asym_id_list      A,B,C,D,E,F 
# 
_pdbx_struct_assembly_auth_evidence.id                     1 
_pdbx_struct_assembly_auth_evidence.assembly_id            1 
_pdbx_struct_assembly_auth_evidence.experimental_support   'gel filtration' 
_pdbx_struct_assembly_auth_evidence.details                ? 
# 
_pdbx_struct_oper_list.id                   1 
_pdbx_struct_oper_list.type                 'identity operation' 
_pdbx_struct_oper_list.name                 1_555 
_pdbx_struct_oper_list.symmetry_operation   x,y,z 
_pdbx_struct_oper_list.matrix[1][1]         1.0000000000 
_pdbx_struct_oper_list.matrix[1][2]         0.0000000000 
_pdbx_struct_oper_list.matrix[1][3]         0.0000000000 
_pdbx_struct_oper_list.vector[1]            0.0000000000 
_pdbx_struct_oper_list.matrix[2][1]         0.0000000000 
_pdbx_struct_oper_list.matrix[2][2]         1.0000000000 
_pdbx_struct_oper_list.matrix[2][3]         0.0000000000 
_pdbx_struct_oper_list.vector[2]            0.0000000000 
_pdbx_struct_oper_list.matrix[3][1]         0.0000000000 
_pdbx_struct_oper_list.matrix[3][2]         0.0000000000 
_pdbx_struct_oper_list.matrix[3][3]         1.0000000000 
_pdbx_struct_oper_list.vector[3]            0.0000000000 
# 
loop_
_struct_conn.id 
_struct_conn.conn_type_id 
_struct_conn.pdbx_leaving_atom_flag 
_struct_conn.pdbx_PDB_id 
_struct_conn.ptnr1_label_asym_id 
_struct_conn.ptnr1_label_comp_id 
_struct_conn.ptnr1_label_seq_id 
_struct_conn.ptnr1_label_atom_id 
_struct_conn.pdbx_ptnr1_label_alt_id 
_struct_conn.pdbx_ptnr1_PDB_ins_code 
_struct_conn.pdbx_ptnr1_standard_comp_id 
_struct_conn.ptnr1_symmetry 
_struct_conn.ptnr2_label_asym_id 
_struct_conn.ptnr2_label_comp_id 
_struct_conn.ptnr2_label_seq_id 
_struct_conn.ptnr2_label_atom_id 
_struct_conn.pdbx_ptnr2_label_alt_id 
_struct_conn.pdbx_ptnr2_PDB_ins_code 
_struct_conn.ptnr1_auth_asym_id 
_struct_conn.ptnr1_auth_comp_id 
_struct_conn.ptnr1_auth_seq_id 
_struct_conn.ptnr2_auth_asym_id 
_struct_conn.ptnr2_auth_comp_id 
_struct_conn.ptnr2_auth_seq_id 
_struct_conn.ptnr2_symmetry 
_struct_conn.pdbx_ptnr3_label_atom_id 
_struct_conn.pdbx_ptnr3_label_seq_id 
_struct_conn.pdbx_ptnr3_label_comp_id 
_struct_conn.pdbx_ptnr3_label_asym_id 
_struct_conn.pdbx_ptnr3_label_alt_id 
_struct_conn.pdbx_ptnr3_PDB_ins_code 
_struct_conn.details 
_struct_conn.pdbx_dist_value 
_struct_conn.pdbx_value_order 
_struct_conn.pdbx_role 
covale1  covale both ? A PRO 2  C ? ? ? 1_555 A HYP 3  N ? ? A PRO 1  A HYP 2  1_555 ? ? ? ? ? ? ? 1.322 ? ? 
covale2  covale both ? A HYP 3  C ? ? ? 1_555 A GLY 4  N ? ? A HYP 2  A GLY 3  1_555 ? ? ? ? ? ? ? 1.327 ? ? 
covale3  covale both ? A PRO 5  C ? ? ? 1_555 A HYP 6  N ? ? A PRO 4  A HYP 5  1_555 ? ? ? ? ? ? ? 1.327 ? ? 
covale4  covale both ? A HYP 6  C ? ? ? 1_555 A GLY 7  N ? ? A HYP 5  A GLY 6  1_555 ? ? ? ? ? ? ? 1.327 ? ? 
covale5  covale both ? A PRO 8  C ? ? ? 1_555 A HYP 9  N ? ? A PRO 7  A HYP 8  1_555 ? ? ? ? ? ? ? 1.328 ? ? 
covale6  covale both ? A HYP 9  C ? ? ? 1_555 A GLY 10 N ? ? A HYP 8  A GLY 9  1_555 ? ? ? ? ? ? ? 1.328 ? ? 
covale7  covale both ? A PRO 20 C ? ? ? 1_555 A HYP 21 N ? ? A PRO 19 A HYP 20 1_555 ? ? ? ? ? ? ? 1.328 ? ? 
covale8  covale both ? A HYP 21 C ? ? ? 1_555 A GLY 22 N ? ? A HYP 20 A GLY 21 1_555 ? ? ? ? ? ? ? 1.327 ? ? 
covale9  covale both ? A PRO 23 C ? ? ? 1_555 A HYP 24 N ? ? A PRO 22 A HYP 23 1_555 ? ? ? ? ? ? ? 1.327 ? ? 
covale10 covale both ? A HYP 24 C ? ? ? 1_555 A GLY 25 N ? ? A HYP 23 A GLY 24 1_555 ? ? ? ? ? ? ? 1.328 ? ? 
covale11 covale both ? A PRO 26 C ? ? ? 1_555 A HYP 27 N ? ? A PRO 25 A HYP 26 1_555 ? ? ? ? ? ? ? 1.327 ? ? 
covale12 covale both ? A HYP 27 C ? ? ? 1_555 A GLY 28 N ? ? A HYP 26 A GLY 27 1_555 ? ? ? ? ? ? ? 1.329 ? ? 
covale13 covale both ? A GLY 28 C ? ? ? 1_555 A NH2 29 N ? ? A GLY 27 A NH2 28 1_555 ? ? ? ? ? ? ? 1.329 ? ? 
covale14 covale both ? B ACE 1  C ? ? ? 1_555 B PRO 2  N ? ? B ACE 0  B PRO 1  1_555 ? ? ? ? ? ? ? 1.341 ? ? 
covale15 covale both ? B PRO 2  C ? ? ? 1_555 B HYP 3  N ? ? B PRO 1  B HYP 2  1_555 ? ? ? ? ? ? ? 1.328 ? ? 
covale16 covale both ? B HYP 3  C ? ? ? 1_555 B GLY 4  N ? ? B HYP 2  B GLY 3  1_555 ? ? ? ? ? ? ? 1.329 ? ? 
covale17 covale both ? B PRO 5  C ? ? ? 1_555 B HYP 6  N ? ? B PRO 4  B HYP 5  1_555 ? ? ? ? ? ? ? 1.327 ? ? 
covale18 covale both ? B HYP 6  C ? ? ? 1_555 B GLY 7  N ? ? B HYP 5  B GLY 6  1_555 ? ? ? ? ? ? ? 1.327 ? ? 
covale19 covale both ? B PRO 8  C ? ? ? 1_555 B HYP 9  N ? ? B PRO 7  B HYP 8  1_555 ? ? ? ? ? ? ? 1.327 ? ? 
covale20 covale both ? B HYP 9  C ? ? ? 1_555 B GLY 10 N ? ? B HYP 8  B GLY 9  1_555 ? ? ? ? ? ? ? 1.326 ? ? 
covale21 covale both ? B PRO 20 C ? ? ? 1_555 B HYP 21 N ? ? B PRO 19 B HYP 20 1_555 ? ? ? ? ? ? ? 1.329 ? ? 
covale22 covale both ? B HYP 21 C ? ? ? 1_555 B GLY 22 N ? ? B HYP 20 B GLY 21 1_555 ? ? ? ? ? ? ? 1.328 ? ? 
covale23 covale both ? B PRO 23 C ? ? ? 1_555 B HYP 24 N ? ? B PRO 22 B HYP 23 1_555 ? ? ? ? ? ? ? 1.327 ? ? 
covale24 covale both ? B HYP 24 C ? ? ? 1_555 B GLY 25 N ? ? B HYP 23 B GLY 24 1_555 ? ? ? ? ? ? ? 1.328 ? ? 
covale25 covale both ? B PRO 26 C ? ? ? 1_555 B HYP 27 N ? ? B PRO 25 B HYP 26 1_555 ? ? ? ? ? ? ? 1.327 ? ? 
covale26 covale both ? B HYP 27 C ? ? ? 1_555 B GLY 28 N ? ? B HYP 26 B GLY 27 1_555 ? ? ? ? ? ? ? 1.330 ? ? 
covale27 covale both ? C ACE 1  C ? ? ? 1_555 C PRO 2  N ? ? C ACE 0  C PRO 1  1_555 ? ? ? ? ? ? ? 1.342 ? ? 
covale28 covale both ? C PRO 2  C ? ? ? 1_555 C HYP 3  N ? ? C PRO 1  C HYP 2  1_555 ? ? ? ? ? ? ? 1.325 ? ? 
covale29 covale both ? C HYP 3  C ? ? ? 1_555 C GLY 4  N ? ? C HYP 2  C GLY 3  1_555 ? ? ? ? ? ? ? 1.327 ? ? 
covale30 covale both ? C PRO 5  C ? ? ? 1_555 C HYP 6  N ? ? C PRO 4  C HYP 5  1_555 ? ? ? ? ? ? ? 1.329 ? ? 
covale31 covale both ? C HYP 6  C ? ? ? 1_555 C GLY 7  N ? ? C HYP 5  C GLY 6  1_555 ? ? ? ? ? ? ? 1.329 ? ? 
covale32 covale both ? C PRO 8  C ? ? ? 1_555 C HYP 9  N ? ? C PRO 7  C HYP 8  1_555 ? ? ? ? ? ? ? 1.330 ? ? 
covale33 covale both ? C HYP 9  C ? ? ? 1_555 C GLY 10 N ? ? C HYP 8  C GLY 9  1_555 ? ? ? ? ? ? ? 1.328 ? ? 
covale34 covale both ? C PRO 20 C ? ? ? 1_555 C HYP 21 N ? ? C PRO 19 C HYP 20 1_555 ? ? ? ? ? ? ? 1.329 ? ? 
covale35 covale both ? C HYP 21 C ? ? ? 1_555 C GLY 22 N ? ? C HYP 20 C GLY 21 1_555 ? ? ? ? ? ? ? 1.328 ? ? 
covale36 covale both ? C PRO 23 C ? ? ? 1_555 C HYP 24 N ? ? C PRO 22 C HYP 23 1_555 ? ? ? ? ? ? ? 1.328 ? ? 
covale37 covale both ? C HYP 24 C ? ? ? 1_555 C GLY 25 N ? ? C HYP 23 C GLY 24 1_555 ? ? ? ? ? ? ? 1.327 ? ? 
covale38 covale both ? C PRO 26 C ? ? ? 1_555 C HYP 27 N ? ? C PRO 25 C HYP 26 1_555 ? ? ? ? ? ? ? 1.324 ? ? 
covale39 covale both ? C HYP 27 C ? ? ? 1_555 C GLY 28 N ? ? C HYP 26 C GLY 27 1_555 ? ? ? ? ? ? ? 1.328 ? ? 
covale40 covale both ? C GLY 28 C ? ? ? 1_555 C NH2 29 N ? ? C GLY 27 C NH2 28 1_555 ? ? ? ? ? ? ? 1.330 ? ? 
# 
_struct_conn_type.id          covale 
_struct_conn_type.criteria    ? 
_struct_conn_type.reference   ? 
# 
loop_
_pdbx_modification_feature.ordinal 
_pdbx_modification_feature.label_comp_id 
_pdbx_modification_feature.label_asym_id 
_pdbx_modification_feature.label_seq_id 
_pdbx_modification_feature.label_alt_id 
_pdbx_modification_feature.modified_residue_label_comp_id 
_pdbx_modification_feature.modified_residue_label_asym_id 
_pdbx_modification_feature.modified_residue_label_seq_id 
_pdbx_modification_feature.modified_residue_label_alt_id 
_pdbx_modification_feature.auth_comp_id 
_pdbx_modification_feature.auth_asym_id 
_pdbx_modification_feature.auth_seq_id 
_pdbx_modification_feature.PDB_ins_code 
_pdbx_modification_feature.symmetry 
_pdbx_modification_feature.modified_residue_auth_comp_id 
_pdbx_modification_feature.modified_residue_auth_asym_id 
_pdbx_modification_feature.modified_residue_auth_seq_id 
_pdbx_modification_feature.modified_residue_PDB_ins_code 
_pdbx_modification_feature.modified_residue_symmetry 
_pdbx_modification_feature.comp_id_linking_atom 
_pdbx_modification_feature.modified_residue_id_linking_atom 
_pdbx_modification_feature.modified_residue_id 
_pdbx_modification_feature.ref_pcm_id 
_pdbx_modification_feature.ref_comp_id 
_pdbx_modification_feature.type 
_pdbx_modification_feature.category 
1  HYP A 3  ? .   . .  . HYP A 2  ? 1_555 .   . .  . .     . . PRO 1  HYP Hydroxylation 'Named protein modification' 
2  HYP A 6  ? .   . .  . HYP A 5  ? 1_555 .   . .  . .     . . PRO 1  HYP Hydroxylation 'Named protein modification' 
3  HYP A 9  ? .   . .  . HYP A 8  ? 1_555 .   . .  . .     . . PRO 1  HYP Hydroxylation 'Named protein modification' 
4  HYP A 21 ? .   . .  . HYP A 20 ? 1_555 .   . .  . .     . . PRO 1  HYP Hydroxylation 'Named protein modification' 
5  HYP A 24 ? .   . .  . HYP A 23 ? 1_555 .   . .  . .     . . PRO 1  HYP Hydroxylation 'Named protein modification' 
6  HYP A 27 ? .   . .  . HYP A 26 ? 1_555 .   . .  . .     . . PRO 1  HYP Hydroxylation 'Named protein modification' 
7  HYP B 3  ? .   . .  . HYP B 2  ? 1_555 .   . .  . .     . . PRO 1  HYP Hydroxylation 'Named protein modification' 
8  HYP B 6  ? .   . .  . HYP B 5  ? 1_555 .   . .  . .     . . PRO 1  HYP Hydroxylation 'Named protein modification' 
9  HYP B 9  ? .   . .  . HYP B 8  ? 1_555 .   . .  . .     . . PRO 1  HYP Hydroxylation 'Named protein modification' 
10 HYP B 21 ? .   . .  . HYP B 20 ? 1_555 .   . .  . .     . . PRO 1  HYP Hydroxylation 'Named protein modification' 
11 HYP B 24 ? .   . .  . HYP B 23 ? 1_555 .   . .  . .     . . PRO 1  HYP Hydroxylation 'Named protein modification' 
12 HYP B 27 ? .   . .  . HYP B 26 ? 1_555 .   . .  . .     . . PRO 1  HYP Hydroxylation 'Named protein modification' 
13 HYP C 3  ? .   . .  . HYP C 2  ? 1_555 .   . .  . .     . . PRO 1  HYP Hydroxylation 'Named protein modification' 
14 HYP C 6  ? .   . .  . HYP C 5  ? 1_555 .   . .  . .     . . PRO 1  HYP Hydroxylation 'Named protein modification' 
15 HYP C 9  ? .   . .  . HYP C 8  ? 1_555 .   . .  . .     . . PRO 1  HYP Hydroxylation 'Named protein modification' 
16 HYP C 21 ? .   . .  . HYP C 20 ? 1_555 .   . .  . .     . . PRO 1  HYP Hydroxylation 'Named protein modification' 
17 HYP C 24 ? .   . .  . HYP C 23 ? 1_555 .   . .  . .     . . PRO 1  HYP Hydroxylation 'Named protein modification' 
18 HYP C 27 ? .   . .  . HYP C 26 ? 1_555 .   . .  . .     . . PRO 1  HYP Hydroxylation 'Named protein modification' 
19 ACE B 1  ? PRO B 2  ? ACE B 0  ? 1_555 PRO B 1  ? 1_555 . . PRO 13 ACE None          'Terminal acetylation'       
20 ACE C 1  ? PRO C 2  ? ACE C 0  ? 1_555 PRO C 1  ? 1_555 . . PRO 13 ACE None          'Terminal acetylation'       
21 NH2 A 29 ? GLY A 28 ? NH2 A 28 ? 1_555 GLY A 27 ? 1_555 . . GLY 12 NH2 None          'Terminal amidation'         
22 NH2 C 29 ? GLY C 28 ? NH2 C 28 ? 1_555 GLY C 27 ? 1_555 . . GLY 12 NH2 None          'Terminal amidation'         
# 
_pdbx_entry_details.entry_id                   6JKL 
_pdbx_entry_details.compound_details           ? 
_pdbx_entry_details.source_details             ? 
_pdbx_entry_details.nonpolymer_details         ? 
_pdbx_entry_details.sequence_details           ? 
_pdbx_entry_details.has_ligand_of_interest     ? 
_pdbx_entry_details.has_protein_modification   Y 
# 
loop_
_pdbx_validate_close_contact.id 
_pdbx_validate_close_contact.PDB_model_num 
_pdbx_validate_close_contact.auth_atom_id_1 
_pdbx_validate_close_contact.auth_asym_id_1 
_pdbx_validate_close_contact.auth_comp_id_1 
_pdbx_validate_close_contact.auth_seq_id_1 
_pdbx_validate_close_contact.PDB_ins_code_1 
_pdbx_validate_close_contact.label_alt_id_1 
_pdbx_validate_close_contact.auth_atom_id_2 
_pdbx_validate_close_contact.auth_asym_id_2 
_pdbx_validate_close_contact.auth_comp_id_2 
_pdbx_validate_close_contact.auth_seq_id_2 
_pdbx_validate_close_contact.PDB_ins_code_2 
_pdbx_validate_close_contact.label_alt_id_2 
_pdbx_validate_close_contact.dist 
1 1 O   C HOH 112 ? ? O C HOH 121 ? ? 2.09 
2 1 OD1 B HYP 23  ? ? O B HOH 101 ? ? 2.17 
# 
loop_
_pdbx_validate_symm_contact.id 
_pdbx_validate_symm_contact.PDB_model_num 
_pdbx_validate_symm_contact.auth_atom_id_1 
_pdbx_validate_symm_contact.auth_asym_id_1 
_pdbx_validate_symm_contact.auth_comp_id_1 
_pdbx_validate_symm_contact.auth_seq_id_1 
_pdbx_validate_symm_contact.PDB_ins_code_1 
_pdbx_validate_symm_contact.label_alt_id_1 
_pdbx_validate_symm_contact.site_symmetry_1 
_pdbx_validate_symm_contact.auth_atom_id_2 
_pdbx_validate_symm_contact.auth_asym_id_2 
_pdbx_validate_symm_contact.auth_comp_id_2 
_pdbx_validate_symm_contact.auth_seq_id_2 
_pdbx_validate_symm_contact.PDB_ins_code_2 
_pdbx_validate_symm_contact.label_alt_id_2 
_pdbx_validate_symm_contact.site_symmetry_2 
_pdbx_validate_symm_contact.dist 
1 1 O   A HOH 128 ? ? 1_555 O C HOH 123 ? ? 1_565 2.11 
2 1 OD1 A HYP 2   ? ? 1_555 O B GLU 17  ? A 4_556 2.16 
3 1 OD1 C HYP 8   ? ? 1_555 O C ASP 11  ? ? 4_556 2.19 
# 
loop_
_pdbx_refine_tls.pdbx_refine_id 
_pdbx_refine_tls.id 
_pdbx_refine_tls.details 
_pdbx_refine_tls.method 
_pdbx_refine_tls.origin_x 
_pdbx_refine_tls.origin_y 
_pdbx_refine_tls.origin_z 
_pdbx_refine_tls.T[1][1] 
_pdbx_refine_tls.T[2][2] 
_pdbx_refine_tls.T[3][3] 
_pdbx_refine_tls.T[1][2] 
_pdbx_refine_tls.T[1][3] 
_pdbx_refine_tls.T[2][3] 
_pdbx_refine_tls.L[1][1] 
_pdbx_refine_tls.L[2][2] 
_pdbx_refine_tls.L[3][3] 
_pdbx_refine_tls.L[1][2] 
_pdbx_refine_tls.L[1][3] 
_pdbx_refine_tls.L[2][3] 
_pdbx_refine_tls.S[1][1] 
_pdbx_refine_tls.S[1][2] 
_pdbx_refine_tls.S[1][3] 
_pdbx_refine_tls.S[2][1] 
_pdbx_refine_tls.S[2][2] 
_pdbx_refine_tls.S[2][3] 
_pdbx_refine_tls.S[3][1] 
_pdbx_refine_tls.S[3][2] 
_pdbx_refine_tls.S[3][3] 
'X-RAY DIFFRACTION' 1  ? refined -8.9487 -24.9813 -17.7089 0.2274  0.2099 0.2023 -0.0408 0.0756  0.0130  0.8723 3.0127 1.4193 -0.9614 0.5364  -1.9625 -0.0487 0.2660  -0.1105 -0.5796 0.0171  0.0105  0.3651  0.4132  -0.1494 
'X-RAY DIFFRACTION' 2  ? refined -4.6327 -9.9565  -3.9484  0.3152  0.2359 0.2113 -0.0762 0.0187  -0.0522 2.9385 0.9104 0.7658 1.2236  1.3507  0.3222  -0.4809 0.3685  0.0527  0.1863  -0.1860 0.3107  -0.0001 -0.6886 -0.0494 
'X-RAY DIFFRACTION' 3  ? refined 1.1843  1.5830   4.0922   0.0830  0.2109 0.1575 -0.0013 0.0152  -0.0089 1.5485 0.6169 6.1068 0.3472  1.2396  -1.3093 0.1414  -0.5818 -0.0357 0.1885  -0.4451 0.0220  0.5204  -0.2275 0.0849  
'X-RAY DIFFRACTION' 4  ? refined 6.4132  16.7682  8.2503   0.0930  0.1699 0.1668 -0.0288 0.0032  0.0012  0.9171 1.3728 0.7502 0.6553  0.8314  0.5753  -0.1333 0.2749  0.0443  -0.0475 0.4320  -0.2999 -0.0804 0.3670  -0.0022 
'X-RAY DIFFRACTION' 5  ? refined 7.4761  28.7887  17.5609  0.4225  0.1195 0.3024 0.0052  -0.1500 -0.0189 2.5402 7.0543 1.5233 0.6546  4.9265  7.6338  -0.7184 -0.4338 0.7150  0.6126  0.5243  0.1241  -0.9829 0.8730  0.1604  
'X-RAY DIFFRACTION' 6  ? refined -7.3151 -24.5215 -11.6718 0.1709  0.1905 0.2592 -0.0187 0.0318  -0.0161 0.6758 0.7963 1.3582 0.0240  0.0678  -1.0202 0.1877  -0.2749 -0.0888 0.3355  0.0456  0.3885  0.2228  -0.1491 0.2177  
'X-RAY DIFFRACTION' 7  ? refined 0.6221  -9.0714  -5.1943  0.2804  0.1984 0.1878 -0.0832 -0.0087 -0.0055 1.1907 5.5009 0.1072 -1.1458 -0.0094 -0.6750 -0.0663 -0.1136 -0.0340 0.2071  0.3566  -1.1437 -0.5599 0.4055  0.3820  
'X-RAY DIFFRACTION' 8  ? refined 2.3824  13.9087  6.5485   0.2050  0.1517 0.1057 -0.0334 0.0030  0.0231  0.5333 0.2155 0.4309 0.3104  -0.0704 -0.0793 0.0610  -0.0326 0.0928  -0.0971 -0.0667 -0.2096 -0.0578 -0.2666 0.1341  
'X-RAY DIFFRACTION' 9  ? refined 8.7065  27.1080  22.4792  0.4913  0.0507 0.1849 0.2405  0.0415  -0.0062 0.6219 1.1795 0.0159 -0.2129 -0.0786 -0.0493 0.0018  -0.0013 0.4270  0.1048  -0.0144 -0.4705 -0.1536 -0.0474 -0.0571 
'X-RAY DIFFRACTION' 10 ? refined -4.4519 -26.0494 -16.1407 0.2080  0.1296 0.1186 0.0011  0.0034  0.0364  2.8463 1.1679 1.3598 -1.5796 -1.3810 0.7458  -0.3215 -0.3827 -0.3704 0.2359  0.2968  0.0111  0.1030  0.1697  -0.2519 
'X-RAY DIFFRACTION' 11 ? refined -3.3001 -8.6539  -9.8789  0.3824  0.2593 0.2210 0.0408  -0.0889 -0.0614 2.9204 1.1114 3.2479 1.7018  1.1373  1.2454  0.0063  0.8108  -0.0633 -0.4982 0.1399  -0.6781 0.0805  0.4484  0.1104  
'X-RAY DIFFRACTION' 12 ? refined -3.1440 3.8132   2.5457   -0.0004 0.2132 0.1185 0.0029  0.0218  0.0567  1.1354 0.6836 0.8077 0.6837  -0.5368 0.0628  0.1614  0.0537  0.2912  -0.0592 -0.1257 0.0407  -0.1088 -0.0727 0.1004  
'X-RAY DIFFRACTION' 13 ? refined 5.4772  14.9332  12.2100  0.0688  0.1564 0.1094 0.0270  0.0084  -0.0003 0.1478 1.3029 0.3168 0.4248  -0.1927 -0.6365 0.1211  0.0947  0.2068  0.3524  -0.0485 0.1586  -0.1468 0.1036  -0.0738 
'X-RAY DIFFRACTION' 14 ? refined 12.0516 26.4953  17.2948  0.2227  0.2200 0.2686 -0.1163 -0.0294 -0.0216 4.2319 3.0518 1.3184 -0.2320 -0.1977 0.2561  -0.0345 -0.0850 1.0858  0.3131  0.1699  0.1295  0.1651  0.0805  -0.0652  
# 
loop_
_pdbx_refine_tls_group.pdbx_refine_id 
_pdbx_refine_tls_group.id 
_pdbx_refine_tls_group.refine_tls_id 
_pdbx_refine_tls_group.beg_auth_asym_id 
_pdbx_refine_tls_group.beg_auth_seq_id 
_pdbx_refine_tls_group.beg_label_asym_id 
_pdbx_refine_tls_group.beg_label_seq_id 
_pdbx_refine_tls_group.end_auth_asym_id 
_pdbx_refine_tls_group.end_auth_seq_id 
_pdbx_refine_tls_group.end_label_asym_id 
_pdbx_refine_tls_group.end_label_seq_id 
_pdbx_refine_tls_group.selection 
_pdbx_refine_tls_group.selection_details 
'X-RAY DIFFRACTION' 1  1  ? ? ? ? ? ? ? ? ? 
;chain 'A' and (resid 1 through 7 )
;
'X-RAY DIFFRACTION' 2  2  ? ? ? ? ? ? ? ? ? 
;chain 'A' and (resid 9 through 13 )
;
'X-RAY DIFFRACTION' 3  3  ? ? ? ? ? ? ? ? ? 
;chain 'A' and (resid 14 through 18 )
;
'X-RAY DIFFRACTION' 4  4  ? ? ? ? ? ? ? ? ? 
;chain 'A' and (resid 19 through 25 )
;
'X-RAY DIFFRACTION' 5  5  ? ? ? ? ? ? ? ? ? 
;chain 'A' and (resid 27 through 28 )
;
'X-RAY DIFFRACTION' 6  6  ? ? ? ? ? ? ? ? ? 
;chain 'B' and (resid 0 through 6 )
;
'X-RAY DIFFRACTION' 7  7  ? ? ? ? ? ? ? ? ? 
;chain 'B' and (resid 7 through 12 )
;
'X-RAY DIFFRACTION' 8  8  ? ? ? ? ? ? ? ? ? 
;chain 'B' and (resid 13 through 24 )
;
'X-RAY DIFFRACTION' 9  9  ? ? ? ? ? ? ? ? ? 
;chain 'B' and (resid 25 through 27 )
;
'X-RAY DIFFRACTION' 10 10 ? ? ? ? ? ? ? ? ? 
;chain 'C' and (resid 0 through 6 )
;
'X-RAY DIFFRACTION' 11 11 ? ? ? ? ? ? ? ? ? 
;chain 'C' and (resid 7 through 12 )
;
'X-RAY DIFFRACTION' 12 12 ? ? ? ? ? ? ? ? ? 
;chain 'C' and (resid 13 through 17 )
;
'X-RAY DIFFRACTION' 13 13 ? ? ? ? ? ? ? ? ? 
;chain 'C' and (resid 18 through 24 )
;
'X-RAY DIFFRACTION' 14 14 ? ? ? ? ? ? ? ? ? 
;chain 'C' and (resid 25 through 28 )
;
# 
loop_
_pdbx_unobs_or_zero_occ_residues.id 
_pdbx_unobs_or_zero_occ_residues.PDB_model_num 
_pdbx_unobs_or_zero_occ_residues.polymer_flag 
_pdbx_unobs_or_zero_occ_residues.occupancy_flag 
_pdbx_unobs_or_zero_occ_residues.auth_asym_id 
_pdbx_unobs_or_zero_occ_residues.auth_comp_id 
_pdbx_unobs_or_zero_occ_residues.auth_seq_id 
_pdbx_unobs_or_zero_occ_residues.PDB_ins_code 
_pdbx_unobs_or_zero_occ_residues.label_asym_id 
_pdbx_unobs_or_zero_occ_residues.label_comp_id 
_pdbx_unobs_or_zero_occ_residues.label_seq_id 
1 1 Y 1 A ACE 0  ? A ACE 1  
2 1 Y 1 B NH2 28 ? B NH2 29 
# 
loop_
_chem_comp_atom.comp_id 
_chem_comp_atom.atom_id 
_chem_comp_atom.type_symbol 
_chem_comp_atom.pdbx_aromatic_flag 
_chem_comp_atom.pdbx_stereo_config 
_chem_comp_atom.pdbx_ordinal 
ACE C    C N N 1   
ACE O    O N N 2   
ACE CH3  C N N 3   
ACE H    H N N 4   
ACE H1   H N N 5   
ACE H2   H N N 6   
ACE H3   H N N 7   
ALA N    N N N 8   
ALA CA   C N S 9   
ALA C    C N N 10  
ALA O    O N N 11  
ALA CB   C N N 12  
ALA OXT  O N N 13  
ALA H    H N N 14  
ALA H2   H N N 15  
ALA HA   H N N 16  
ALA HB1  H N N 17  
ALA HB2  H N N 18  
ALA HB3  H N N 19  
ALA HXT  H N N 20  
ASP N    N N N 21  
ASP CA   C N S 22  
ASP C    C N N 23  
ASP O    O N N 24  
ASP CB   C N N 25  
ASP CG   C N N 26  
ASP OD1  O N N 27  
ASP OD2  O N N 28  
ASP OXT  O N N 29  
ASP H    H N N 30  
ASP H2   H N N 31  
ASP HA   H N N 32  
ASP HB2  H N N 33  
ASP HB3  H N N 34  
ASP HD2  H N N 35  
ASP HXT  H N N 36  
GLU N    N N N 37  
GLU CA   C N S 38  
GLU C    C N N 39  
GLU O    O N N 40  
GLU CB   C N N 41  
GLU CG   C N N 42  
GLU CD   C N N 43  
GLU OE1  O N N 44  
GLU OE2  O N N 45  
GLU OXT  O N N 46  
GLU H    H N N 47  
GLU H2   H N N 48  
GLU HA   H N N 49  
GLU HB2  H N N 50  
GLU HB3  H N N 51  
GLU HG2  H N N 52  
GLU HG3  H N N 53  
GLU HE2  H N N 54  
GLU HXT  H N N 55  
GLY N    N N N 56  
GLY CA   C N N 57  
GLY C    C N N 58  
GLY O    O N N 59  
GLY OXT  O N N 60  
GLY H    H N N 61  
GLY H2   H N N 62  
GLY HA2  H N N 63  
GLY HA3  H N N 64  
GLY HXT  H N N 65  
HOH O    O N N 66  
HOH H1   H N N 67  
HOH H2   H N N 68  
HYP N    N N N 69  
HYP CA   C N S 70  
HYP C    C N N 71  
HYP O    O N N 72  
HYP CB   C N N 73  
HYP CG   C N R 74  
HYP CD   C N N 75  
HYP OD1  O N N 76  
HYP OXT  O N N 77  
HYP H    H N N 78  
HYP HA   H N N 79  
HYP HB2  H N N 80  
HYP HB3  H N N 81  
HYP HG   H N N 82  
HYP HD22 H N N 83  
HYP HD23 H N N 84  
HYP HD1  H N N 85  
HYP HXT  H N N 86  
NH2 N    N N N 87  
NH2 HN1  H N N 88  
NH2 HN2  H N N 89  
PRO N    N N N 90  
PRO CA   C N S 91  
PRO C    C N N 92  
PRO O    O N N 93  
PRO CB   C N N 94  
PRO CG   C N N 95  
PRO CD   C N N 96  
PRO OXT  O N N 97  
PRO H    H N N 98  
PRO HA   H N N 99  
PRO HB2  H N N 100 
PRO HB3  H N N 101 
PRO HG2  H N N 102 
PRO HG3  H N N 103 
PRO HD2  H N N 104 
PRO HD3  H N N 105 
PRO HXT  H N N 106 
SER N    N N N 107 
SER CA   C N S 108 
SER C    C N N 109 
SER O    O N N 110 
SER CB   C N N 111 
SER OG   O N N 112 
SER OXT  O N N 113 
SER H    H N N 114 
SER H2   H N N 115 
SER HA   H N N 116 
SER HB2  H N N 117 
SER HB3  H N N 118 
SER HG   H N N 119 
SER HXT  H N N 120 
# 
loop_
_chem_comp_bond.comp_id 
_chem_comp_bond.atom_id_1 
_chem_comp_bond.atom_id_2 
_chem_comp_bond.value_order 
_chem_comp_bond.pdbx_aromatic_flag 
_chem_comp_bond.pdbx_stereo_config 
_chem_comp_bond.pdbx_ordinal 
ACE C   O    doub N N 1   
ACE C   CH3  sing N N 2   
ACE C   H    sing N N 3   
ACE CH3 H1   sing N N 4   
ACE CH3 H2   sing N N 5   
ACE CH3 H3   sing N N 6   
ALA N   CA   sing N N 7   
ALA N   H    sing N N 8   
ALA N   H2   sing N N 9   
ALA CA  C    sing N N 10  
ALA CA  CB   sing N N 11  
ALA CA  HA   sing N N 12  
ALA C   O    doub N N 13  
ALA C   OXT  sing N N 14  
ALA CB  HB1  sing N N 15  
ALA CB  HB2  sing N N 16  
ALA CB  HB3  sing N N 17  
ALA OXT HXT  sing N N 18  
ASP N   CA   sing N N 19  
ASP N   H    sing N N 20  
ASP N   H2   sing N N 21  
ASP CA  C    sing N N 22  
ASP CA  CB   sing N N 23  
ASP CA  HA   sing N N 24  
ASP C   O    doub N N 25  
ASP C   OXT  sing N N 26  
ASP CB  CG   sing N N 27  
ASP CB  HB2  sing N N 28  
ASP CB  HB3  sing N N 29  
ASP CG  OD1  doub N N 30  
ASP CG  OD2  sing N N 31  
ASP OD2 HD2  sing N N 32  
ASP OXT HXT  sing N N 33  
GLU N   CA   sing N N 34  
GLU N   H    sing N N 35  
GLU N   H2   sing N N 36  
GLU CA  C    sing N N 37  
GLU CA  CB   sing N N 38  
GLU CA  HA   sing N N 39  
GLU C   O    doub N N 40  
GLU C   OXT  sing N N 41  
GLU CB  CG   sing N N 42  
GLU CB  HB2  sing N N 43  
GLU CB  HB3  sing N N 44  
GLU CG  CD   sing N N 45  
GLU CG  HG2  sing N N 46  
GLU CG  HG3  sing N N 47  
GLU CD  OE1  doub N N 48  
GLU CD  OE2  sing N N 49  
GLU OE2 HE2  sing N N 50  
GLU OXT HXT  sing N N 51  
GLY N   CA   sing N N 52  
GLY N   H    sing N N 53  
GLY N   H2   sing N N 54  
GLY CA  C    sing N N 55  
GLY CA  HA2  sing N N 56  
GLY CA  HA3  sing N N 57  
GLY C   O    doub N N 58  
GLY C   OXT  sing N N 59  
GLY OXT HXT  sing N N 60  
HOH O   H1   sing N N 61  
HOH O   H2   sing N N 62  
HYP N   CA   sing N N 63  
HYP N   CD   sing N N 64  
HYP N   H    sing N N 65  
HYP CA  C    sing N N 66  
HYP CA  CB   sing N N 67  
HYP CA  HA   sing N N 68  
HYP C   O    doub N N 69  
HYP C   OXT  sing N N 70  
HYP CB  CG   sing N N 71  
HYP CB  HB2  sing N N 72  
HYP CB  HB3  sing N N 73  
HYP CG  CD   sing N N 74  
HYP CG  OD1  sing N N 75  
HYP CG  HG   sing N N 76  
HYP CD  HD22 sing N N 77  
HYP CD  HD23 sing N N 78  
HYP OD1 HD1  sing N N 79  
HYP OXT HXT  sing N N 80  
NH2 N   HN1  sing N N 81  
NH2 N   HN2  sing N N 82  
PRO N   CA   sing N N 83  
PRO N   CD   sing N N 84  
PRO N   H    sing N N 85  
PRO CA  C    sing N N 86  
PRO CA  CB   sing N N 87  
PRO CA  HA   sing N N 88  
PRO C   O    doub N N 89  
PRO C   OXT  sing N N 90  
PRO CB  CG   sing N N 91  
PRO CB  HB2  sing N N 92  
PRO CB  HB3  sing N N 93  
PRO CG  CD   sing N N 94  
PRO CG  HG2  sing N N 95  
PRO CG  HG3  sing N N 96  
PRO CD  HD2  sing N N 97  
PRO CD  HD3  sing N N 98  
PRO OXT HXT  sing N N 99  
SER N   CA   sing N N 100 
SER N   H    sing N N 101 
SER N   H2   sing N N 102 
SER CA  C    sing N N 103 
SER CA  CB   sing N N 104 
SER CA  HA   sing N N 105 
SER C   O    doub N N 106 
SER C   OXT  sing N N 107 
SER CB  OG   sing N N 108 
SER CB  HB2  sing N N 109 
SER CB  HB3  sing N N 110 
SER OG  HG   sing N N 111 
SER OXT HXT  sing N N 112 
# 
_atom_sites.entry_id                    6JKL 
_atom_sites.fract_transf_matrix[1][1]   -0.00233671 
_atom_sites.fract_transf_matrix[1][2]   -0.01351570 
_atom_sites.fract_transf_matrix[1][3]   0.01186634 
_atom_sites.fract_transf_matrix[2][1]   0.05549811 
_atom_sites.fract_transf_matrix[2][2]   -0.01381096 
_atom_sites.fract_transf_matrix[2][3]   -0.00480196 
_atom_sites.fract_transf_matrix[3][1]   0.00312519 
_atom_sites.fract_transf_matrix[3][2]   0.00549971 
_atom_sites.fract_transf_matrix[3][3]   0.02030133 
_atom_sites.fract_transf_vector[1]      0.251020 
_atom_sites.fract_transf_vector[2]      0.616875 
_atom_sites.fract_transf_vector[3]      0.750207 
# 
loop_
_atom_type.symbol 
C 
N 
O 
# 
loop_
_atom_site.group_PDB 
_atom_site.id 
_atom_site.type_symbol 
_atom_site.label_atom_id 
_atom_site.label_alt_id 
_atom_site.label_comp_id 
_atom_site.label_asym_id 
_atom_site.label_entity_id 
_atom_site.label_seq_id 
_atom_site.pdbx_PDB_ins_code 
_atom_site.Cartn_x 
_atom_site.Cartn_y 
_atom_site.Cartn_z 
_atom_site.occupancy 
_atom_site.B_iso_or_equiv 
_atom_site.pdbx_formal_charge 
_atom_site.auth_seq_id 
_atom_site.auth_comp_id 
_atom_site.auth_asym_id 
_atom_site.auth_atom_id 
_atom_site.pdbx_PDB_model_num 
ATOM   1   N N   . PRO A 1 2  ? -9.018  -33.101 -23.835 1.00 36.29 ? 1   PRO A N   1 
ATOM   2   C CA  . PRO A 1 2  ? -9.616  -31.793 -23.557 1.00 27.33 ? 1   PRO A CA  1 
ATOM   3   C C   . PRO A 1 2  ? -9.157  -31.232 -22.228 1.00 25.26 ? 1   PRO A C   1 
ATOM   4   O O   . PRO A 1 2  ? -9.529  -31.737 -21.176 1.00 24.77 ? 1   PRO A O   1 
ATOM   5   C CB  . PRO A 1 2  ? -11.118 -32.087 -23.537 1.00 27.25 ? 1   PRO A CB  1 
ATOM   6   C CG  . PRO A 1 2  ? -11.202 -33.532 -23.106 1.00 30.43 ? 1   PRO A CG  1 
ATOM   7   C CD  . PRO A 1 2  ? -9.903  -34.211 -23.445 1.00 32.38 ? 1   PRO A CD  1 
HETATM 8   N N   . HYP A 1 3  ? -8.334  -30.198 -22.284 1.00 24.79 ? 2   HYP A N   1 
HETATM 9   C CA  . HYP A 1 3  ? -7.793  -29.611 -21.077 1.00 24.95 ? 2   HYP A CA  1 
HETATM 10  C C   . HYP A 1 3  ? -8.814  -28.751 -20.337 1.00 21.36 ? 2   HYP A C   1 
HETATM 11  O O   . HYP A 1 3  ? -9.720  -28.187 -20.947 1.00 23.79 ? 2   HYP A O   1 
HETATM 12  C CB  . HYP A 1 3  ? -6.580  -28.795 -21.492 1.00 28.38 ? 2   HYP A CB  1 
HETATM 13  C CG  . HYP A 1 3  ? -6.488  -28.928 -22.998 1.00 31.78 ? 2   HYP A CG  1 
HETATM 14  C CD  . HYP A 1 3  ? -7.764  -29.592 -23.499 1.00 26.99 ? 2   HYP A CD  1 
HETATM 15  O OD1 . HYP A 1 3  ? -5.406  -29.774 -23.301 1.00 38.44 ? 2   HYP A OD1 1 
ATOM   16  N N   . GLY A 1 4  ? -8.657  -28.658 -19.022 1.00 20.01 ? 3   GLY A N   1 
ATOM   17  C CA  . GLY A 1 4  ? -9.548  -27.849 -18.214 1.00 18.87 ? 3   GLY A CA  1 
ATOM   18  C C   . GLY A 1 4  ? -9.418  -26.365 -18.491 1.00 17.98 ? 3   GLY A C   1 
ATOM   19  O O   . GLY A 1 4  ? -8.493  -25.936 -19.181 1.00 18.70 ? 3   GLY A O   1 
ATOM   20  N N   . PRO A 1 5  ? -10.354 -25.566 -17.961 1.00 16.86 ? 4   PRO A N   1 
ATOM   21  C CA  . PRO A 1 5  ? -10.270 -24.110 -18.087 1.00 17.29 ? 4   PRO A CA  1 
ATOM   22  C C   . PRO A 1 5  ? -9.214  -23.533 -17.154 1.00 15.74 ? 4   PRO A C   1 
ATOM   23  O O   . PRO A 1 5  ? -8.768  -24.225 -16.238 1.00 15.54 ? 4   PRO A O   1 
ATOM   24  C CB  . PRO A 1 5  ? -11.671 -23.643 -17.691 1.00 25.78 ? 4   PRO A CB  1 
ATOM   25  C CG  . PRO A 1 5  ? -12.152 -24.683 -16.749 1.00 15.19 ? 4   PRO A CG  1 
ATOM   26  C CD  . PRO A 1 5  ? -11.548 -25.988 -17.207 1.00 19.61 ? 4   PRO A CD  1 
HETATM 27  N N   . HYP A 1 6  ? -8.813  -22.288 -17.383 1.00 21.83 ? 5   HYP A N   1 
HETATM 28  C CA  . HYP A 1 6  ? -7.865  -21.648 -16.494 1.00 15.30 ? 5   HYP A CA  1 
HETATM 29  C C   . HYP A 1 6  ? -8.458  -21.455 -15.099 1.00 14.20 ? 5   HYP A C   1 
HETATM 30  O O   . HYP A 1 6  ? -9.671  -21.320 -14.942 1.00 13.62 ? 5   HYP A O   1 
HETATM 31  C CB  . HYP A 1 6  ? -7.471  -20.328 -17.136 1.00 18.81 ? 5   HYP A CB  1 
HETATM 32  C CG  . HYP A 1 6  ? -7.996  -20.382 -18.559 1.00 17.99 ? 5   HYP A CG  1 
HETATM 33  C CD  . HYP A 1 6  ? -8.989  -21.535 -18.640 1.00 16.18 ? 5   HYP A CD  1 
HETATM 34  O OD1 . HYP A 1 6  ? -6.923  -20.643 -19.434 1.00 29.02 ? 5   HYP A OD1 1 
ATOM   35  N N   . GLY A 1 7  ? -7.594  -21.464 -14.092 1.00 14.12 ? 6   GLY A N   1 
ATOM   36  C CA  . GLY A 1 7  ? -8.031  -21.258 -12.726 1.00 17.51 ? 6   GLY A CA  1 
ATOM   37  C C   . GLY A 1 7  ? -8.589  -19.868 -12.514 1.00 15.83 ? 6   GLY A C   1 
ATOM   38  O O   . GLY A 1 7  ? -8.469  -19.007 -13.386 1.00 14.02 ? 6   GLY A O   1 
ATOM   39  N N   . PRO A 1 8  ? -9.208  -19.640 -11.349 1.00 12.31 ? 7   PRO A N   1 
ATOM   40  C CA  . PRO A 1 8  ? -9.754  -18.320 -11.032 1.00 15.32 ? 7   PRO A CA  1 
ATOM   41  C C   . PRO A 1 8  ? -8.647  -17.278 -10.958 1.00 17.78 ? 7   PRO A C   1 
ATOM   42  O O   . PRO A 1 8  ? -7.502  -17.628 -10.665 1.00 13.01 ? 7   PRO A O   1 
ATOM   43  C CB  . PRO A 1 8  ? -10.413 -18.524 -9.660  1.00 14.72 ? 7   PRO A CB  1 
ATOM   44  C CG  . PRO A 1 8  ? -10.519 -20.016 -9.486  1.00 11.62 ? 7   PRO A CG  1 
ATOM   45  C CD  . PRO A 1 8  ? -9.370  -20.590 -10.239 1.00 12.09 ? 7   PRO A CD  1 
HETATM 46  N N   . HYP A 1 9  ? -8.976  -16.022 -11.239 1.00 13.70 ? 8   HYP A N   1 
HETATM 47  C CA  . HYP A 1 9  ? -7.996  -14.959 -11.138 1.00 15.73 ? 8   HYP A CA  1 
HETATM 48  C C   . HYP A 1 9  ? -7.475  -14.838 -9.708  1.00 18.14 ? 8   HYP A C   1 
HETATM 49  O O   . HYP A 1 9  ? -8.214  -15.073 -8.751  1.00 18.76 ? 8   HYP A O   1 
HETATM 50  C CB  . HYP A 1 9  ? -8.669  -13.687 -11.623 1.00 17.02 ? 8   HYP A CB  1 
HETATM 51  C CG  . HYP A 1 9  ? -9.983  -14.114 -12.248 1.00 17.39 ? 8   HYP A CG  1 
HETATM 52  C CD  . HYP A 1 9  ? -10.243 -15.559 -11.837 1.00 15.91 ? 8   HYP A CD  1 
HETATM 53  O OD1 . HYP A 1 9  ? -9.859  -14.054 -13.651 1.00 17.33 ? 8   HYP A OD1 1 
ATOM   54  N N   . GLY A 1 10 ? -6.199  -14.493 -9.581  1.00 23.39 ? 9   GLY A N   1 
ATOM   55  C CA  . GLY A 1 10 ? -5.551  -14.436 -8.287  1.00 22.34 ? 9   GLY A CA  1 
ATOM   56  C C   . GLY A 1 10 ? -6.131  -13.375 -7.377  1.00 22.32 ? 9   GLY A C   1 
ATOM   57  O O   . GLY A 1 10 ? -6.750  -12.410 -7.831  1.00 22.91 ? 9   GLY A O   1 
ATOM   58  N N   . ASP A 1 11 ? -5.925  -13.557 -6.078  1.00 22.38 ? 10  ASP A N   1 
ATOM   59  C CA  . ASP A 1 11 ? -6.341  -12.559 -5.109  1.00 21.84 ? 10  ASP A CA  1 
ATOM   60  C C   . ASP A 1 11 ? -5.592  -11.250 -5.336  1.00 21.17 ? 10  ASP A C   1 
ATOM   61  O O   . ASP A 1 11 ? -4.487  -11.220 -5.889  1.00 20.36 ? 10  ASP A O   1 
ATOM   62  C CB  . ASP A 1 11 ? -6.079  -13.047 -3.684  1.00 21.44 ? 10  ASP A CB  1 
ATOM   63  C CG  . ASP A 1 11 ? -6.898  -14.267 -3.321  1.00 27.56 ? 10  ASP A CG  1 
ATOM   64  O OD1 . ASP A 1 11 ? -6.509  -15.001 -2.385  1.00 38.70 ? 10  ASP A OD1 1 
ATOM   65  O OD2 . ASP A 1 11 ? -7.939  -14.491 -3.968  1.00 23.55 ? 10  ASP A OD2 1 
ATOM   66  N N   . ASP A 1 12 ? -6.202  -10.158 -4.884  1.00 21.67 ? 11  ASP A N   1 
ATOM   67  C CA  . ASP A 1 12 ? -5.496  -8.886  -4.858  1.00 21.80 ? 11  ASP A CA  1 
ATOM   68  C C   . ASP A 1 12 ? -4.344  -8.959  -3.865  1.00 19.86 ? 11  ASP A C   1 
ATOM   69  O O   . ASP A 1 12 ? -4.402  -9.677  -2.863  1.00 19.72 ? 11  ASP A O   1 
ATOM   70  C CB  . ASP A 1 12 ? -6.441  -7.746  -4.486  1.00 22.18 ? 11  ASP A CB  1 
ATOM   71  C CG  . ASP A 1 12 ? -7.450  -7.452  -5.576  1.00 28.05 ? 11  ASP A CG  1 
ATOM   72  O OD1 . ASP A 1 12 ? -8.498  -6.845  -5.270  1.00 31.77 ? 11  ASP A OD1 1 
ATOM   73  O OD2 . ASP A 1 12 ? -7.188  -7.829  -6.740  1.00 33.66 ? 11  ASP A OD2 1 
ATOM   74  N N   . GLY A 1 13 ? -3.276  -8.217  -4.160  1.00 19.02 ? 12  GLY A N   1 
ATOM   75  C CA  . GLY A 1 13 ? -2.108  -8.234  -3.329  1.00 17.79 ? 12  GLY A CA  1 
ATOM   76  C C   . GLY A 1 13 ? -2.361  -7.603  -1.972  1.00 17.89 ? 12  GLY A C   1 
ATOM   77  O O   . GLY A 1 13 ? -3.456  -7.102  -1.680  1.00 19.01 ? 12  GLY A O   1 
ATOM   78  N N   . PRO A 1 14 ? -1.339  -7.628  -1.121  1.00 17.83 ? 13  PRO A N   1 
ATOM   79  C CA  . PRO A 1 14 ? -1.452  -6.982  0.189   1.00 20.14 ? 13  PRO A CA  1 
ATOM   80  C C   . PRO A 1 14 ? -1.492  -5.471  0.047   1.00 17.64 ? 13  PRO A C   1 
ATOM   81  O O   . PRO A 1 14 ? -1.102  -4.901  -0.973  1.00 17.44 ? 13  PRO A O   1 
ATOM   82  C CB  . PRO A 1 14 ? -0.184  -7.432  0.929   1.00 19.24 ? 13  PRO A CB  1 
ATOM   83  C CG  . PRO A 1 14 ? 0.428   -8.516  0.074   1.00 22.82 ? 13  PRO A CG  1 
ATOM   84  C CD  . PRO A 1 14 ? -0.021  -8.246  -1.322  1.00 15.62 ? 13  PRO A CD  1 
ATOM   85  N N   . SER A 1 15 ? -1.981  -4.822  1.098   1.00 22.96 ? 14  SER A N   1 
ATOM   86  C CA  . SER A 1 15 ? -2.020  -3.370  1.122   1.00 15.28 ? 14  SER A CA  1 
ATOM   87  C C   . SER A 1 15 ? -0.609  -2.798  1.161   1.00 14.07 ? 14  SER A C   1 
ATOM   88  O O   . SER A 1 15 ? 0.308   -3.382  1.744   1.00 15.95 ? 14  SER A O   1 
ATOM   89  C CB  . SER A 1 15 ? -2.815  -2.874  2.329   1.00 17.31 ? 14  SER A CB  1 
ATOM   90  O OG  . SER A 1 15 ? -4.203  -2.852  2.049   1.00 33.15 ? 14  SER A OG  1 
ATOM   91  N N   . GLY A 1 16 ? -0.439  -1.645  0.525   1.00 12.47 ? 15  GLY A N   1 
ATOM   92  C CA  . GLY A 1 16 ? 0.837   -0.965  0.558   1.00 11.54 ? 15  GLY A CA  1 
ATOM   93  C C   . GLY A 1 16 ? 1.185   -0.481  1.952   1.00 11.85 ? 15  GLY A C   1 
ATOM   94  O O   . GLY A 1 16 ? 0.371   -0.480  2.875   1.00 12.60 ? 15  GLY A O   1 
ATOM   95  N N   . ALA A 1 17 ? 2.437   -0.065  2.103   1.00 13.67 ? 16  ALA A N   1 
ATOM   96  C CA  . ALA A 1 17 ? 2.902   0.429   3.388   1.00 12.23 ? 16  ALA A CA  1 
ATOM   97  C C   . ALA A 1 17 ? 2.225   1.750   3.736   1.00 11.37 ? 16  ALA A C   1 
ATOM   98  O O   . ALA A 1 17 ? 1.733   2.477   2.867   1.00 12.51 ? 16  ALA A O   1 
ATOM   99  C CB  . ALA A 1 17 ? 4.419   0.611   3.379   1.00 11.84 ? 16  ALA A CB  1 
ATOM   100 N N   . GLU A 1 18 ? 2.195   2.049   5.033   1.00 12.15 ? 17  GLU A N   1 
ATOM   101 C CA  . GLU A 1 18 ? 1.735   3.352   5.488   1.00 12.11 ? 17  GLU A CA  1 
ATOM   102 C C   . GLU A 1 18 ? 2.610   4.444   4.886   1.00 16.03 ? 17  GLU A C   1 
ATOM   103 O O   . GLU A 1 18 ? 3.810   4.255   4.665   1.00 13.31 ? 17  GLU A O   1 
ATOM   104 C CB  . GLU A 1 18 ? 1.763   3.423   7.017   1.00 13.32 ? 17  GLU A CB  1 
ATOM   105 C CG  . GLU A 1 18 ? 1.262   4.734   7.603   1.00 13.78 ? 17  GLU A CG  1 
ATOM   106 C CD  . GLU A 1 18 ? 1.217   4.706   9.115   1.00 21.28 ? 17  GLU A CD  1 
ATOM   107 O OE1 . GLU A 1 18 ? 0.252   4.141   9.665   1.00 22.78 ? 17  GLU A OE1 1 
ATOM   108 O OE2 . GLU A 1 18 ? 2.144   5.249   9.754   1.00 28.42 ? 17  GLU A OE2 1 
ATOM   109 N N   . GLY A 1 19 ? 1.991   5.586   4.590   1.00 11.04 ? 18  GLY A N   1 
ATOM   110 C CA  . GLY A 1 19 ? 2.682   6.692   3.972   1.00 10.51 ? 18  GLY A CA  1 
ATOM   111 C C   . GLY A 1 19 ? 3.845   7.190   4.804   1.00 13.25 ? 18  GLY A C   1 
ATOM   112 O O   . GLY A 1 19 ? 3.959   6.896   5.997   1.00 12.11 ? 18  GLY A O   1 
ATOM   113 N N   . PRO A 1 20 ? 4.751   7.949   4.177   1.00 14.41 ? 19  PRO A N   1 
ATOM   114 C CA  . PRO A 1 20 ? 5.858   8.545   4.930   1.00 11.80 ? 19  PRO A CA  1 
ATOM   115 C C   . PRO A 1 20 ? 5.368   9.657   5.845   1.00 12.97 ? 19  PRO A C   1 
ATOM   116 O O   . PRO A 1 20 ? 4.256   10.153  5.659   1.00 16.22 ? 19  PRO A O   1 
ATOM   117 C CB  . PRO A 1 20 ? 6.773   9.093   3.832   1.00 13.80 ? 19  PRO A CB  1 
ATOM   118 C CG  . PRO A 1 20 ? 5.871   9.331   2.680   1.00 17.79 ? 19  PRO A CG  1 
ATOM   119 C CD  . PRO A 1 20 ? 4.826   8.256   2.740   1.00 15.75 ? 19  PRO A CD  1 
HETATM 120 N N   . HYP A 1 21 ? 6.179   10.041  6.824   1.00 11.35 ? 20  HYP A N   1 
HETATM 121 C CA  . HYP A 1 21 ? 5.810   11.132  7.708   1.00 14.20 ? 20  HYP A CA  1 
HETATM 122 C C   . HYP A 1 21 ? 5.682   12.453  6.946   1.00 12.04 ? 20  HYP A C   1 
HETATM 123 O O   . HYP A 1 21 ? 6.274   12.619  5.881   1.00 11.68 ? 20  HYP A O   1 
HETATM 124 C CB  . HYP A 1 21 ? 6.867   11.195  8.799   1.00 15.85 ? 20  HYP A CB  1 
HETATM 125 C CG  . HYP A 1 21 ? 7.669   9.911   8.674   1.00 12.22 ? 20  HYP A CG  1 
HETATM 126 C CD  . HYP A 1 21 ? 7.357   9.299   7.314   1.00 12.11 ? 20  HYP A CD  1 
HETATM 127 O OD1 . HYP A 1 21 ? 7.258   9.008   9.671   1.00 15.46 ? 20  HYP A OD1 1 
ATOM   128 N N   . GLY A 1 22 ? 4.895   13.377  7.484   1.00 10.33 ? 21  GLY A N   1 
ATOM   129 C CA  . GLY A 1 22 ? 4.688   14.652  6.828   1.00 13.27 ? 21  GLY A CA  1 
ATOM   130 C C   . GLY A 1 22 ? 5.880   15.580  6.935   1.00 11.26 ? 21  GLY A C   1 
ATOM   131 O O   . GLY A 1 22 ? 6.922   15.199  7.468   1.00 11.72 ? 21  GLY A O   1 
ATOM   132 N N   . PRO A 1 23 ? 5.734   16.808  6.421   1.00 13.69 ? 22  PRO A N   1 
ATOM   133 C CA  . PRO A 1 23 ? 6.778   17.827  6.544   1.00 13.31 ? 22  PRO A CA  1 
ATOM   134 C C   . PRO A 1 23 ? 6.882   18.316  7.980   1.00 11.89 ? 22  PRO A C   1 
ATOM   135 O O   . PRO A 1 23 ? 5.945   18.117  8.753   1.00 16.53 ? 22  PRO A O   1 
ATOM   136 C CB  . PRO A 1 23 ? 6.298   18.954  5.616   1.00 12.51 ? 22  PRO A CB  1 
ATOM   137 C CG  . PRO A 1 23 ? 5.070   18.432  4.924   1.00 21.51 ? 22  PRO A CG  1 
ATOM   138 C CD  . PRO A 1 23 ? 4.529   17.330  5.763   1.00 11.09 ? 22  PRO A CD  1 
HETATM 139 N N   . HYP A 1 24 ? 7.999   18.938  8.335   1.00 12.57 ? 23  HYP A N   1 
HETATM 140 C CA  . HYP A 1 24 ? 8.153   19.485  9.669   1.00 14.04 ? 23  HYP A CA  1 
HETATM 141 C C   . HYP A 1 24 ? 7.135   20.588  9.958   1.00 11.97 ? 23  HYP A C   1 
HETATM 142 O O   . HYP A 1 24 ? 6.730   21.323  9.056   1.00 17.46 ? 23  HYP A O   1 
HETATM 143 C CB  . HYP A 1 24 ? 9.581   19.990  9.780   1.00 13.30 ? 23  HYP A CB  1 
HETATM 144 C CG  . HYP A 1 24 ? 10.322  19.398  8.597   1.00 21.11 ? 23  HYP A CG  1 
HETATM 145 C CD  . HYP A 1 24 ? 9.283   18.883  7.609   1.00 13.68 ? 23  HYP A CD  1 
HETATM 146 O OD1 . HYP A 1 24 ? 11.101  18.312  9.046   1.00 29.65 ? 23  HYP A OD1 1 
ATOM   147 N N   . GLY A 1 25 ? 6.721   20.690  11.215  1.00 11.30 ? 24  GLY A N   1 
ATOM   148 C CA  . GLY A 1 25 ? 5.750   21.689  11.609  1.00 10.92 ? 24  GLY A CA  1 
ATOM   149 C C   . GLY A 1 25 ? 6.269   23.105  11.484  1.00 11.54 ? 24  GLY A C   1 
ATOM   150 O O   . GLY A 1 25 ? 7.444   23.317  11.188  1.00 12.28 ? 24  GLY A O   1 
ATOM   151 N N   . PRO A 1 26 ? 5.389   24.089  11.703  1.00 12.47 ? 25  PRO A N   1 
ATOM   152 C CA  . PRO A 1 26 ? 5.797   25.497  11.698  1.00 17.46 ? 25  PRO A CA  1 
ATOM   153 C C   . PRO A 1 26 ? 6.742   25.793  12.855  1.00 13.39 ? 25  PRO A C   1 
ATOM   154 O O   . PRO A 1 26 ? 6.807   25.009  13.801  1.00 18.02 ? 25  PRO A O   1 
ATOM   155 C CB  . PRO A 1 26 ? 4.474   26.254  11.866  1.00 13.65 ? 25  PRO A CB  1 
ATOM   156 C CG  . PRO A 1 26 ? 3.393   25.248  11.592  1.00 10.90 ? 25  PRO A CG  1 
ATOM   157 C CD  . PRO A 1 26 ? 3.955   23.928  11.989  1.00 17.94 ? 25  PRO A CD  1 
HETATM 158 N N   . HYP A 1 27 ? 7.465   26.902  12.784  1.00 14.63 ? 26  HYP A N   1 
HETATM 159 C CA  . HYP A 1 27 ? 8.303   27.303  13.897  1.00 17.08 ? 26  HYP A CA  1 
HETATM 160 C C   . HYP A 1 27 ? 7.463   27.681  15.119  1.00 20.53 ? 26  HYP A C   1 
HETATM 161 O O   . HYP A 1 27 ? 6.370   28.230  14.980  1.00 17.73 ? 26  HYP A O   1 
HETATM 162 C CB  . HYP A 1 27 ? 9.166   28.455  13.410  1.00 18.10 ? 26  HYP A CB  1 
HETATM 163 C CG  . HYP A 1 27 ? 9.031   28.469  11.898  1.00 18.77 ? 26  HYP A CG  1 
HETATM 164 C CD  . HYP A 1 27 ? 7.838   27.592  11.533  1.00 16.43 ? 26  HYP A CD  1 
HETATM 165 O OD1 . HYP A 1 27 ? 10.196  27.912  11.331  1.00 18.39 ? 26  HYP A OD1 1 
ATOM   166 N N   . GLY A 1 28 ? 7.973   27.368  16.305  1.00 20.52 ? 27  GLY A N   1 
ATOM   167 C CA  . GLY A 1 28 ? 7.277   27.682  17.538  1.00 20.38 ? 27  GLY A CA  1 
ATOM   168 C C   . GLY A 1 28 ? 7.345   29.155  17.889  1.00 23.05 ? 27  GLY A C   1 
ATOM   169 O O   . GLY A 1 28 ? 8.005   29.935  17.203  1.00 24.16 ? 27  GLY A O   1 
HETATM 170 N N   . NH2 A 1 29 ? 6.659   29.535  18.962  1.00 34.35 ? 28  NH2 A N   1 
HETATM 171 C C   . ACE B 1 1  ? -10.477 -30.814 -16.296 1.00 25.30 ? 0   ACE B C   1 
HETATM 172 O O   . ACE B 1 1  ? -11.377 -30.018 -16.557 1.00 18.64 ? 0   ACE B O   1 
HETATM 173 C CH3 . ACE B 1 1  ? -9.988  -31.805 -17.349 1.00 20.47 ? 0   ACE B CH3 1 
ATOM   174 N N   . PRO B 1 2  ? -9.875  -30.861 -15.099 1.00 18.74 ? 1   PRO B N   1 
ATOM   175 C CA  . PRO B 1 2  ? -10.221 -29.953 -14.004 1.00 24.57 ? 1   PRO B CA  1 
ATOM   176 C C   . PRO B 1 2  ? -9.671  -28.556 -14.248 1.00 17.81 ? 1   PRO B C   1 
ATOM   177 O O   . PRO B 1 2  ? -8.740  -28.398 -15.035 1.00 17.84 ? 1   PRO B O   1 
ATOM   178 C CB  . PRO B 1 2  ? -9.550  -30.600 -12.795 1.00 19.35 ? 1   PRO B CB  1 
ATOM   179 C CG  . PRO B 1 2  ? -8.344  -31.253 -13.367 1.00 23.03 ? 1   PRO B CG  1 
ATOM   180 C CD  . PRO B 1 2  ? -8.720  -31.710 -14.760 1.00 23.74 ? 1   PRO B CD  1 
HETATM 181 N N   . HYP B 1 3  ? -10.244 -27.557 -13.586 1.00 18.00 ? 2   HYP B N   1 
HETATM 182 C CA  . HYP B 1 3  ? -9.746  -26.200 -13.703 1.00 17.12 ? 2   HYP B CA  1 
HETATM 183 C C   . HYP B 1 3  ? -8.342  -26.057 -13.115 1.00 16.58 ? 2   HYP B C   1 
HETATM 184 O O   . HYP B 1 3  ? -7.934  -26.852 -12.269 1.00 17.09 ? 2   HYP B O   1 
HETATM 185 C CB  . HYP B 1 3  ? -10.743 -25.298 -12.995 1.00 19.52 ? 2   HYP B CB  1 
HETATM 186 C CG  . HYP B 1 3  ? -11.909 -26.183 -12.593 1.00 19.00 ? 2   HYP B CG  1 
HETATM 187 C CD  . HYP B 1 3  ? -11.482 -27.632 -12.788 1.00 19.29 ? 2   HYP B CD  1 
HETATM 188 O OD1 . HYP B 1 3  ? -12.998 -25.917 -13.444 1.00 19.20 ? 2   HYP B OD1 1 
ATOM   189 N N   . GLY B 1 4  ? -7.612  -25.047 -13.575 1.00 18.05 ? 3   GLY B N   1 
ATOM   190 C CA  . GLY B 1 4  ? -6.270  -24.806 -13.087 1.00 15.16 ? 3   GLY B CA  1 
ATOM   191 C C   . GLY B 1 4  ? -6.260  -24.202 -11.700 1.00 15.72 ? 3   GLY B C   1 
ATOM   192 O O   . GLY B 1 4  ? -7.314  -23.880 -11.151 1.00 16.46 ? 3   GLY B O   1 
ATOM   193 N N   . PRO B 1 5  ? -5.064  -24.059 -11.113 1.00 18.14 ? 4   PRO B N   1 
ATOM   194 C CA  . PRO B 1 5  ? -4.926  -23.368 -9.830  1.00 16.04 ? 4   PRO B CA  1 
ATOM   195 C C   . PRO B 1 5  ? -5.244  -21.889 -9.984  1.00 15.79 ? 4   PRO B C   1 
ATOM   196 O O   . PRO B 1 5  ? -5.161  -21.372 -11.097 1.00 19.83 ? 4   PRO B O   1 
ATOM   197 C CB  . PRO B 1 5  ? -3.449  -23.578 -9.466  1.00 18.75 ? 4   PRO B CB  1 
ATOM   198 C CG  . PRO B 1 5  ? -2.988  -24.713 -10.345 1.00 21.99 ? 4   PRO B CG  1 
ATOM   199 C CD  . PRO B 1 5  ? -3.772  -24.559 -11.607 1.00 14.85 ? 4   PRO B CD  1 
HETATM 200 N N   . HYP B 1 6  ? -5.614  -21.222 -8.898  1.00 16.56 ? 5   HYP B N   1 
HETATM 201 C CA  . HYP B 1 6  ? -5.830  -19.791 -8.959  1.00 22.03 ? 5   HYP B CA  1 
HETATM 202 C C   . HYP B 1 6  ? -4.531  -19.070 -9.307  1.00 15.61 ? 5   HYP B C   1 
HETATM 203 O O   . HYP B 1 6  ? -3.446  -19.583 -9.037  1.00 15.42 ? 5   HYP B O   1 
HETATM 204 C CB  . HYP B 1 6  ? -6.379  -19.354 -7.611  1.00 17.65 ? 5   HYP B CB  1 
HETATM 205 C CG  . HYP B 1 6  ? -6.640  -20.626 -6.828  1.00 18.44 ? 5   HYP B CG  1 
HETATM 206 C CD  . HYP B 1 6  ? -6.021  -21.788 -7.598  1.00 18.51 ? 5   HYP B CD  1 
HETATM 207 O OD1 . HYP B 1 6  ? -8.032  -20.822 -6.737  1.00 32.36 ? 5   HYP B OD1 1 
ATOM   208 N N   . GLY B 1 7  ? -4.645  -17.896 -9.916  1.00 15.16 ? 6   GLY B N   1 
ATOM   209 C CA  . GLY B 1 7  ? -3.476  -17.089 -10.203 1.00 14.48 ? 6   GLY B CA  1 
ATOM   210 C C   . GLY B 1 7  ? -2.788  -16.689 -8.914  1.00 15.17 ? 6   GLY B C   1 
ATOM   211 O O   . GLY B 1 7  ? -3.390  -16.756 -7.842  1.00 16.20 ? 6   GLY B O   1 
ATOM   212 N N   . PRO B 1 8  ? -1.517  -16.279 -9.007  1.00 21.95 ? 7   PRO B N   1 
ATOM   213 C CA  . PRO B 1 8  ? -0.818  -15.828 -7.803  1.00 12.76 ? 7   PRO B CA  1 
ATOM   214 C C   . PRO B 1 8  ? -1.422  -14.533 -7.286  1.00 12.54 ? 7   PRO B C   1 
ATOM   215 O O   . PRO B 1 8  ? -1.993  -13.773 -8.072  1.00 12.06 ? 7   PRO B O   1 
ATOM   216 C CB  . PRO B 1 8  ? 0.617   -15.621 -8.285  1.00 15.85 ? 7   PRO B CB  1 
ATOM   217 C CG  . PRO B 1 8  ? 0.481   -15.309 -9.734  1.00 26.32 ? 7   PRO B CG  1 
ATOM   218 C CD  . PRO B 1 8  ? -0.716  -16.080 -10.226 1.00 16.29 ? 7   PRO B CD  1 
HETATM 219 N N   . HYP B 1 9  ? -1.321  -14.298 -5.983  1.00 12.74 ? 8   HYP B N   1 
HETATM 220 C CA  . HYP B 1 9  ? -1.816  -13.064 -5.414  1.00 12.70 ? 8   HYP B CA  1 
HETATM 221 C C   . HYP B 1 9  ? -1.049  -11.881 -5.992  1.00 13.93 ? 8   HYP B C   1 
HETATM 222 O O   . HYP B 1 9  ? 0.110   -12.017 -6.372  1.00 15.29 ? 8   HYP B O   1 
HETATM 223 C CB  . HYP B 1 9  ? -1.677  -13.174 -3.906  1.00 16.38 ? 8   HYP B CB  1 
HETATM 224 C CG  . HYP B 1 9  ? -1.407  -14.642 -3.633  1.00 13.42 ? 8   HYP B CG  1 
HETATM 225 C CD  . HYP B 1 9  ? -0.929  -15.265 -4.940  1.00 16.22 ? 8   HYP B CD  1 
HETATM 226 O OD1 . HYP B 1 9  ? -2.616  -15.259 -3.258  1.00 11.82 ? 8   HYP B OD1 1 
ATOM   227 N N   . GLY B 1 10 ? -1.709  -10.734 -6.066  1.00 13.57 ? 9   GLY B N   1 
ATOM   228 C CA  . GLY B 1 10 ? -1.125  -9.567  -6.691  1.00 14.66 ? 9   GLY B CA  1 
ATOM   229 C C   . GLY B 1 10 ? 0.049   -8.958  -5.955  1.00 16.60 ? 9   GLY B C   1 
ATOM   230 O O   . GLY B 1 10 ? 0.476   -9.442  -4.905  1.00 17.25 ? 9   GLY B O   1 
ATOM   231 N N   . ASP B 1 11 ? 0.569   -7.880  -6.530  1.00 17.74 ? 10  ASP B N   1 
ATOM   232 C CA  . ASP B 1 11 ? 1.659   -7.132  -5.931  1.00 23.50 ? 10  ASP B CA  1 
ATOM   233 C C   . ASP B 1 11 ? 1.188   -6.387  -4.687  1.00 19.94 ? 10  ASP B C   1 
ATOM   234 O O   . ASP B 1 11 ? -0.008  -6.163  -4.477  1.00 18.39 ? 10  ASP B O   1 
ATOM   235 C CB  . ASP B 1 11 ? 2.223   -6.126  -6.931  1.00 29.75 ? 10  ASP B CB  1 
ATOM   236 C CG  . ASP B 1 11 ? 3.612   -6.484  -7.396  1.00 40.60 ? 10  ASP B CG  1 
ATOM   237 O OD1 . ASP B 1 11 ? 4.132   -7.534  -6.960  1.00 40.62 ? 10  ASP B OD1 1 
ATOM   238 O OD2 . ASP B 1 11 ? 4.180   -5.711  -8.196  1.00 31.81 ? 10  ASP B OD2 1 
ATOM   239 N N   . ASP B 1 12 ? 2.153   -5.995  -3.861  1.00 22.03 ? 11  ASP B N   1 
ATOM   240 C CA  . ASP B 1 12 ? 1.865   -5.060  -2.784  1.00 26.37 ? 11  ASP B CA  1 
ATOM   241 C C   . ASP B 1 12 ? 1.384   -3.739  -3.366  1.00 22.42 ? 11  ASP B C   1 
ATOM   242 O O   . ASP B 1 12 ? 1.929   -3.242  -4.355  1.00 23.13 ? 11  ASP B O   1 
ATOM   243 C CB  . ASP B 1 12 ? 3.109   -4.835  -1.924  1.00 28.29 ? 11  ASP B CB  1 
ATOM   244 C CG  . ASP B 1 12 ? 3.321   -5.938  -0.909  1.00 25.88 ? 11  ASP B CG  1 
ATOM   245 O OD1 . ASP B 1 12 ? 3.205   -7.124  -1.283  1.00 38.55 ? 11  ASP B OD1 1 
ATOM   246 O OD2 . ASP B 1 12 ? 3.611   -5.620  0.263   1.00 40.96 ? 11  ASP B OD2 1 
ATOM   247 N N   . GLY B 1 13 ? 0.352   -3.167  -2.743  1.00 21.86 ? 12  GLY B N   1 
ATOM   248 C CA  . GLY B 1 13 ? -0.215  -1.938  -3.218  1.00 21.19 ? 12  GLY B CA  1 
ATOM   249 C C   . GLY B 1 13 ? 0.735   -0.765  -3.058  1.00 23.55 ? 12  GLY B C   1 
ATOM   250 O O   . GLY B 1 13 ? 1.844   -0.892  -2.523  1.00 25.59 ? 12  GLY B O   1 
ATOM   251 N N   . PRO B 1 14 ? 0.305   0.398   -3.530  1.00 21.13 ? 13  PRO B N   1 
ATOM   252 C CA  . PRO B 1 14 ? 1.118   1.606   -3.390  1.00 21.63 ? 13  PRO B CA  1 
ATOM   253 C C   . PRO B 1 14 ? 1.105   2.129   -1.960  1.00 12.69 ? 13  PRO B C   1 
ATOM   254 O O   . PRO B 1 14 ? 0.221   1.819   -1.159  1.00 12.58 ? 13  PRO B O   1 
ATOM   255 C CB  . PRO B 1 14 ? 0.445   2.598   -4.344  1.00 18.65 ? 13  PRO B CB  1 
ATOM   256 C CG  . PRO B 1 14 ? -0.982  2.155   -4.382  1.00 19.00 ? 13  PRO B CG  1 
ATOM   257 C CD  . PRO B 1 14 ? -0.976  0.660   -4.212  1.00 13.26 ? 13  PRO B CD  1 
ATOM   258 N N   . SER B 1 15 ? 2.121   2.931   -1.652  1.00 15.73 ? 14  SER B N   1 
ATOM   259 C CA  . SER B 1 15 ? 2.229   3.528   -0.328  1.00 16.69 ? 14  SER B CA  1 
ATOM   260 C C   . SER B 1 15 ? 1.066   4.478   -0.070  1.00 12.31 ? 14  SER B C   1 
ATOM   261 O O   . SER B 1 15 ? 0.544   5.121   -0.984  1.00 12.73 ? 14  SER B O   1 
ATOM   262 C CB  . SER B 1 15 ? 3.548   4.286   -0.186  1.00 12.30 ? 14  SER B CB  1 
ATOM   263 O OG  . SER B 1 15 ? 4.607   3.420   0.181   1.00 22.52 ? 14  SER B OG  1 
ATOM   264 N N   . GLY B 1 16 ? 0.667   4.567   1.192   1.00 12.14 ? 15  GLY B N   1 
ATOM   265 C CA  . GLY B 1 16 ? -0.305  5.563   1.590   1.00 12.13 ? 15  GLY B CA  1 
ATOM   266 C C   . GLY B 1 16 ? 0.214   6.971   1.371   1.00 12.17 ? 15  GLY B C   1 
ATOM   267 O O   . GLY B 1 16 ? 1.392   7.214   1.108   1.00 12.16 ? 15  GLY B O   1 
ATOM   268 N N   . ALA B 1 17 ? -0.704  7.925   1.479   1.00 12.25 ? 16  ALA B N   1 
ATOM   269 C CA  . ALA B 1 17 ? -0.339  9.316   1.279   1.00 12.34 ? 16  ALA B CA  1 
ATOM   270 C C   . ALA B 1 17 ? 0.597   9.794   2.385   1.00 12.18 ? 16  ALA B C   1 
ATOM   271 O O   . ALA B 1 17 ? 0.625   9.251   3.493   1.00 19.61 ? 16  ALA B O   1 
ATOM   272 C CB  . ALA B 1 17 ? -1.587  10.197  1.232   1.00 13.31 ? 16  ALA B CB  1 
ATOM   273 N N   A GLU B 1 18 ? 1.380   10.824  2.066   0.64 12.26 ? 17  GLU B N   1 
ATOM   274 N N   B GLU B 1 18 ? 1.374   10.823  2.060   0.36 12.27 ? 17  GLU B N   1 
ATOM   275 C CA  A GLU B 1 18 ? 2.260   11.437  3.050   0.64 12.71 ? 17  GLU B CA  1 
ATOM   276 C CA  B GLU B 1 18 ? 2.237   11.462  3.041   0.36 12.17 ? 17  GLU B CA  1 
ATOM   277 C C   A GLU B 1 18 ? 1.443   12.008  4.206   0.64 13.69 ? 17  GLU B C   1 
ATOM   278 C C   B GLU B 1 18 ? 1.415   11.974  4.219   0.36 12.48 ? 17  GLU B C   1 
ATOM   279 O O   A GLU B 1 18 ? 0.305   12.450  4.032   0.64 12.30 ? 17  GLU B O   1 
ATOM   280 O O   B GLU B 1 18 ? 0.249   12.347  4.074   0.36 12.28 ? 17  GLU B O   1 
ATOM   281 C CB  A GLU B 1 18 ? 3.100   12.536  2.390   0.64 19.52 ? 17  GLU B CB  1 
ATOM   282 C CB  B GLU B 1 18 ? 3.002   12.615  2.387   0.36 16.08 ? 17  GLU B CB  1 
ATOM   283 C CG  A GLU B 1 18 ? 3.860   13.449  3.348   0.64 12.29 ? 17  GLU B CG  1 
ATOM   284 C CG  B GLU B 1 18 ? 4.210   12.194  1.545   0.36 12.34 ? 17  GLU B CG  1 
ATOM   285 C CD  A GLU B 1 18 ? 4.889   14.311  2.641   0.64 12.43 ? 17  GLU B CD  1 
ATOM   286 C CD  B GLU B 1 18 ? 3.851   11.660  0.161   0.36 18.17 ? 17  GLU B CD  1 
ATOM   287 O OE1 A GLU B 1 18 ? 5.548   13.807  1.708   0.64 17.20 ? 17  GLU B OE1 1 
ATOM   288 O OE1 B GLU B 1 18 ? 2.702   11.218  -0.047  0.36 17.64 ? 17  GLU B OE1 1 
ATOM   289 O OE2 A GLU B 1 18 ? 5.034   15.495  3.011   0.64 12.55 ? 17  GLU B OE2 1 
ATOM   290 O OE2 B GLU B 1 18 ? 4.734   11.675  -0.726  0.36 12.58 ? 17  GLU B OE2 1 
ATOM   291 N N   . GLY B 1 19 ? 2.028   11.979  5.401   1.00 13.19 ? 18  GLY B N   1 
ATOM   292 C CA  . GLY B 1 19 ? 1.371   12.479  6.584   1.00 12.03 ? 18  GLY B CA  1 
ATOM   293 C C   . GLY B 1 19 ? 1.192   13.985  6.562   1.00 12.25 ? 18  GLY B C   1 
ATOM   294 O O   . GLY B 1 19 ? 1.759   14.691  5.722   1.00 13.30 ? 18  GLY B O   1 
ATOM   295 N N   . PRO B 1 20 ? 0.385   14.511  7.493   1.00 12.33 ? 19  PRO B N   1 
ATOM   296 C CA  . PRO B 1 20 ? 0.194   15.957  7.641   1.00 23.42 ? 19  PRO B CA  1 
ATOM   297 C C   . PRO B 1 20 ? 1.443   16.616  8.219   1.00 19.57 ? 19  PRO B C   1 
ATOM   298 O O   . PRO B 1 20 ? 2.320   15.907  8.711   1.00 18.77 ? 19  PRO B O   1 
ATOM   299 C CB  . PRO B 1 20 ? -0.986  16.060  8.611   1.00 12.92 ? 19  PRO B CB  1 
ATOM   300 C CG  . PRO B 1 20 ? -0.959  14.790  9.381   1.00 19.25 ? 19  PRO B CG  1 
ATOM   301 C CD  . PRO B 1 20 ? -0.361  13.737  8.499   1.00 12.22 ? 19  PRO B CD  1 
HETATM 302 N N   . HYP B 1 21 ? 1.532   17.941  8.155   1.00 15.83 ? 20  HYP B N   1 
HETATM 303 C CA  . HYP B 1 21 ? 2.679   18.632  8.717   1.00 13.48 ? 20  HYP B CA  1 
HETATM 304 C C   . HYP B 1 21 ? 2.769   18.435  10.232  1.00 12.81 ? 20  HYP B C   1 
HETATM 305 O O   . HYP B 1 21 ? 1.748   18.310  10.904  1.00 14.30 ? 20  HYP B O   1 
HETATM 306 C CB  . HYP B 1 21 ? 2.549   20.098  8.337   1.00 15.77 ? 20  HYP B CB  1 
HETATM 307 C CG  . HYP B 1 21 ? 1.460   20.160  7.281   1.00 24.89 ? 20  HYP B CG  1 
HETATM 308 C CD  . HYP B 1 21 ? 0.708   18.835  7.317   1.00 13.14 ? 20  HYP B CD  1 
HETATM 309 O OD1 . HYP B 1 21 ? 2.055   20.301  6.013   1.00 26.22 ? 20  HYP B OD1 1 
ATOM   310 N N   . GLY B 1 22 ? 3.990   18.398  10.754  1.00 12.73 ? 21  GLY B N   1 
ATOM   311 C CA  . GLY B 1 22 ? 4.203   18.152  12.168  1.00 12.67 ? 21  GLY B CA  1 
ATOM   312 C C   . GLY B 1 22 ? 3.627   19.230  13.063  1.00 14.95 ? 21  GLY B C   1 
ATOM   313 O O   . GLY B 1 22 ? 3.141   20.252  12.580  1.00 13.21 ? 21  GLY B O   1 
ATOM   314 N N   . PRO B 1 23 ? 3.666   19.006  14.381  1.00 12.95 ? 22  PRO B N   1 
ATOM   315 C CA  . PRO B 1 23 ? 3.219   20.056  15.293  1.00 15.34 ? 22  PRO B CA  1 
ATOM   316 C C   . PRO B 1 23 ? 4.201   21.221  15.299  1.00 15.15 ? 22  PRO B C   1 
ATOM   317 O O   . PRO B 1 23 ? 5.365   21.041  14.939  1.00 15.06 ? 22  PRO B O   1 
ATOM   318 C CB  . PRO B 1 23 ? 3.179   19.350  16.648  1.00 18.57 ? 22  PRO B CB  1 
ATOM   319 C CG  . PRO B 1 23 ? 4.203   18.283  16.539  1.00 24.37 ? 22  PRO B CG  1 
ATOM   320 C CD  . PRO B 1 23 ? 4.190   17.830  15.099  1.00 12.71 ? 22  PRO B CD  1 
HETATM 321 N N   . HYP B 1 24 ? 3.733   22.402  15.681  1.00 14.78 ? 23  HYP B N   1 
HETATM 322 C CA  . HYP B 1 24 ? 4.605   23.556  15.782  1.00 14.12 ? 23  HYP B CA  1 
HETATM 323 C C   . HYP B 1 24 ? 5.711   23.341  16.815  1.00 18.29 ? 23  HYP B C   1 
HETATM 324 O O   . HYP B 1 24 ? 5.536   22.577  17.764  1.00 22.52 ? 23  HYP B O   1 
HETATM 325 C CB  . HYP B 1 24 ? 3.726   24.742  16.133  1.00 24.24 ? 23  HYP B CB  1 
HETATM 326 C CG  . HYP B 1 24 ? 2.297   24.274  15.941  1.00 14.54 ? 23  HYP B CG  1 
HETATM 327 C CD  . HYP B 1 24 ? 2.310   22.756  15.824  1.00 18.53 ? 23  HYP B CD  1 
HETATM 328 O OD1 . HYP B 1 24 ? 1.793   24.811  14.741  1.00 25.23 ? 23  HYP B OD1 1 
ATOM   329 N N   . GLY B 1 25 ? 6.843   24.005  16.617  1.00 14.19 ? 24  GLY B N   1 
ATOM   330 C CA  . GLY B 1 25 ? 7.957   23.880  17.537  1.00 16.21 ? 24  GLY B CA  1 
ATOM   331 C C   . GLY B 1 25 ? 7.631   24.386  18.928  1.00 14.48 ? 24  GLY B C   1 
ATOM   332 O O   . GLY B 1 25 ? 6.588   25.004  19.140  1.00 14.73 ? 24  GLY B O   1 
ATOM   333 N N   . PRO B 1 26 ? 8.520   24.115  19.892  1.00 18.90 ? 25  PRO B N   1 
ATOM   334 C CA  . PRO B 1 26 ? 8.343   24.616  21.258  1.00 23.13 ? 25  PRO B CA  1 
ATOM   335 C C   . PRO B 1 26 ? 8.443   26.138  21.314  1.00 19.95 ? 25  PRO B C   1 
ATOM   336 O O   . PRO B 1 26 ? 8.987   26.755  20.399  1.00 20.41 ? 25  PRO B O   1 
ATOM   337 C CB  . PRO B 1 26 ? 9.497   23.966  22.034  1.00 19.30 ? 25  PRO B CB  1 
ATOM   338 C CG  . PRO B 1 26 ? 10.035  22.900  21.148  1.00 20.41 ? 25  PRO B CG  1 
ATOM   339 C CD  . PRO B 1 26 ? 9.748   23.319  19.746  1.00 18.94 ? 25  PRO B CD  1 
HETATM 340 N N   . HYP B 1 27 ? 7.917   26.734  22.376  1.00 28.13 ? 26  HYP B N   1 
HETATM 341 C CA  . HYP B 1 27 ? 7.966   28.178  22.522  1.00 20.94 ? 26  HYP B CA  1 
HETATM 342 C C   . HYP B 1 27 ? 9.327   28.651  23.046  1.00 21.74 ? 26  HYP B C   1 
HETATM 343 O O   . HYP B 1 27 ? 10.020  27.906  23.738  1.00 21.68 ? 26  HYP B O   1 
HETATM 344 C CB  . HYP B 1 27 ? 6.823   28.557  23.451  1.00 20.87 ? 26  HYP B CB  1 
HETATM 345 C CG  . HYP B 1 27 ? 6.050   27.280  23.736  1.00 26.34 ? 26  HYP B CG  1 
HETATM 346 C CD  . HYP B 1 27 ? 6.873   26.111  23.211  1.00 19.60 ? 26  HYP B CD  1 
HETATM 347 O OD1 . HYP B 1 27 ? 4.817   27.312  23.055  1.00 21.38 ? 26  HYP B OD1 1 
ATOM   348 N N   . GLY B 1 28 ? 9.700   29.881  22.702  1.00 25.89 ? 27  GLY B N   1 
ATOM   349 C CA  . GLY B 1 28 ? 10.995  30.425  23.071  1.00 29.15 ? 27  GLY B CA  1 
ATOM   350 C C   . GLY B 1 28 ? 11.256  30.501  24.564  1.00 32.17 ? 27  GLY B C   1 
ATOM   351 O O   . GLY B 1 28 ? 10.327  30.476  25.372  1.00 32.09 ? 27  GLY B O   1 
HETATM 352 C C   . ACE C 1 1  ? -6.804  -33.532 -18.789 1.00 15.99 ? 0   ACE C C   1 
HETATM 353 O O   . ACE C 1 1  ? -7.061  -33.595 -17.587 1.00 16.66 ? 0   ACE C O   1 
HETATM 354 C CH3 . ACE C 1 1  ? -7.703  -34.220 -19.811 1.00 16.48 ? 0   ACE C CH3 1 
ATOM   355 N N   . PRO C 1 2  ? -5.737  -32.877 -19.271 1.00 20.12 ? 1   PRO C N   1 
ATOM   356 C CA  . PRO C 1 2  ? -4.839  -32.094 -18.417 1.00 16.12 ? 1   PRO C CA  1 
ATOM   357 C C   . PRO C 1 2  ? -5.598  -30.983 -17.718 1.00 14.11 ? 1   PRO C C   1 
ATOM   358 O O   . PRO C 1 2  ? -6.632  -30.543 -18.216 1.00 13.62 ? 1   PRO C O   1 
ATOM   359 C CB  . PRO C 1 2  ? -3.818  -31.516 -19.406 1.00 17.45 ? 1   PRO C CB  1 
ATOM   360 C CG  . PRO C 1 2  ? -3.899  -32.397 -20.604 1.00 13.83 ? 1   PRO C CG  1 
ATOM   361 C CD  . PRO C 1 2  ? -5.330  -32.831 -20.683 1.00 17.24 ? 1   PRO C CD  1 
HETATM 362 N N   . HYP C 1 3  ? -5.100  -30.539 -16.573 1.00 22.54 ? 2   HYP C N   1 
HETATM 363 C CA  . HYP C 1 3  ? -5.707  -29.417 -15.894 1.00 13.95 ? 2   HYP C CA  1 
HETATM 364 C C   . HYP C 1 3  ? -5.458  -28.139 -16.686 1.00 12.69 ? 2   HYP C C   1 
HETATM 365 O O   . HYP C 1 3  ? -4.507  -28.066 -17.464 1.00 12.92 ? 2   HYP C O   1 
HETATM 366 C CB  . HYP C 1 3  ? -5.109  -29.358 -14.499 1.00 14.84 ? 2   HYP C CB  1 
HETATM 367 C CG  . HYP C 1 3  ? -4.204  -30.572 -14.392 1.00 20.37 ? 2   HYP C CG  1 
HETATM 368 C CD  . HYP C 1 3  ? -3.989  -31.115 -15.799 1.00 15.31 ? 2   HYP C CD  1 
HETATM 369 O OD1 . HYP C 1 3  ? -4.866  -31.561 -13.643 1.00 17.19 ? 2   HYP C OD1 1 
ATOM   370 N N   . GLY C 1 4  ? -6.319  -27.147 -16.500 1.00 19.30 ? 3   GLY C N   1 
ATOM   371 C CA  . GLY C 1 4  ? -6.099  -25.854 -17.112 1.00 15.19 ? 3   GLY C CA  1 
ATOM   372 C C   . GLY C 1 4  ? -4.878  -25.193 -16.509 1.00 17.27 ? 3   GLY C C   1 
ATOM   373 O O   . GLY C 1 4  ? -4.379  -25.636 -15.476 1.00 15.23 ? 3   GLY C O   1 
ATOM   374 N N   . PRO C 1 5  ? -4.386  -24.129 -17.150 1.00 10.79 ? 4   PRO C N   1 
ATOM   375 C CA  . PRO C 1 5  ? -3.252  -23.395 -16.588 1.00 14.38 ? 4   PRO C CA  1 
ATOM   376 C C   . PRO C 1 5  ? -3.697  -22.559 -15.395 1.00 11.51 ? 4   PRO C C   1 
ATOM   377 O O   . PRO C 1 5  ? -4.902  -22.451 -15.167 1.00 15.86 ? 4   PRO C O   1 
ATOM   378 C CB  . PRO C 1 5  ? -2.801  -22.519 -17.752 1.00 10.51 ? 4   PRO C CB  1 
ATOM   379 C CG  . PRO C 1 5  ? -4.058  -22.251 -18.509 1.00 9.86  ? 4   PRO C CG  1 
ATOM   380 C CD  . PRO C 1 5  ? -4.933  -23.471 -18.348 1.00 12.98 ? 4   PRO C CD  1 
HETATM 381 N N   . HYP C 1 6  ? -2.760  -21.987 -14.646 1.00 16.03 ? 5   HYP C N   1 
HETATM 382 C CA  . HYP C 1 6  ? -3.131  -21.123 -13.540 1.00 12.69 ? 5   HYP C CA  1 
HETATM 383 C C   . HYP C 1 6  ? -3.881  -19.879 -14.015 1.00 19.59 ? 5   HYP C C   1 
HETATM 384 O O   . HYP C 1 6  ? -3.753  -19.481 -15.173 1.00 11.35 ? 5   HYP C O   1 
HETATM 385 C CB  . HYP C 1 6  ? -1.851  -20.758 -12.811 1.00 17.90 ? 5   HYP C CB  1 
HETATM 386 C CG  . HYP C 1 6  ? -0.804  -21.740 -13.296 1.00 14.06 ? 5   HYP C CG  1 
HETATM 387 C CD  . HYP C 1 6  ? -1.346  -22.408 -14.554 1.00 14.11 ? 5   HYP C CD  1 
HETATM 388 O OD1 . HYP C 1 6  ? -0.611  -22.715 -12.297 1.00 14.95 ? 5   HYP C OD1 1 
ATOM   389 N N   . GLY C 1 7  ? -4.664  -19.281 -13.123 1.00 12.29 ? 6   GLY C N   1 
ATOM   390 C CA  . GLY C 1 7  ? -5.421  -18.090 -13.460 1.00 11.81 ? 6   GLY C CA  1 
ATOM   391 C C   . GLY C 1 7  ? -4.541  -16.875 -13.668 1.00 12.15 ? 6   GLY C C   1 
ATOM   392 O O   . GLY C 1 7  ? -3.335  -16.934 -13.430 1.00 12.84 ? 6   GLY C O   1 
ATOM   393 N N   . PRO C 1 8  ? -5.138  -15.762 -14.120 1.00 28.94 ? 7   PRO C N   1 
ATOM   394 C CA  . PRO C 1 8  ? -4.404  -14.498 -14.236 1.00 29.15 ? 7   PRO C CA  1 
ATOM   395 C C   . PRO C 1 8  ? -3.915  -14.018 -12.873 1.00 27.66 ? 7   PRO C C   1 
ATOM   396 O O   . PRO C 1 8  ? -4.581  -14.275 -11.871 1.00 25.80 ? 7   PRO C O   1 
ATOM   397 C CB  . PRO C 1 8  ? -5.443  -13.528 -14.815 1.00 28.61 ? 7   PRO C CB  1 
ATOM   398 C CG  . PRO C 1 8  ? -6.553  -14.387 -15.336 1.00 28.16 ? 7   PRO C CG  1 
ATOM   399 C CD  . PRO C 1 8  ? -6.552  -15.623 -14.501 1.00 27.75 ? 7   PRO C CD  1 
HETATM 400 N N   . HYP C 1 9  ? -2.769  -13.346 -12.837 1.00 28.63 ? 8   HYP C N   1 
HETATM 401 C CA  . HYP C 1 9  ? -2.238  -12.813 -11.594 1.00 27.42 ? 8   HYP C CA  1 
HETATM 402 C C   . HYP C 1 9  ? -3.143  -11.739 -10.999 1.00 25.08 ? 8   HYP C C   1 
HETATM 403 O O   . HYP C 1 9  ? -3.728  -10.953 -11.737 1.00 25.06 ? 8   HYP C O   1 
HETATM 404 C CB  . HYP C 1 9  ? -0.861  -12.251 -11.908 1.00 29.31 ? 8   HYP C CB  1 
HETATM 405 C CG  . HYP C 1 9  ? -0.745  -12.277 -13.422 1.00 36.35 ? 8   HYP C CG  1 
HETATM 406 C CD  . HYP C 1 9  ? -2.062  -12.778 -13.997 1.00 30.82 ? 8   HYP C CD  1 
HETATM 407 O OD1 . HYP C 1 9  ? 0.267   -13.187 -13.780 1.00 42.03 ? 8   HYP C OD1 1 
ATOM   408 N N   . GLY C 1 10 ? -3.245  -11.707 -9.675  1.00 24.11 ? 9   GLY C N   1 
ATOM   409 C CA  . GLY C 1 10 ? -4.075  -10.724 -9.007  1.00 21.39 ? 9   GLY C CA  1 
ATOM   410 C C   . GLY C 1 10 ? -3.621  -9.296  -9.236  1.00 21.73 ? 9   GLY C C   1 
ATOM   411 O O   . GLY C 1 10 ? -2.469  -9.049  -9.596  1.00 23.32 ? 9   GLY C O   1 
ATOM   412 N N   . ASP C 1 11 ? -4.534  -8.351  -9.040  1.00 21.09 ? 10  ASP C N   1 
ATOM   413 C CA  . ASP C 1 11 ? -4.182  -6.944  -9.131  1.00 20.89 ? 10  ASP C CA  1 
ATOM   414 C C   . ASP C 1 11 ? -3.287  -6.543  -7.960  1.00 20.39 ? 10  ASP C C   1 
ATOM   415 O O   . ASP C 1 11 ? -3.178  -7.248  -6.953  1.00 19.41 ? 10  ASP C O   1 
ATOM   416 C CB  . ASP C 1 11 ? -5.439  -6.078  -9.145  1.00 19.92 ? 10  ASP C CB  1 
ATOM   417 C CG  . ASP C 1 11 ? -5.832  -5.641  -10.540 1.00 25.79 ? 10  ASP C CG  1 
ATOM   418 O OD1 . ASP C 1 11 ? -5.220  -6.122  -11.516 1.00 27.07 ? 10  ASP C OD1 1 
ATOM   419 O OD2 . ASP C 1 11 ? -6.754  -4.810  -10.654 1.00 29.48 ? 10  ASP C OD2 1 
ATOM   420 N N   . ASP C 1 12 ? -2.646  -5.383  -8.097  1.00 21.26 ? 11  ASP C N   1 
ATOM   421 C CA  . ASP C 1 12 ? -1.924  -4.804  -6.974  1.00 26.75 ? 11  ASP C CA  1 
ATOM   422 C C   . ASP C 1 12 ? -2.866  -4.635  -5.786  1.00 19.26 ? 11  ASP C C   1 
ATOM   423 O O   . ASP C 1 12 ? -4.085  -4.549  -5.944  1.00 17.80 ? 11  ASP C O   1 
ATOM   424 C CB  . ASP C 1 12 ? -1.321  -3.452  -7.361  1.00 22.09 ? 11  ASP C CB  1 
ATOM   425 C CG  . ASP C 1 12 ? -0.479  -3.524  -8.622  1.00 28.60 ? 11  ASP C CG  1 
ATOM   426 O OD1 . ASP C 1 12 ? -0.015  -4.631  -8.972  1.00 28.46 ? 11  ASP C OD1 1 
ATOM   427 O OD2 . ASP C 1 12 ? -0.280  -2.471  -9.266  1.00 32.50 ? 11  ASP C OD2 1 
ATOM   428 N N   . GLY C 1 13 ? -2.296  -4.604  -4.587  1.00 17.96 ? 12  GLY C N   1 
ATOM   429 C CA  . GLY C 1 13 ? -3.087  -4.414  -3.394  1.00 16.22 ? 12  GLY C CA  1 
ATOM   430 C C   . GLY C 1 13 ? -3.607  -2.994  -3.285  1.00 16.04 ? 12  GLY C C   1 
ATOM   431 O O   . GLY C 1 13 ? -3.258  -2.125  -4.085  1.00 17.35 ? 12  GLY C O   1 
ATOM   432 N N   . PRO C 1 14 ? -4.448  -2.724  -2.292  1.00 17.95 ? 13  PRO C N   1 
ATOM   433 C CA  . PRO C 1 14 ? -4.922  -1.354  -2.088  1.00 15.76 ? 13  PRO C CA  1 
ATOM   434 C C   . PRO C 1 14 ? -3.825  -0.490  -1.489  1.00 9.91  ? 13  PRO C C   1 
ATOM   435 O O   . PRO C 1 14 ? -2.787  -0.970  -1.028  1.00 14.29 ? 13  PRO C O   1 
ATOM   436 C CB  . PRO C 1 14 ? -6.104  -1.507  -1.122  1.00 9.83  ? 13  PRO C CB  1 
ATOM   437 C CG  . PRO C 1 14 ? -6.137  -2.951  -0.715  1.00 8.03  ? 13  PRO C CG  1 
ATOM   438 C CD  . PRO C 1 14 ? -4.915  -3.637  -1.241  1.00 7.84  ? 13  PRO C CD  1 
ATOM   439 N N   . SER C 1 15 ? -4.073  0.815   -1.505  1.00 8.56  ? 14  SER C N   1 
ATOM   440 C CA  . SER C 1 15 ? -3.100  1.764   -0.988  1.00 8.60  ? 14  SER C CA  1 
ATOM   441 C C   . SER C 1 15 ? -3.031  1.690   0.534   1.00 8.42  ? 14  SER C C   1 
ATOM   442 O O   . SER C 1 15 ? -4.015  1.378   1.211   1.00 8.39  ? 14  SER C O   1 
ATOM   443 C CB  . SER C 1 15 ? -3.457  3.184   -1.422  1.00 12.91 ? 14  SER C CB  1 
ATOM   444 O OG  . SER C 1 15 ? -3.852  3.227   -2.781  1.00 9.58  ? 14  SER C OG  1 
ATOM   445 N N   . GLY C 1 16 ? -1.852  1.984   1.071   1.00 8.37  ? 15  GLY C N   1 
ATOM   446 C CA  . GLY C 1 16 ? -1.670  1.980   2.506   1.00 8.44  ? 15  GLY C CA  1 
ATOM   447 C C   . GLY C 1 16 ? -2.376  3.139   3.183   1.00 8.59  ? 15  GLY C C   1 
ATOM   448 O O   . GLY C 1 16 ? -2.925  4.041   2.550   1.00 16.12 ? 15  GLY C O   1 
ATOM   449 N N   . ALA C 1 17 ? -2.358  3.104   4.511   1.00 13.47 ? 16  ALA C N   1 
ATOM   450 C CA  . ALA C 1 17 ? -2.957  4.164   5.301   1.00 8.91  ? 16  ALA C CA  1 
ATOM   451 C C   . ALA C 1 17 ? -2.114  5.435   5.216   1.00 9.24  ? 16  ALA C C   1 
ATOM   452 O O   . ALA C 1 17 ? -0.952  5.421   4.796   1.00 9.18  ? 16  ALA C O   1 
ATOM   453 C CB  . ALA C 1 17 ? -3.114  3.723   6.755   1.00 8.88  ? 16  ALA C CB  1 
ATOM   454 N N   . GLU C 1 18 ? -2.721  6.549   5.624   1.00 9.66  ? 17  GLU C N   1 
ATOM   455 C CA  . GLU C 1 18 ? -2.032  7.832   5.609   1.00 11.54 ? 17  GLU C CA  1 
ATOM   456 C C   . GLU C 1 18 ? -0.873  7.827   6.602   1.00 10.09 ? 17  GLU C C   1 
ATOM   457 O O   . GLU C 1 18 ? -0.984  7.296   7.711   1.00 13.85 ? 17  GLU C O   1 
ATOM   458 C CB  . GLU C 1 18 ? -3.024  8.955   5.935   1.00 11.71 ? 17  GLU C CB  1 
ATOM   459 C CG  . GLU C 1 18 ? -2.398  10.327  6.172   1.00 11.47 ? 17  GLU C CG  1 
ATOM   460 C CD  . GLU C 1 18 ? -3.439  11.407  6.423   1.00 14.15 ? 17  GLU C CD  1 
ATOM   461 O OE1 . GLU C 1 18 ? -4.634  11.138  6.198   1.00 22.89 ? 17  GLU C OE1 1 
ATOM   462 O OE2 . GLU C 1 18 ? -3.064  12.520  6.850   1.00 19.64 ? 17  GLU C OE2 1 
ATOM   463 N N   . GLY C 1 19 ? 0.253   8.409   6.189   1.00 7.31  ? 18  GLY C N   1 
ATOM   464 C CA  . GLY C 1 19 ? 1.431   8.482   7.022   1.00 7.05  ? 18  GLY C CA  1 
ATOM   465 C C   . GLY C 1 19 ? 1.217   9.277   8.295   1.00 7.07  ? 18  GLY C C   1 
ATOM   466 O O   . GLY C 1 19 ? 0.213   9.977   8.459   1.00 7.37  ? 18  GLY C O   1 
ATOM   467 N N   . PRO C 1 20 ? 2.172   9.182   9.231   1.00 10.37 ? 19  PRO C N   1 
ATOM   468 C CA  . PRO C 1 20 ? 2.086   9.888   10.509  1.00 7.20  ? 19  PRO C CA  1 
ATOM   469 C C   . PRO C 1 20 ? 2.497   11.348  10.357  1.00 17.64 ? 19  PRO C C   1 
ATOM   470 O O   . PRO C 1 20 ? 3.062   11.709  9.325   1.00 13.86 ? 19  PRO C O   1 
ATOM   471 C CB  . PRO C 1 20 ? 3.069   9.123   11.393  1.00 10.91 ? 19  PRO C CB  1 
ATOM   472 C CG  . PRO C 1 20 ? 4.102   8.628   10.444  1.00 6.68  ? 19  PRO C CG  1 
ATOM   473 C CD  . PRO C 1 20 ? 3.430   8.424   9.104   1.00 7.56  ? 19  PRO C CD  1 
HETATM 474 N N   . HYP C 1 21 ? 2.215   12.174  11.360  1.00 11.21 ? 20  HYP C N   1 
HETATM 475 C CA  . HYP C 1 21 ? 2.609   13.570  11.302  1.00 8.41  ? 20  HYP C CA  1 
HETATM 476 C C   . HYP C 1 21 ? 4.130   13.734  11.244  1.00 8.30  ? 20  HYP C C   1 
HETATM 477 O O   . HYP C 1 21 ? 4.869   12.878  11.723  1.00 8.55  ? 20  HYP C O   1 
HETATM 478 C CB  . HYP C 1 21 ? 2.008   14.249  12.521  1.00 11.71 ? 20  HYP C CB  1 
HETATM 479 C CG  . HYP C 1 21 ? 0.976   13.284  13.071  1.00 8.90  ? 20  HYP C CG  1 
HETATM 480 C CD  . HYP C 1 21 ? 1.208   11.928  12.412  1.00 8.27  ? 20  HYP C CD  1 
HETATM 481 O OD1 . HYP C 1 21 ? -0.309  13.745  12.725  1.00 15.22 ? 20  HYP C OD1 1 
ATOM   482 N N   . GLY C 1 22 ? 4.582   14.828  10.643  1.00 11.88 ? 21  GLY C N   1 
ATOM   483 C CA  . GLY C 1 22 ? 6.003   15.079  10.506  1.00 8.45  ? 21  GLY C CA  1 
ATOM   484 C C   . GLY C 1 22 ? 6.646   15.505  11.808  1.00 8.85  ? 21  GLY C C   1 
ATOM   485 O O   . GLY C 1 22 ? 5.982   15.557  12.840  1.00 9.14  ? 21  GLY C O   1 
ATOM   486 N N   . PRO C 1 23 ? 7.950   15.811  11.766  1.00 10.06 ? 22  PRO C N   1 
ATOM   487 C CA  . PRO C 1 23 ? 8.675   16.287  12.948  1.00 14.86 ? 22  PRO C CA  1 
ATOM   488 C C   . PRO C 1 23 ? 8.143   17.628  13.433  1.00 14.31 ? 22  PRO C C   1 
ATOM   489 O O   . PRO C 1 23 ? 7.561   18.374  12.644  1.00 10.79 ? 22  PRO C O   1 
ATOM   490 C CB  . PRO C 1 23 ? 10.121  16.428  12.454  1.00 9.36  ? 22  PRO C CB  1 
ATOM   491 C CG  . PRO C 1 23 ? 10.186  15.677  11.167  1.00 18.78 ? 22  PRO C CG  1 
ATOM   492 C CD  . PRO C 1 23 ? 8.817   15.715  10.581  1.00 13.02 ? 22  PRO C CD  1 
HETATM 493 N N   . HYP C 1 24 ? 8.330   17.925  14.713  1.00 10.48 ? 23  HYP C N   1 
HETATM 494 C CA  . HYP C 1 24 ? 7.972   19.233  15.226  1.00 11.13 ? 23  HYP C CA  1 
HETATM 495 C C   . HYP C 1 24 ? 8.835   20.313  14.580  1.00 12.40 ? 23  HYP C C   1 
HETATM 496 O O   . HYP C 1 24 ? 9.986   20.060  14.227  1.00 11.10 ? 23  HYP C O   1 
HETATM 497 C CB  . HYP C 1 24 ? 8.140   19.192  16.735  1.00 11.68 ? 23  HYP C CB  1 
HETATM 498 C CG  . HYP C 1 24 ? 8.322   17.727  17.090  1.00 14.58 ? 23  HYP C CG  1 
HETATM 499 C CD  . HYP C 1 24 ? 8.619   16.968  15.798  1.00 10.52 ? 23  HYP C CD  1 
HETATM 500 O OD1 . HYP C 1 24 ? 7.117   17.246  17.637  1.00 16.27 ? 23  HYP C OD1 1 
ATOM   501 N N   . GLY C 1 25 ? 8.274   21.504  14.416  1.00 11.68 ? 24  GLY C N   1 
ATOM   502 C CA  . GLY C 1 25 ? 9.001   22.602  13.813  1.00 11.87 ? 24  GLY C CA  1 
ATOM   503 C C   . GLY C 1 25 ? 10.152  23.087  14.669  1.00 12.51 ? 24  GLY C C   1 
ATOM   504 O O   . GLY C 1 25 ? 10.314  22.642  15.806  1.00 12.67 ? 24  GLY C O   1 
ATOM   505 N N   . PRO C 1 26 ? 10.972  23.993  14.120  1.00 16.39 ? 25  PRO C N   1 
ATOM   506 C CA  . PRO C 1 26 ? 12.050  24.608  14.895  1.00 18.26 ? 25  PRO C CA  1 
ATOM   507 C C   . PRO C 1 26 ? 11.498  25.356  16.100  1.00 19.05 ? 25  PRO C C   1 
ATOM   508 O O   . PRO C 1 26 ? 10.397  25.905  16.037  1.00 18.05 ? 25  PRO C O   1 
ATOM   509 C CB  . PRO C 1 26 ? 12.704  25.570  13.896  1.00 17.37 ? 25  PRO C CB  1 
ATOM   510 C CG  . PRO C 1 26 ? 12.341  25.024  12.553  1.00 22.14 ? 25  PRO C CG  1 
ATOM   511 C CD  . PRO C 1 26 ? 10.965  24.453  12.721  1.00 19.74 ? 25  PRO C CD  1 
HETATM 512 N N   . HYP C 1 27 ? 12.251  25.366  17.189  1.00 22.52 ? 26  HYP C N   1 
HETATM 513 C CA  . HYP C 1 27 ? 11.802  26.022  18.401  1.00 18.82 ? 26  HYP C CA  1 
HETATM 514 C C   . HYP C 1 27 ? 11.823  27.544  18.265  1.00 20.07 ? 26  HYP C C   1 
HETATM 515 O O   . HYP C 1 27 ? 12.623  28.095  17.507  1.00 20.26 ? 26  HYP C O   1 
HETATM 516 C CB  . HYP C 1 27 ? 12.703  25.525  19.522  1.00 21.87 ? 26  HYP C CB  1 
HETATM 517 C CG  . HYP C 1 27 ? 13.587  24.448  18.914  1.00 21.85 ? 26  HYP C CG  1 
HETATM 518 C CD  . HYP C 1 27 ? 13.454  24.542  17.400  1.00 23.21 ? 26  HYP C CD  1 
HETATM 519 O OD1 . HYP C 1 27 ? 13.148  23.175  19.334  1.00 17.41 ? 26  HYP C OD1 1 
ATOM   520 N N   . GLY C 1 28 ? 10.936  28.212  18.992  1.00 21.16 ? 27  GLY C N   1 
ATOM   521 C CA  . GLY C 1 28 ? 10.870  29.660  18.965  1.00 24.45 ? 27  GLY C CA  1 
ATOM   522 C C   . GLY C 1 28 ? 12.029  30.309  19.696  1.00 23.77 ? 27  GLY C C   1 
ATOM   523 O O   . GLY C 1 28 ? 12.214  31.525  19.636  1.00 29.81 ? 27  GLY C O   1 
HETATM 524 N N   . NH2 C 1 29 ? 12.814  29.491  20.391  1.00 23.31 ? 28  NH2 C N   1 
HETATM 525 O O   . HOH D 2 .  ? -10.424 -6.166  -6.199  1.00 26.24 ? 101 HOH A O   1 
HETATM 526 O O   . HOH D 2 .  ? -0.918  2.217   9.539   1.00 32.97 ? 102 HOH A O   1 
HETATM 527 O O   . HOH D 2 .  ? 10.082  26.576  9.475   1.00 24.92 ? 103 HOH A O   1 
HETATM 528 O O   . HOH D 2 .  ? -3.380  -10.958 -1.232  1.00 17.03 ? 104 HOH A O   1 
HETATM 529 O O   . HOH D 2 .  ? 12.898  18.276  10.553  1.00 16.50 ? 105 HOH A O   1 
HETATM 530 O O   . HOH D 2 .  ? -11.636 -32.817 -20.164 1.00 29.91 ? 106 HOH A O   1 
HETATM 531 O O   . HOH D 2 .  ? -5.801  -18.311 -19.376 1.00 19.80 ? 107 HOH A O   1 
HETATM 532 O O   . HOH D 2 .  ? 7.598   22.247  6.764   1.00 16.43 ? 108 HOH A O   1 
HETATM 533 O O   . HOH D 2 .  ? -8.060  -16.027 -6.269  1.00 22.73 ? 109 HOH A O   1 
HETATM 534 O O   . HOH D 2 .  ? 7.272   32.176  18.925  1.00 24.51 ? 110 HOH A O   1 
HETATM 535 O O   . HOH D 2 .  ? 9.508   14.576  6.899   1.00 11.62 ? 111 HOH A O   1 
HETATM 536 O O   . HOH D 2 .  ? 11.064  16.263  7.241   1.00 22.27 ? 112 HOH A O   1 
HETATM 537 O O   . HOH D 2 .  ? -0.766  0.353   5.228   1.00 18.12 ? 113 HOH A O   1 
HETATM 538 O O   . HOH D 2 .  ? -8.196  -10.483 -3.022  1.00 20.60 ? 114 HOH A O   1 
HETATM 539 O O   . HOH D 2 .  ? -9.794  -16.993 -14.966 1.00 20.96 ? 115 HOH A O   1 
HETATM 540 O O   . HOH D 2 .  ? 1.586   4.817   12.611  1.00 23.75 ? 116 HOH A O   1 
HETATM 541 O O   . HOH D 2 .  ? 2.340   2.806   11.409  1.00 41.50 ? 117 HOH A O   1 
HETATM 542 O O   . HOH D 2 .  ? 8.724   13.191  4.293   1.00 42.38 ? 118 HOH A O   1 
HETATM 543 O O   . HOH D 2 .  ? -2.578  -6.477  3.590   1.00 25.31 ? 119 HOH A O   1 
HETATM 544 O O   . HOH D 2 .  ? -11.812 -21.721 -12.758 1.00 18.20 ? 120 HOH A O   1 
HETATM 545 O O   . HOH D 2 .  ? -11.171 -14.687 -7.717  1.00 29.72 ? 121 HOH A O   1 
HETATM 546 O O   . HOH D 2 .  ? -6.618  -23.008 -21.617 1.00 28.03 ? 122 HOH A O   1 
HETATM 547 O O   . HOH D 2 .  ? -1.929  -10.348 0.704   1.00 35.64 ? 123 HOH A O   1 
HETATM 548 O O   . HOH D 2 .  ? -10.956 -27.926 -24.224 1.00 16.97 ? 124 HOH A O   1 
HETATM 549 O O   . HOH D 2 .  ? -5.493  -18.179 -4.075  1.00 29.73 ? 125 HOH A O   1 
HETATM 550 O O   . HOH D 2 .  ? 2.070   -3.090  5.070   1.00 24.53 ? 126 HOH A O   1 
HETATM 551 O O   . HOH D 2 .  ? 0.087   -1.737  6.517   1.00 27.11 ? 127 HOH A O   1 
HETATM 552 O O   . HOH D 2 .  ? 8.196   6.086   3.557   1.00 39.40 ? 128 HOH A O   1 
HETATM 553 O O   . HOH D 2 .  ? 1.441   -0.040  8.982   1.00 30.65 ? 129 HOH A O   1 
HETATM 554 O O   . HOH D 2 .  ? -13.485 -19.705 -12.908 1.00 20.73 ? 130 HOH A O   1 
HETATM 555 O O   . HOH D 2 .  ? -12.121 -17.258 -7.209  1.00 36.70 ? 131 HOH A O   1 
HETATM 556 O O   . HOH E 2 .  ? -0.124  24.741  13.722  1.00 35.70 ? 101 HOH B O   1 
HETATM 557 O O   . HOH E 2 .  ? 1.218   27.124  14.761  1.00 13.04 ? 102 HOH B O   1 
HETATM 558 O O   . HOH E 2 .  ? -13.880 -23.597 -13.462 1.00 15.12 ? 103 HOH B O   1 
HETATM 559 O O   . HOH E 2 .  ? -9.427  -18.795 -5.992  1.00 19.74 ? 104 HOH B O   1 
HETATM 560 O O   . HOH E 2 .  ? -9.566  -22.892 -7.005  1.00 39.91 ? 105 HOH B O   1 
HETATM 561 O O   . HOH E 2 .  ? -14.658 -27.142 -15.031 1.00 21.12 ? 106 HOH B O   1 
HETATM 562 O O   . HOH E 2 .  ? 5.174   27.291  20.418  1.00 20.70 ? 107 HOH B O   1 
HETATM 563 O O   . HOH E 2 .  ? 3.828   3.508   -3.677  1.00 17.15 ? 108 HOH B O   1 
HETATM 564 O O   . HOH E 2 .  ? 1.172   17.859  13.519  1.00 16.42 ? 109 HOH B O   1 
HETATM 565 O O   . HOH E 2 .  ? 5.661   4.562   2.418   1.00 13.55 ? 110 HOH B O   1 
HETATM 566 O O   . HOH E 2 .  ? -4.314  -15.912 -5.421  1.00 13.63 ? 111 HOH B O   1 
HETATM 567 O O   . HOH E 2 .  ? 9.098   26.313  25.808  1.00 40.82 ? 112 HOH B O   1 
HETATM 568 O O   . HOH E 2 .  ? 7.376   11.773  1.066   1.00 16.93 ? 113 HOH B O   1 
HETATM 569 O O   . HOH E 2 .  ? -5.659  -27.740 -10.833 1.00 24.87 ? 114 HOH B O   1 
HETATM 570 O O   . HOH E 2 .  ? -3.218  6.922   2.346   1.00 17.63 ? 115 HOH B O   1 
HETATM 571 O O   . HOH E 2 .  ? 6.583   21.239  20.077  1.00 11.45 ? 116 HOH B O   1 
HETATM 572 O O   . HOH E 2 .  ? 3.636   8.487   -0.359  1.00 25.30 ? 117 HOH B O   1 
HETATM 573 O O   . HOH E 2 .  ? 7.633   31.924  22.124  1.00 35.65 ? 118 HOH B O   1 
HETATM 574 O O   . HOH E 2 .  ? -0.467  -19.239 -9.303  1.00 13.57 ? 119 HOH B O   1 
HETATM 575 O O   . HOH E 2 .  ? -0.532  20.267  10.562  1.00 18.75 ? 120 HOH B O   1 
HETATM 576 O O   . HOH E 2 .  ? 0.879   22.325  12.566  1.00 29.96 ? 121 HOH B O   1 
HETATM 577 O O   . HOH E 2 .  ? 5.104   -7.123  -3.752  1.00 20.07 ? 122 HOH B O   1 
HETATM 578 O O   . HOH E 2 .  ? 5.717   -2.747  -1.282  1.00 30.64 ? 123 HOH B O   1 
HETATM 579 O O   . HOH E 2 .  ? -5.600  -24.965 -7.278  1.00 15.77 ? 124 HOH B O   1 
HETATM 580 O O   . HOH E 2 .  ? -9.960  -34.728 -14.162 1.00 28.48 ? 125 HOH B O   1 
HETATM 581 O O   . HOH E 2 .  ? -16.746 -24.154 -13.342 1.00 40.59 ? 126 HOH B O   1 
HETATM 582 O O   . HOH E 2 .  ? -11.577 -23.151 -10.564 1.00 23.29 ? 127 HOH B O   1 
HETATM 583 O O   . HOH F 2 .  ? 0.898   -4.549  -11.132 1.00 32.99 ? 101 HOH C O   1 
HETATM 584 O O   . HOH F 2 .  ? -1.780  -1.410  -10.815 1.00 30.06 ? 102 HOH C O   1 
HETATM 585 O O   . HOH F 2 .  ? -2.098  12.274  11.987  1.00 10.93 ? 103 HOH C O   1 
HETATM 586 O O   . HOH F 2 .  ? 6.295   18.424  19.652  1.00 21.03 ? 104 HOH C O   1 
HETATM 587 O O   . HOH F 2 .  ? 0.077   -22.030 -9.943  1.00 20.95 ? 105 HOH C O   1 
HETATM 588 O O   . HOH F 2 .  ? 12.375  20.491  13.330  1.00 21.82 ? 106 HOH C O   1 
HETATM 589 O O   . HOH F 2 .  ? -5.363  -33.713 -15.037 1.00 15.64 ? 107 HOH C O   1 
HETATM 590 O O   . HOH F 2 .  ? -0.994  16.302  12.624  1.00 16.32 ? 108 HOH C O   1 
HETATM 591 O O   . HOH F 2 .  ? -1.435  9.801   10.531  1.00 20.52 ? 109 HOH C O   1 
HETATM 592 O O   . HOH F 2 .  ? 12.121  21.452  17.588  1.00 17.47 ? 110 HOH C O   1 
HETATM 593 O O   . HOH F 2 .  ? 0.264   -25.102 -13.157 1.00 29.75 ? 111 HOH C O   1 
HETATM 594 O O   . HOH F 2 .  ? -1.831  -28.573 -17.660 1.00 30.19 ? 112 HOH C O   1 
HETATM 595 O O   . HOH F 2 .  ? 5.955   13.785  15.019  1.00 10.07 ? 113 HOH C O   1 
HETATM 596 O O   . HOH F 2 .  ? 5.192   10.999  13.793  1.00 3.53  ? 114 HOH C O   1 
HETATM 597 O O   . HOH F 2 .  ? -2.090  -26.640 -14.112 1.00 15.60 ? 115 HOH C O   1 
HETATM 598 O O   . HOH F 2 .  ? -6.101  3.005   2.295   1.00 24.40 ? 116 HOH C O   1 
HETATM 599 O O   . HOH F 2 .  ? -3.427  -0.950  -6.803  1.00 31.55 ? 117 HOH C O   1 
HETATM 600 O O   . HOH F 2 .  ? -0.547  -16.901 -14.531 1.00 22.25 ? 118 HOH C O   1 
HETATM 601 O O   . HOH F 2 .  ? -1.239  0.103   -7.839  1.00 29.95 ? 119 HOH C O   1 
HETATM 602 O O   . HOH F 2 .  ? -6.137  -30.863 -10.874 1.00 30.25 ? 120 HOH C O   1 
HETATM 603 O O   . HOH F 2 .  ? -0.904  -26.736 -17.311 1.00 28.71 ? 121 HOH C O   1 
HETATM 604 O O   . HOH F 2 .  ? -6.972  -33.314 -10.676 1.00 17.15 ? 122 HOH C O   1 
HETATM 605 O O   . HOH F 2 .  ? -7.511  8.504   5.062   1.00 32.06 ? 123 HOH C O   1 
HETATM 606 O O   . HOH F 2 .  ? -2.625  -27.843 -12.288 1.00 41.67 ? 124 HOH C O   1 
HETATM 607 O O   . HOH F 2 .  ? 3.595   -21.769 -12.594 1.00 20.99 ? 125 HOH C O   1 
HETATM 608 O O   . HOH F 2 .  ? 12.664  36.447  20.631  1.00 23.45 ? 126 HOH C O   1 
# 
loop_
_atom_site_anisotrop.id 
_atom_site_anisotrop.type_symbol 
_atom_site_anisotrop.pdbx_label_atom_id 
_atom_site_anisotrop.pdbx_label_alt_id 
_atom_site_anisotrop.pdbx_label_comp_id 
_atom_site_anisotrop.pdbx_label_asym_id 
_atom_site_anisotrop.pdbx_label_seq_id 
_atom_site_anisotrop.pdbx_PDB_ins_code 
_atom_site_anisotrop.U[1][1] 
_atom_site_anisotrop.U[2][2] 
_atom_site_anisotrop.U[3][3] 
_atom_site_anisotrop.U[1][2] 
_atom_site_anisotrop.U[1][3] 
_atom_site_anisotrop.U[2][3] 
_atom_site_anisotrop.pdbx_auth_seq_id 
_atom_site_anisotrop.pdbx_auth_comp_id 
_atom_site_anisotrop.pdbx_auth_asym_id 
_atom_site_anisotrop.pdbx_auth_atom_id 
1   N N   . PRO A 2  ? 0.6744 0.3684 0.3359 0.0343  0.0514  -0.0480 1  PRO A N   
2   C CA  . PRO A 2  ? 0.5362 0.2629 0.2393 0.0137  0.0448  -0.0386 1  PRO A CA  
3   C C   . PRO A 2  ? 0.4724 0.2548 0.2325 0.0113  0.0594  -0.0310 1  PRO A C   
4   O O   . PRO A 2  ? 0.4540 0.2428 0.2447 0.0091  0.0550  -0.0302 1  PRO A O   
5   C CB  . PRO A 2  ? 0.5433 0.2377 0.2544 -0.0039 0.0145  -0.0384 1  PRO A CB  
6   C CG  . PRO A 2  ? 0.5961 0.2620 0.2981 0.0057  0.0087  -0.0448 1  PRO A CG  
7   C CD  . PRO A 2  ? 0.6366 0.2950 0.2985 0.0302  0.0305  -0.0529 1  PRO A CD  
8   N N   . HYP A 3  ? 0.4495 0.2700 0.2224 0.0122  0.0758  -0.0246 2  HYP A N   
9   C CA  . HYP A 3  ? 0.4191 0.2883 0.2406 0.0102  0.0874  -0.0174 2  HYP A CA  
10  C C   . HYP A 3  ? 0.3557 0.2391 0.2168 -0.0091 0.0737  -0.0114 2  HYP A C   
11  O O   . HYP A 3  ? 0.3932 0.2616 0.2490 -0.0225 0.0596  -0.0096 2  HYP A O   
12  C CB  . HYP A 3  ? 0.4520 0.3533 0.2732 0.0167  0.1066  -0.0107 2  HYP A CB  
13  C CG  . HYP A 3  ? 0.5230 0.3925 0.2919 0.0242  0.1083  -0.0139 2  HYP A CG  
14  C CD  . HYP A 3  ? 0.4893 0.3072 0.2288 0.0172  0.0849  -0.0230 2  HYP A CD  
15  O OD1 . HYP A 3  ? 0.6178 0.4826 0.3600 0.0471  0.1273  -0.0155 2  HYP A OD1 
16  N N   . GLY A 4  ? 0.3170 0.2277 0.2158 -0.0092 0.0784  -0.0078 3  GLY A N   
17  C CA  . GLY A 4  ? 0.2867 0.2099 0.2202 -0.0232 0.0690  -0.0013 3  GLY A CA  
18  C C   . GLY A 4  ? 0.2646 0.2100 0.2084 -0.0342 0.0702  0.0052  3  GLY A C   
19  O O   . GLY A 4  ? 0.2739 0.2321 0.2045 -0.0306 0.0800  0.0060  3  GLY A O   
20  N N   . PRO A 5  ? 0.2408 0.1906 0.2092 -0.0465 0.0609  0.0113  4  PRO A N   
21  C CA  . PRO A 5  ? 0.2355 0.2054 0.2158 -0.0571 0.0612  0.0177  4  PRO A CA  
22  C C   . PRO A 5  ? 0.1987 0.2006 0.1989 -0.0530 0.0717  0.0206  4  PRO A C   
23  O O   . PRO A 5  ? 0.1912 0.1993 0.2001 -0.0431 0.0772  0.0184  4  PRO A O   
24  C CB  . PRO A 5  ? 0.3402 0.3001 0.3394 -0.0684 0.0488  0.0240  4  PRO A CB  
25  C CG  . PRO A 5  ? 0.2054 0.1553 0.2165 -0.0612 0.0474  0.0234  4  PRO A CG  
26  C CD  . PRO A 5  ? 0.2741 0.2099 0.2612 -0.0502 0.0507  0.0145  4  PRO A CD  
27  N N   . HYP A 6  ? 0.2671 0.2876 0.2748 -0.0610 0.0726  0.0261  5  HYP A N   
28  C CA  . HYP A 6  ? 0.1687 0.2161 0.1965 -0.0598 0.0776  0.0302  5  HYP A CA  
29  C C   . HYP A 6  ? 0.1498 0.1944 0.1954 -0.0601 0.0720  0.0312  5  HYP A C   
30  O O   . HYP A 6  ? 0.1473 0.1755 0.1946 -0.0634 0.0629  0.0324  5  HYP A O   
31  C CB  . HYP A 6  ? 0.2067 0.2689 0.2391 -0.0679 0.0750  0.0371  5  HYP A CB  
32  C CG  . HYP A 6  ? 0.2091 0.2563 0.2181 -0.0740 0.0752  0.0360  5  HYP A CG  
33  C CD  . HYP A 6  ? 0.2011 0.2184 0.1953 -0.0701 0.0696  0.0288  5  HYP A CD  
34  O OD1 . HYP A 6  ? 0.3501 0.4078 0.3448 -0.0660 0.0866  0.0376  5  HYP A OD1 
35  N N   . GLY A 7  ? 0.1402 0.2001 0.1962 -0.0530 0.0736  0.0317  6  GLY A N   
36  C CA  . GLY A 7  ? 0.1826 0.2365 0.2464 -0.0500 0.0672  0.0316  6  GLY A CA  
37  C C   . GLY A 7  ? 0.1630 0.2129 0.2255 -0.0583 0.0554  0.0347  6  GLY A C   
38  O O   . GLY A 7  ? 0.1377 0.1917 0.2032 -0.0610 0.0501  0.0399  6  GLY A O   
39  N N   . PRO A 8  ? 0.1223 0.1596 0.1860 -0.0540 0.0524  0.0346  7  PRO A N   
40  C CA  . PRO A 8  ? 0.1655 0.1934 0.2231 -0.0593 0.0447  0.0357  7  PRO A CA  
41  C C   . PRO A 8  ? 0.1928 0.2282 0.2548 -0.0650 0.0445  0.0344  7  PRO A C   
42  O O   . PRO A 8  ? 0.1235 0.1751 0.1956 -0.0634 0.0465  0.0366  7  PRO A O   
43  C CB  . PRO A 8  ? 0.1620 0.1750 0.2222 -0.0484 0.0469  0.0384  7  PRO A CB  
44  C CG  . PRO A 8  ? 0.1210 0.1333 0.1873 -0.0391 0.0544  0.0370  7  PRO A CG  
45  C CD  . PRO A 8  ? 0.1201 0.1499 0.1892 -0.0421 0.0588  0.0339  7  PRO A CD  
46  N N   . HYP A 9  ? 0.1479 0.1591 0.2136 -0.0749 0.0363  -0.0360 8  HYP A N   
47  C CA  . HYP A 9  ? 0.1749 0.2066 0.2163 -0.0953 0.0265  -0.0618 8  HYP A CA  
48  C C   . HYP A 9  ? 0.2003 0.2618 0.2270 -0.1206 0.0278  -0.0815 8  HYP A C   
49  O O   . HYP A 9  ? 0.2421 0.2599 0.2110 -0.1175 0.0580  -0.0873 8  HYP A O   
50  C CB  . HYP A 9  ? 0.2101 0.1864 0.2502 -0.0828 0.0232  -0.0966 8  HYP A CB  
51  C CG  . HYP A 9  ? 0.2008 0.1957 0.2643 -0.0906 0.0229  -0.0911 8  HYP A CG  
52  C CD  . HYP A 9  ? 0.1941 0.1764 0.2338 -0.0970 0.0382  -0.0548 8  HYP A CD  
53  O OD1 . HYP A 9  ? 0.1849 0.2003 0.2733 -0.0737 0.0297  -0.1118 8  HYP A OD1 
54  N N   . GLY A 10 ? 0.2976 0.3633 0.2276 -0.1537 0.0605  -0.1057 9  GLY A N   
55  C CA  . GLY A 10 ? 0.3046 0.3260 0.2182 -0.1421 0.0671  -0.0977 9  GLY A CA  
56  C C   . GLY A 10 ? 0.3052 0.3168 0.2258 -0.1292 0.0574  -0.0927 9  GLY A C   
57  O O   . GLY A 10 ? 0.2985 0.3351 0.2370 -0.1261 0.0386  -0.0900 9  GLY A O   
58  N N   . ASP A 11 ? 0.3221 0.2980 0.2301 -0.1221 0.0697  -0.0922 10 ASP A N   
59  C CA  . ASP A 11 ? 0.3169 0.2827 0.2301 -0.1092 0.0620  -0.0896 10 ASP A CA  
60  C C   . ASP A 11 ? 0.3099 0.2731 0.2216 -0.0975 0.0343  -0.0705 10 ASP A C   
61  O O   . ASP A 11 ? 0.3060 0.2637 0.2037 -0.0987 0.0255  -0.0562 10 ASP A O   
62  C CB  . ASP A 11 ? 0.3304 0.2589 0.2252 -0.1062 0.0803  -0.0907 10 ASP A CB  
63  C CG  . ASP A 11 ? 0.4063 0.3368 0.3039 -0.1187 0.1056  -0.1075 10 ASP A CG  
64  O OD1 . ASP A 11 ? 0.5632 0.4639 0.4435 -0.1223 0.1214  -0.1060 10 ASP A OD1 
65  O OD2 . ASP A 11 ? 0.3383 0.3004 0.2563 -0.1261 0.1084  -0.1212 10 ASP A OD2 
66  N N   . ASP A 12 ? 0.3091 0.2770 0.2375 -0.0863 0.0200  -0.0711 11 ASP A N   
67  C CA  . ASP A 12 ? 0.3138 0.2726 0.2421 -0.0737 -0.0070 -0.0528 11 ASP A CA  
68  C C   . ASP A 12 ? 0.3125 0.2295 0.2124 -0.0663 -0.0007 -0.0417 11 ASP A C   
69  O O   . ASP A 12 ? 0.3226 0.2176 0.2089 -0.0674 0.0219  -0.0503 11 ASP A O   
70  C CB  . ASP A 12 ? 0.3048 0.2758 0.2622 -0.0622 -0.0236 -0.0594 11 ASP A CB  
71  C CG  . ASP A 12 ? 0.3551 0.3671 0.3437 -0.0686 -0.0375 -0.0653 11 ASP A CG  
72  O OD1 . ASP A 12 ? 0.3878 0.4139 0.4054 -0.0618 -0.0444 -0.0780 11 ASP A OD1 
73  O OD2 . ASP A 12 ? 0.4209 0.4523 0.4058 -0.0810 -0.0419 -0.0580 11 ASP A OD2 
74  N N   . GLY A 13 ? 0.3082 0.2153 0.1990 -0.0602 -0.0217 -0.0211 12 GLY A N   
75  C CA  . GLY A 13 ? 0.3143 0.1828 0.1788 -0.0534 -0.0184 -0.0086 12 GLY A CA  
76  C C   . GLY A 13 ? 0.3231 0.1691 0.1877 -0.0403 -0.0182 -0.0127 12 GLY A C   
77  O O   . GLY A 13 ? 0.3241 0.1863 0.2117 -0.0354 -0.0211 -0.0269 12 GLY A O   
78  N N   . PRO A 14 ? 0.3427 0.1525 0.1824 -0.0346 -0.0146 -0.0014 13 PRO A N   
79  C CA  . PRO A 14 ? 0.3798 0.1687 0.2166 -0.0226 -0.0153 -0.0047 13 PRO A CA  
80  C C   . PRO A 14 ? 0.3390 0.1350 0.1963 -0.0084 -0.0465 0.0023  13 PRO A C   
81  O O   . PRO A 14 ? 0.3292 0.1380 0.1954 -0.0081 -0.0696 0.0170  13 PRO A O   
82  C CB  . PRO A 14 ? 0.3928 0.1417 0.1964 -0.0223 -0.0065 0.0096  13 PRO A CB  
83  C CG  . PRO A 14 ? 0.4393 0.1935 0.2344 -0.0342 0.0035  0.0147  13 PRO A CG  
84  C CD  . PRO A 14 ? 0.3304 0.1185 0.1446 -0.0392 -0.0102 0.0140  13 PRO A CD  
85  N N   . SER A 15 ? 0.3535 0.2604 0.2586 -0.0562 0.0143  0.0191  14 SER A N   
86  C CA  . SER A 15 ? 0.2168 0.1869 0.1770 -0.0459 0.0184  0.0046  14 SER A CA  
87  C C   . SER A 15 ? 0.1947 0.1691 0.1710 -0.0151 0.0181  0.0111  14 SER A C   
88  O O   . SER A 15 ? 0.2333 0.1864 0.1863 -0.0062 0.0169  0.0263  14 SER A O   
89  C CB  . SER A 15 ? 0.2184 0.2437 0.1955 -0.0689 0.0223  -0.0041 14 SER A CB  
90  O OG  . SER A 15 ? 0.4083 0.4596 0.3917 -0.0918 0.0237  -0.0144 14 SER A OG  
91  N N   . GLY A 16 ? 0.1516 0.1558 0.1666 0.0002  0.0179  0.0012  15 GLY A N   
92  C CA  . GLY A 16 ? 0.1293 0.1474 0.1618 0.0232  0.0158  0.0083  15 GLY A CA  
93  C C   . GLY A 16 ? 0.1203 0.1702 0.1598 0.0151  0.0163  0.0096  15 GLY A C   
94  O O   . GLY A 16 ? 0.1245 0.1926 0.1618 -0.0059 0.0191  0.0014  15 GLY A O   
95  N N   . ALA A 17 ? 0.1372 0.1979 0.1843 0.0315  0.0128  0.0211  16 ALA A N   
96  C CA  . ALA A 17 ? 0.1080 0.1975 0.1592 0.0233  0.0117  0.0241  16 ALA A CA  
97  C C   . ALA A 17 ? 0.0774 0.1998 0.1549 0.0126  0.0107  0.0029  16 ALA A C   
98  O O   . ALA A 17 ? 0.0837 0.2102 0.1816 0.0178  0.0091  -0.0103 16 ALA A O   
99  C CB  . ALA A 17 ? 0.0991 0.1984 0.1522 0.0410  0.0069  0.0436  16 ALA A CB  
100 N N   . GLU A 18 ? 0.0814 0.2252 0.1549 -0.0009 0.0114  -0.0003 17 GLU A N   
101 C CA  . GLU A 18 ? 0.0668 0.2364 0.1570 -0.0061 0.0095  -0.0201 17 GLU A CA  
102 C C   . GLU A 18 ? 0.1158 0.2769 0.2165 0.0055  -0.0002 -0.0170 17 GLU A C   
103 O O   . GLU A 18 ? 0.0830 0.2416 0.1813 0.0125  -0.0049 0.0020  17 GLU A O   
104 C CB  . GLU A 18 ? 0.0799 0.2692 0.1571 -0.0211 0.0113  -0.0216 17 GLU A CB  
105 C CG  . GLU A 18 ? 0.0781 0.2844 0.1611 -0.0236 0.0091  -0.0436 17 GLU A CG  
106 C CD  . GLU A 18 ? 0.1700 0.4001 0.2385 -0.0391 0.0122  -0.0466 17 GLU A CD  
107 O OE1 . GLU A 18 ? 0.1881 0.4303 0.2473 -0.0491 0.0201  -0.0528 17 GLU A OE1 
108 O OE2 . GLU A 18 ? 0.2622 0.4943 0.3233 -0.0422 0.0052  -0.0406 17 GLU A OE2 
109 N N   . GLY A 19 ? 0.0558 0.2051 0.1585 0.0069  -0.0032 -0.0322 18 GLY A N   
110 C CA  . GLY A 19 ? 0.0535 0.1878 0.1580 0.0119  -0.0121 -0.0277 18 GLY A CA  
111 C C   . GLY A 19 ? 0.0838 0.2327 0.1869 0.0056  -0.0207 -0.0194 18 GLY A C   
112 O O   . GLY A 19 ? 0.0642 0.2355 0.1606 -0.0035 -0.0193 -0.0205 18 GLY A O   
113 N N   . PRO A 20 ? 0.1154 0.2317 0.2007 -0.0156 -0.0051 -0.0248 19 PRO A N   
114 C CA  . PRO A 20 ? 0.0753 0.1970 0.1758 -0.0133 -0.0063 -0.0360 19 PRO A CA  
115 C C   . PRO A 20 ? 0.0994 0.2057 0.1877 -0.0113 -0.0078 -0.0214 19 PRO A C   
116 O O   . PRO A 20 ? 0.1506 0.2455 0.2202 -0.0145 -0.0048 -0.0042 19 PRO A O   
117 C CB  . PRO A 20 ? 0.0912 0.2327 0.2004 -0.0277 0.0067  -0.0487 19 PRO A CB  
118 C CG  . PRO A 20 ? 0.1492 0.2884 0.2383 -0.0392 0.0155  -0.0362 19 PRO A CG  
119 C CD  . PRO A 20 ? 0.1300 0.2582 0.2102 -0.0305 0.0076  -0.0271 19 PRO A CD  
120 N N   . HYP A 21 ? 0.0751 0.1811 0.1750 -0.0058 -0.0126 -0.0291 20 HYP A N   
121 C CA  . HYP A 21 ? 0.1192 0.2116 0.2089 -0.0038 -0.0138 -0.0175 20 HYP A CA  
122 C C   . HYP A 21 ? 0.0942 0.1885 0.1748 -0.0171 -0.0024 -0.0105 20 HYP A C   
123 O O   . HYP A 21 ? 0.0830 0.1918 0.1691 -0.0287 0.0065  -0.0186 20 HYP A O   
124 C CB  . HYP A 21 ? 0.1346 0.2276 0.2400 0.0039  -0.0217 -0.0297 20 HYP A CB  
125 C CG  . HYP A 21 ? 0.0784 0.1828 0.2033 0.0091  -0.0283 -0.0469 20 HYP A CG  
126 C CD  . HYP A 21 ? 0.0737 0.1891 0.1971 0.0016  -0.0205 -0.0484 20 HYP A CD  
127 O OD1 . HYP A 21 ? 0.1253 0.2155 0.2466 0.0214  -0.0422 -0.0430 20 HYP A OD1 
128 N N   . GLY A 22 ? 0.0821 0.1616 0.1487 -0.0159 -0.0031 0.0042  21 GLY A N   
129 C CA  . GLY A 22 ? 0.1231 0.2007 0.1804 -0.0280 0.0049  0.0122  21 GLY A CA  
130 C C   . GLY A 22 ? 0.0911 0.1768 0.1599 -0.0342 0.0083  0.0020  21 GLY A C   
131 O O   . GLY A 22 ? 0.0883 0.1827 0.1743 -0.0290 0.0049  -0.0127 21 GLY A O   
132 N N   . PRO A 23 ? 0.1261 0.2080 0.1859 -0.0456 0.0141  0.0098  22 PRO A N   
133 C CA  . PRO A 23 ? 0.1165 0.2039 0.1852 -0.0526 0.0169  0.0023  22 PRO A CA  
134 C C   . PRO A 23 ? 0.1009 0.1774 0.1734 -0.0406 0.0086  0.0030  22 PRO A C   
135 O O   . PRO A 23 ? 0.1672 0.2300 0.2308 -0.0296 0.0023  0.0126  22 PRO A O   
136 C CB  . PRO A 23 ? 0.1137 0.1948 0.1668 -0.0678 0.0229  0.0143  22 PRO A CB  
137 C CG  . PRO A 23 ? 0.2353 0.3092 0.2729 -0.0688 0.0233  0.0266  22 PRO A CG  
138 C CD  . PRO A 23 ? 0.1036 0.1737 0.1442 -0.0521 0.0164  0.0268  22 PRO A CD  
139 N N   . HYP A 24 ? 0.1030 0.1859 0.1885 -0.0431 0.0088  -0.0073 23 HYP A N   
140 C CA  . HYP A 24 ? 0.1245 0.1964 0.2127 -0.0328 0.0009  -0.0071 23 HYP A CA  
141 C C   . HYP A 24 ? 0.1098 0.1636 0.1814 -0.0328 -0.0007 0.0091  23 HYP A C   
142 O O   . HYP A 24 ? 0.1833 0.2347 0.2453 -0.0445 0.0046  0.0177  23 HYP A O   
143 C CB  . HYP A 24 ? 0.1052 0.1889 0.2113 -0.0380 0.0021  -0.0215 23 HYP A CB  
144 C CG  . HYP A 24 ? 0.1934 0.2982 0.3106 -0.0491 0.0108  -0.0335 23 HYP A CG  
145 C CD  . HYP A 24 ? 0.1049 0.2082 0.2065 -0.0540 0.0157  -0.0232 23 HYP A CD  
146 O OD1 . HYP A 24 ? 0.2915 0.4072 0.4280 -0.0398 0.0059  -0.0493 23 HYP A OD1 
147 N N   . GLY A 25 ? 0.1067 0.1478 0.1749 -0.0199 -0.0084 0.0127  24 GLY A N   
148 C CA  . GLY A 25 ? 0.1115 0.1366 0.1668 -0.0180 -0.0103 0.0257  24 GLY A CA  
149 C C   . GLY A 25 ? 0.1197 0.1418 0.1770 -0.0265 -0.0093 0.0259  24 GLY A C   
150 O O   . GLY A 25 ? 0.1215 0.1546 0.1904 -0.0341 -0.0067 0.0157  24 GLY A O   
151 N N   . PRO A 26 ? 0.1397 0.1473 0.1866 -0.0257 -0.0117 0.0371  25 PRO A N   
152 C CA  . PRO A 26 ? 0.2046 0.2060 0.2528 -0.0328 -0.0129 0.0383  25 PRO A CA  
153 C C   . PRO A 26 ? 0.1497 0.1510 0.2082 -0.0255 -0.0179 0.0280  25 PRO A C   
154 O O   . PRO A 26 ? 0.2074 0.2087 0.2686 -0.0133 -0.0218 0.0226  25 PRO A O   
155 C CB  . PRO A 26 ? 0.1658 0.1507 0.2021 -0.0294 -0.0165 0.0516  25 PRO A CB  
156 C CG  . PRO A 26 ? 0.1334 0.1185 0.1623 -0.0246 -0.0148 0.0581  25 PRO A CG  
157 C CD  . PRO A 26 ? 0.2167 0.2130 0.2519 -0.0178 -0.0138 0.0485  25 PRO A CD  
158 N N   . HYP A 27 ? 0.2009 0.1347 0.2203 -0.0335 -0.0100 0.0206  26 HYP A N   
159 C CA  . HYP A 27 ? 0.2465 0.1450 0.2575 -0.0365 -0.0291 0.0274  26 HYP A CA  
160 C C   . HYP A 27 ? 0.3910 0.1175 0.2715 -0.0353 -0.1003 0.0113  26 HYP A C   
161 O O   . HYP A 27 ? 0.2752 0.1182 0.2804 0.0143  -0.1162 0.0344  26 HYP A O   
162 C CB  . HYP A 27 ? 0.2326 0.1458 0.3092 -0.0394 -0.0306 0.0264  26 HYP A CB  
163 C CG  . HYP A 27 ? 0.2584 0.1471 0.3076 -0.0255 -0.0658 0.0429  26 HYP A CG  
164 C CD  . HYP A 27 ? 0.2272 0.1444 0.2525 -0.0434 -0.0456 0.0306  26 HYP A CD  
165 O OD1 . HYP A 27 ? 0.2231 0.1472 0.3283 0.0221  -0.0729 0.0583  26 HYP A OD1 
166 N N   . GLY A 28 ? 0.3600 0.1359 0.2837 -0.0075 -0.1386 0.0015  27 GLY A N   
167 C CA  . GLY A 28 ? 0.3803 0.1194 0.2745 0.0240  -0.1288 -0.0089 27 GLY A CA  
168 C C   . GLY A 28 ? 0.4314 0.1361 0.3084 0.0092  -0.1465 -0.0223 27 GLY A C   
169 O O   . GLY A 28 ? 0.4420 0.1517 0.3244 -0.0248 -0.1619 -0.0193 27 GLY A O   
170 N N   . NH2 A 29 ? 0.5864 0.2712 0.4473 0.0337  -0.1385 -0.0354 28 NH2 A N   
171 C C   . ACE B 1  ? 0.2788 0.2645 0.4179 -0.0554 -0.0242 0.0129  0  ACE B C   
172 O O   . ACE B 1  ? 0.1822 0.1885 0.3375 -0.0562 -0.0172 0.0140  0  ACE B O   
173 C CH3 . ACE B 1  ? 0.2278 0.1899 0.3600 -0.0554 -0.0386 0.0099  0  ACE B CH3 
174 N N   . PRO B 2  ? 0.2011 0.1835 0.3272 -0.0540 -0.0195 0.0144  1  PRO B N   
175 C CA  . PRO B 2  ? 0.2686 0.2693 0.3959 -0.0533 -0.0056 0.0163  1  PRO B CA  
176 C C   . PRO B 2  ? 0.1795 0.1891 0.3079 -0.0420 0.0015  0.0061  1  PRO B C   
177 O O   . PRO B 2  ? 0.1844 0.1842 0.3091 -0.0343 -0.0048 -0.0020 1  PRO B O   
178 C CB  . PRO B 2  ? 0.2121 0.2015 0.3216 -0.0556 -0.0062 0.0205  1  PRO B CB  
179 C CG  . PRO B 2  ? 0.2697 0.2372 0.3679 -0.0506 -0.0178 0.0156  1  PRO B CG  
180 C CD  . PRO B 2  ? 0.2781 0.2383 0.3857 -0.0516 -0.0270 0.0138  1  PRO B CD  
181 N N   . HYP B 3  ? 0.1749 0.2017 0.3074 -0.0406 0.0149  0.0067  2  HYP B N   
182 C CA  . HYP B 3  ? 0.1620 0.1950 0.2935 -0.0305 0.0220  -0.0029 2  HYP B CA  
183 C C   . HYP B 3  ? 0.1663 0.1859 0.2780 -0.0256 0.0197  -0.0084 2  HYP B C   
184 O O   . HYP B 3  ? 0.1805 0.1902 0.2787 -0.0300 0.0165  -0.0037 2  HYP B O   
185 C CB  . HYP B 3  ? 0.1844 0.2357 0.3218 -0.0306 0.0375  0.0004  2  HYP B CB  
186 C CG  . HYP B 3  ? 0.1722 0.2315 0.3179 -0.0409 0.0386  0.0131  2  HYP B CG  
187 C CD  . HYP B 3  ? 0.1838 0.2258 0.3235 -0.0481 0.0240  0.0170  2  HYP B CD  
188 O OD1 . HYP B 3  ? 0.1621 0.2376 0.3296 -0.0422 0.0408  0.0168  2  HYP B OD1 
189 N N   . GLY B 4  ? 0.1851 0.2052 0.2956 -0.0168 0.0206  -0.0175 3  GLY B N   
190 C CA  . GLY B 4  ? 0.1576 0.1675 0.2508 -0.0125 0.0177  -0.0219 3  GLY B CA  
191 C C   . GLY B 4  ? 0.1689 0.1811 0.2475 -0.0144 0.0277  -0.0213 3  GLY B C   
192 O O   . GLY B 4  ? 0.1736 0.1958 0.2558 -0.0173 0.0384  -0.0180 3  GLY B O   
193 N N   . PRO B 5  ? 0.2084 0.2113 0.2696 -0.0127 0.0243  -0.0237 4  PRO B N   
194 C CA  . PRO B 5  ? 0.1877 0.1904 0.2315 -0.0145 0.0329  -0.0244 4  PRO B CA  
195 C C   . PRO B 5  ? 0.1813 0.1911 0.2275 -0.0091 0.0428  -0.0320 4  PRO B C   
196 O O   . PRO B 5  ? 0.2267 0.2403 0.2863 -0.0032 0.0404  -0.0373 4  PRO B O   
197 C CB  . PRO B 5  ? 0.2312 0.2228 0.2586 -0.0141 0.0239  -0.0248 4  PRO B CB  
198 C CG  . PRO B 5  ? 0.2714 0.2569 0.3072 -0.0127 0.0117  -0.0215 4  PRO B CG  
199 C CD  . PRO B 5  ? 0.1719 0.1641 0.2281 -0.0092 0.0121  -0.0248 4  PRO B CD  
200 N N   . HYP B 6  ? 0.1954 0.2059 0.2280 -0.0105 0.0540  -0.0326 5  HYP B N   
201 C CA  . HYP B 6  ? 0.2644 0.2775 0.2953 -0.0047 0.0638  -0.0402 5  HYP B CA  
202 C C   . HYP B 6  ? 0.1885 0.1933 0.2110 -0.0010 0.0562  -0.0477 5  HYP B C   
203 O O   . HYP B 6  ? 0.1925 0.1893 0.2038 -0.0038 0.0462  -0.0459 5  HYP B O   
204 C CB  . HYP B 6  ? 0.2154 0.2270 0.2283 -0.0070 0.0769  -0.0391 5  HYP B CB  
205 C CG  . HYP B 6  ? 0.2268 0.2387 0.2351 -0.0148 0.0749  -0.0292 5  HYP B CG  
206 C CD  . HYP B 6  ? 0.2251 0.2342 0.2440 -0.0173 0.0596  -0.0256 5  HYP B CD  
207 O OD1 . HYP B 6  ? 0.3945 0.4191 0.4159 -0.0155 0.0851  -0.0229 5  HYP B OD1 
208 N N   . GLY B 7  ? 0.1797 0.1875 0.2087 0.0053  0.0609  -0.0547 6  GLY B N   
209 C CA  . GLY B 7  ? 0.1761 0.1769 0.1971 0.0083  0.0544  -0.0611 6  GLY B CA  
210 C C   . GLY B 7  ? 0.1986 0.1870 0.1908 0.0035  0.0555  -0.0625 6  GLY B C   
211 O O   . GLY B 7  ? 0.2172 0.2026 0.1957 -0.0001 0.0647  -0.0605 6  GLY B O   
212 N N   . PRO B 8  ? 0.2550 0.2935 0.2855 -0.0519 0.0401  0.0118  7  PRO B N   
213 C CA  . PRO B 8  ? 0.1296 0.1764 0.1790 -0.0552 0.0236  0.0114  7  PRO B CA  
214 C C   . PRO B 8  ? 0.1566 0.1742 0.1456 -0.0511 0.0180  0.0176  7  PRO B C   
215 O O   . PRO B 8  ? 0.1749 0.1659 0.1174 -0.0526 0.0333  0.0180  7  PRO B O   
216 C CB  . PRO B 8  ? 0.1523 0.2022 0.2478 -0.0737 0.0379  -0.0039 7  PRO B CB  
217 C CG  . PRO B 8  ? 0.3022 0.3283 0.3697 -0.0796 0.0681  -0.0097 7  PRO B CG  
218 C CD  . PRO B 8  ? 0.1851 0.2103 0.2235 -0.0660 0.0669  -0.0019 7  PRO B CD  
219 N N   . HYP B 9  ? 0.1597 0.1788 0.1457 -0.0450 -0.0042 0.0225  8  HYP B N   
220 C CA  . HYP B 9  ? 0.1887 0.1773 0.1167 -0.0406 -0.0095 0.0274  8  HYP B CA  
221 C C   . HYP B 9  ? 0.2134 0.1810 0.1347 -0.0581 0.0036  0.0146  8  HYP B C   
222 O O   . HYP B 9  ? 0.2096 0.1889 0.1822 -0.0729 0.0096  0.0024  8  HYP B O   
223 C CB  . HYP B 9  ? 0.2351 0.2254 0.1617 -0.0300 -0.0367 0.0331  8  HYP B CB  
224 C CG  . HYP B 9  ? 0.1676 0.1932 0.1491 -0.0249 -0.0464 0.0358  8  HYP B CG  
225 C CD  . HYP B 9  ? 0.1808 0.2264 0.2088 -0.0380 -0.0264 0.0259  8  HYP B CD  
226 O OD1 . HYP B 9  ? 0.1539 0.1825 0.1128 -0.0052 -0.0481 0.0531  8  HYP B OD1 
227 N N   . GLY B 10 ? 0.2388 0.1752 0.1014 -0.0559 0.0096  0.0185  9  GLY B N   
228 C CA  . GLY B 10 ? 0.2637 0.1775 0.1159 -0.0712 0.0249  0.0083  9  GLY B CA  
229 C C   . GLY B 10 ? 0.2790 0.1901 0.1616 -0.0822 0.0101  -0.0021 9  GLY B C   
230 O O   . GLY B 10 ? 0.2739 0.1987 0.1828 -0.0779 -0.0157 -0.0025 9  GLY B O   
231 N N   . ASP B 11 ? 0.3015 0.1922 0.1804 -0.0961 0.0255  -0.0103 10 ASP B N   
232 C CA  . ASP B 11 ? 0.3663 0.2497 0.2770 -0.1079 0.0113  -0.0207 10 ASP B CA  
233 C C   . ASP B 11 ? 0.3461 0.2057 0.2058 -0.0975 -0.0163 -0.0168 10 ASP B C   
234 O O   . ASP B 11 ? 0.3533 0.1968 0.1484 -0.0830 -0.0150 -0.0056 10 ASP B O   
235 C CB  . ASP B 11 ? 0.4490 0.3138 0.3677 -0.1243 0.0391  -0.0283 10 ASP B CB  
236 C CG  . ASP B 11 ? 0.5518 0.4351 0.5559 -0.1404 0.0504  -0.0389 10 ASP B CG  
237 O OD1 . ASP B 11 ? 0.5244 0.4367 0.5825 -0.1396 0.0348  -0.0407 10 ASP B OD1 
238 O OD2 . ASP B 11 ? 0.4388 0.3123 0.4575 -0.1468 0.0731  -0.0422 10 ASP B OD2 
239 N N   . ASP B 12 ? 0.3640 0.2184 0.2546 -0.1043 -0.0417 -0.0262 11 ASP B N   
240 C CA  . ASP B 12 ? 0.4479 0.2692 0.2849 -0.0964 -0.0666 -0.0259 11 ASP B CA  
241 C C   . ASP B 12 ? 0.4243 0.2149 0.2128 -0.1009 -0.0454 -0.0255 11 ASP B C   
242 O O   . ASP B 12 ? 0.4231 0.2138 0.2419 -0.1170 -0.0218 -0.0320 11 ASP B O   
243 C CB  . ASP B 12 ? 0.4577 0.2749 0.3423 -0.1052 -0.1008 -0.0387 11 ASP B CB  
244 C CG  . ASP B 12 ? 0.4158 0.2488 0.3187 -0.0941 -0.1328 -0.0365 11 ASP B CG  
245 O OD1 . ASP B 12 ? 0.5546 0.4209 0.4892 -0.0910 -0.1218 -0.0309 11 ASP B OD1 
246 O OD2 . ASP B 12 ? 0.6212 0.4304 0.5047 -0.0878 -0.1699 -0.0407 11 ASP B OD2 
247 N N   . GLY B 13 ? 0.4518 0.2142 0.1645 -0.0858 -0.0519 -0.0168 12 GLY B N   
248 C CA  . GLY B 13 ? 0.4670 0.2026 0.1356 -0.0870 -0.0325 -0.0139 12 GLY B CA  
249 C C   . GLY B 13 ? 0.5012 0.2119 0.1818 -0.1031 -0.0427 -0.0285 12 GLY B C   
250 O O   . GLY B 13 ? 0.5072 0.2243 0.2407 -0.1117 -0.0672 -0.0398 12 GLY B O   
251 N N   . PRO B 14 ? 0.3301 0.2758 0.1969 -0.0778 0.0358  0.0138  13 PRO B N   
252 C CA  . PRO B 14 ? 0.3378 0.2763 0.2078 -0.0735 0.0381  0.0169  13 PRO B CA  
253 C C   . PRO B 14 ? 0.2225 0.1647 0.0950 -0.0735 0.0327  0.0189  13 PRO B C   
254 O O   . PRO B 14 ? 0.2181 0.1717 0.0883 -0.0753 0.0267  0.0178  13 PRO B O   
255 C CB  . PRO B 14 ? 0.3002 0.2446 0.1639 -0.0674 0.0394  0.0171  13 PRO B CB  
256 C CG  . PRO B 14 ? 0.3008 0.2604 0.1605 -0.0670 0.0346  0.0150  13 PRO B CG  
257 C CD  . PRO B 14 ? 0.2282 0.1863 0.0893 -0.0743 0.0338  0.0125  13 PRO B CD  
258 N N   . SER B 15 ? 0.2621 0.1945 0.1410 -0.0713 0.0348  0.0217  14 SER B N   
259 C CA  . SER B 15 ? 0.2727 0.2070 0.1544 -0.0714 0.0299  0.0238  14 SER B CA  
260 C C   . SER B 15 ? 0.2162 0.1633 0.0881 -0.0674 0.0259  0.0233  14 SER B C   
261 O O   . SER B 15 ? 0.2224 0.1727 0.0887 -0.0620 0.0282  0.0227  14 SER B O   
262 C CB  . SER B 15 ? 0.2176 0.1391 0.1106 -0.0685 0.0328  0.0265  14 SER B CB  
263 O OG  . SER B 15 ? 0.3435 0.2594 0.2526 -0.0700 0.0325  0.0266  14 SER B OG  
264 N N   . GLY B 16 ? 0.2111 0.1666 0.0835 -0.0691 0.0195  0.0234  15 GLY B N   
265 C CA  . GLY B 16 ? 0.2085 0.1761 0.0761 -0.0633 0.0153  0.0223  15 GLY B CA  
266 C C   . GLY B 16 ? 0.2127 0.1721 0.0777 -0.0580 0.0184  0.0248  15 GLY B C   
267 O O   . GLY B 16 ? 0.2164 0.1599 0.0859 -0.0588 0.0233  0.0275  15 GLY B O   
268 N N   . ALA B 17 ? 0.2115 0.1814 0.0723 -0.0513 0.0156  0.0234  16 ALA B N   
269 C CA  . ALA B 17 ? 0.2167 0.1789 0.0733 -0.0459 0.0183  0.0256  16 ALA B CA  
270 C C   . ALA B 17 ? 0.2132 0.1683 0.0814 -0.0459 0.0157  0.0262  16 ALA B C   
271 O O   . ALA B 17 ? 0.3040 0.2642 0.1770 -0.0506 0.0107  0.0254  16 ALA B O   
272 C CB  . ALA B 17 ? 0.2253 0.2018 0.0785 -0.0376 0.0153  0.0236  16 ALA B CB  
273 N N   A GLU B 18 ? 0.2161 0.1598 0.0902 -0.0404 0.0190  0.0275  17 GLU B N   
274 N N   B GLU B 18 ? 0.2161 0.1598 0.0901 -0.0404 0.0190  0.0275  17 GLU B N   
275 C CA  A GLU B 18 ? 0.2199 0.1572 0.1059 -0.0394 0.0167  0.0277  17 GLU B CA  
276 C CA  B GLU B 18 ? 0.2131 0.1505 0.0989 -0.0392 0.0167  0.0277  17 GLU B CA  
277 C C   A GLU B 18 ? 0.2288 0.1788 0.1124 -0.0375 0.0101  0.0254  17 GLU B C   
278 C C   B GLU B 18 ? 0.2135 0.1639 0.0969 -0.0377 0.0101  0.0253  17 GLU B C   
279 O O   A GLU B 18 ? 0.2110 0.1717 0.0844 -0.0336 0.0089  0.0239  17 GLU B O   
280 O O   B GLU B 18 ? 0.2106 0.1724 0.0837 -0.0341 0.0085  0.0239  17 GLU B O   
281 C CB  A GLU B 18 ? 0.3092 0.2327 0.1999 -0.0333 0.0216  0.0294  17 GLU B CB  
282 C CB  B GLU B 18 ? 0.2656 0.1900 0.1554 -0.0328 0.0214  0.0293  17 GLU B CB  
283 C CG  A GLU B 18 ? 0.2160 0.1337 0.1172 -0.0311 0.0192  0.0293  17 GLU B CG  
284 C CG  B GLU B 18 ? 0.2208 0.1301 0.1179 -0.0350 0.0277  0.0315  17 GLU B CG  
285 C CD  A GLU B 18 ? 0.2209 0.1233 0.1281 -0.0268 0.0247  0.0315  17 GLU B CD  
286 C CD  B GLU B 18 ? 0.2979 0.2066 0.1858 -0.0357 0.0331  0.0322  17 GLU B CD  
287 O OE1 A GLU B 18 ? 0.2838 0.1770 0.1929 -0.0286 0.0300  0.0333  17 GLU B OE1 
288 O OE1 B GLU B 18 ? 0.2911 0.2116 0.1677 -0.0368 0.0314  0.0309  17 GLU B OE1 
289 O OE2 A GLU B 18 ? 0.2227 0.1219 0.1322 -0.0218 0.0238  0.0311  17 GLU B OE2 
290 O OE2 B GLU B 18 ? 0.2299 0.1262 0.1218 -0.0354 0.0391  0.0338  17 GLU B OE2 
291 N N   . GLY B 19 ? 0.2195 0.1688 0.1129 -0.0406 0.0060  0.0249  18 GLY B N   
292 C CA  . GLY B 19 ? 0.2014 0.1623 0.0936 -0.0398 0.0000  0.0223  18 GLY B CA  
293 C C   . GLY B 19 ? 0.2052 0.1642 0.0960 -0.0314 0.0009  0.0211  18 GLY B C   
294 O O   . GLY B 19 ? 0.2220 0.1690 0.1144 -0.0266 0.0059  0.0228  18 GLY B O   
295 N N   . PRO B 20 ? 0.2034 0.1742 0.0909 -0.0297 -0.0039 0.0181  19 PRO B N   
296 C CA  . PRO B 20 ? 0.3446 0.3137 0.2317 -0.0219 -0.0034 0.0164  19 PRO B CA  
297 C C   . PRO B 20 ? 0.2961 0.2524 0.1950 -0.0219 -0.0030 0.0168  19 PRO B C   
298 O O   . PRO B 20 ? 0.2845 0.2367 0.1919 -0.0285 -0.0043 0.0181  19 PRO B O   
299 C CB  . PRO B 20 ? 0.2076 0.1943 0.0888 -0.0219 -0.0089 0.0126  19 PRO B CB  
300 C CG  . PRO B 20 ? 0.2846 0.2789 0.1677 -0.0312 -0.0133 0.0124  19 PRO B CG  
301 C CD  . PRO B 20 ? 0.1979 0.1841 0.0825 -0.0355 -0.0099 0.0159  19 PRO B CD  
302 N N   . HYP B 21 ? 0.2505 0.2009 0.1503 -0.0149 -0.0012 0.0159  20 HYP B N   
303 C CA  . HYP B 21 ? 0.2211 0.1597 0.1313 -0.0151 -0.0008 0.0160  20 HYP B CA  
304 C C   . HYP B 21 ? 0.2083 0.1547 0.1237 -0.0208 -0.0067 0.0134  20 HYP B C   
305 O O   . HYP B 21 ? 0.2243 0.1853 0.1339 -0.0215 -0.0108 0.0101  20 HYP B O   
306 C CB  . HYP B 21 ? 0.2529 0.1848 0.1614 -0.0062 0.0020  0.0152  20 HYP B CB  
307 C CG  . HYP B 21 ? 0.3701 0.3081 0.2675 -0.0007 0.0043  0.0159  20 HYP B CG  
308 C CD  . HYP B 21 ? 0.2187 0.1704 0.1101 -0.0063 0.0015  0.0157  20 HYP B CD  
309 O OD1 . HYP B 21 ? 0.3911 0.3164 0.2887 0.0019  0.0099  0.0197  20 HYP B OD1 
310 N N   . GLY B 22 ? 0.2066 0.1439 0.1330 -0.0251 -0.0070 0.0147  21 GLY B N   
311 C CA  . GLY B 22 ? 0.2019 0.1459 0.1338 -0.0315 -0.0126 0.0129  21 GLY B CA  
312 C C   . GLY B 22 ? 0.2294 0.1799 0.1588 -0.0284 -0.0152 0.0081  21 GLY B C   
313 O O   . GLY B 22 ? 0.2099 0.1577 0.1343 -0.0204 -0.0124 0.0064  21 GLY B O   
314 N N   . PRO B 23 ? 0.2000 0.1591 0.1329 -0.0346 -0.0205 0.0059  22 PRO B N   
315 C CA  . PRO B 23 ? 0.2291 0.1935 0.1603 -0.0321 -0.0226 0.0008  22 PRO B CA  
316 C C   . PRO B 23 ? 0.2294 0.1788 0.1676 -0.0289 -0.0196 0.0007  22 PRO B C   
317 O O   . PRO B 23 ? 0.2297 0.1666 0.1757 -0.0311 -0.0173 0.0046  22 PRO B O   
318 C CB  . PRO B 23 ? 0.2650 0.2418 0.1989 -0.0413 -0.0290 -0.0006 22 PRO B CB  
319 C CG  . PRO B 23 ? 0.3376 0.3085 0.2797 -0.0482 -0.0296 0.0046  22 PRO B CG  
320 C CD  . PRO B 23 ? 0.1934 0.1569 0.1325 -0.0443 -0.0247 0.0082  22 PRO B CD  
321 N N   . HYP B 24 ? 0.2254 0.1756 0.1607 -0.0236 -0.0192 -0.0039 23 HYP B N   
322 C CA  . HYP B 24 ? 0.2198 0.1559 0.1609 -0.0209 -0.0164 -0.0045 23 HYP B CA  
323 C C   . HYP B 24 ? 0.2701 0.2038 0.2209 -0.0296 -0.0195 -0.0041 23 HYP B C   
324 O O   . HYP B 24 ? 0.3194 0.2651 0.2710 -0.0370 -0.0245 -0.0049 23 HYP B O   
325 C CB  . HYP B 24 ? 0.3485 0.2883 0.2842 -0.0142 -0.0161 -0.0103 23 HYP B CB  
326 C CG  . HYP B 24 ? 0.2236 0.1790 0.1496 -0.0114 -0.0177 -0.0120 23 HYP B CG  
327 C CD  . HYP B 24 ? 0.2719 0.2349 0.1975 -0.0186 -0.0203 -0.0083 23 HYP B CD  
328 O OD1 . HYP B 24 ? 0.3626 0.3127 0.2833 -0.0023 -0.0133 -0.0105 23 HYP B OD1 
329 N N   . GLY B 25 ? 0.2209 0.1393 0.1789 -0.0289 -0.0164 -0.0022 24 GLY B N   
330 C CA  . GLY B 25 ? 0.2441 0.1598 0.2119 -0.0370 -0.0191 -0.0012 24 GLY B CA  
331 C C   . GLY B 25 ? 0.2194 0.1445 0.1864 -0.0407 -0.0233 -0.0069 24 GLY B C   
332 O O   . GLY B 25 ? 0.2229 0.1546 0.1824 -0.0359 -0.0233 -0.0121 24 GLY B O   
333 N N   . PRO B 26 ? 0.4047 0.1764 0.1371 0.1301  0.0419  0.0178  25 PRO B N   
334 C CA  . PRO B 26 ? 0.4588 0.2268 0.1932 0.1304  0.0331  0.0126  25 PRO B CA  
335 C C   . PRO B 26 ? 0.4144 0.1778 0.1660 0.1311  0.0330  0.0106  25 PRO B C   
336 O O   . PRO B 26 ? 0.4149 0.1779 0.1825 0.1310  0.0385  0.0131  25 PRO B O   
337 C CB  . PRO B 26 ? 0.4069 0.1743 0.1520 0.1289  0.0274  0.0085  25 PRO B CB  
338 C CG  . PRO B 26 ? 0.4198 0.1917 0.1641 0.1276  0.0327  0.0121  25 PRO B CG  
339 C CD  . PRO B 26 ? 0.4008 0.1743 0.1447 0.1283  0.0423  0.0174  25 PRO B CD  
340 N N   . HYP B 27 ? 0.5201 0.2798 0.2689 0.1321  0.0268  0.0067  26 HYP B N   
341 C CA  . HYP B 27 ? 0.4250 0.1801 0.1905 0.1328  0.0261  0.0045  26 HYP B CA  
342 C C   . HYP B 27 ? 0.4275 0.1788 0.2197 0.1316  0.0214  -0.0001 26 HYP B C   
343 O O   . HYP B 27 ? 0.4262 0.1775 0.2200 0.1305  0.0161  -0.0032 26 HYP B O   
344 C CB  . HYP B 27 ? 0.4299 0.1824 0.1805 0.1345  0.0218  0.0021  26 HYP B CB  
345 C CG  . HYP B 27 ? 0.5067 0.2625 0.2316 0.1348  0.0203  0.0044  26 HYP B CG  
346 C CD  . HYP B 27 ? 0.4199 0.1799 0.1451 0.1332  0.0223  0.0065  26 HYP B CD  
347 O OD1 . HYP B 27 ? 0.4480 0.2061 0.1579 0.1360  0.0252  0.0095  26 HYP B OD1 
348 N N   . GLY B 28 ? 0.4738 0.2220 0.2879 0.1316  0.0229  0.0000  27 GLY B N   
349 C CA  . GLY B 28 ? 0.5065 0.2510 0.3499 0.1305  0.0188  -0.0034 27 GLY B CA  
350 C C   . GLY B 28 ? 0.5456 0.2857 0.3910 0.1305  0.0096  -0.0107 27 GLY B C   
351 O O   . GLY B 28 ? 0.5519 0.2904 0.3771 0.1319  0.0061  -0.0135 27 GLY B O   
352 C C   . ACE C 1  ? 0.2357 0.0991 0.2724 -0.0125 0.0610  0.0492  0  ACE C C   
353 O O   . ACE C 1  ? 0.2475 0.1097 0.2760 -0.0005 0.0681  0.0624  0  ACE C O   
354 C CH3 . ACE C 1  ? 0.2318 0.0988 0.2955 -0.0239 0.0628  0.0351  0  ACE C CH3 
355 N N   . PRO C 2  ? 0.2929 0.1563 0.3155 -0.0151 0.0519  0.0450  1  PRO C N   
356 C CA  . PRO C 2  ? 0.2483 0.1214 0.2429 -0.0038 0.0442  0.0512  1  PRO C CA  
357 C C   . PRO C 2  ? 0.2263 0.1038 0.2059 -0.0025 0.0405  0.0553  1  PRO C C   
358 O O   . PRO C 2  ? 0.2180 0.0941 0.2053 -0.0133 0.0393  0.0501  1  PRO C O   
359 C CB  . PRO C 2  ? 0.2634 0.1486 0.2513 -0.0120 0.0302  0.0364  1  PRO C CB  
360 C CG  . PRO C 2  ? 0.2119 0.0916 0.2222 -0.0217 0.0332  0.0268  1  PRO C CG  
361 C CD  . PRO C 2  ? 0.2514 0.1215 0.2820 -0.0275 0.0427  0.0277  1  PRO C CD  
362 N N   . HYP C 3  ? 0.3375 0.2227 0.2963 0.0115  0.0385  0.0635  2  HYP C N   
363 C CA  . HYP C 3  ? 0.2319 0.1228 0.1755 0.0133  0.0339  0.0654  2  HYP C CA  
364 C C   . HYP C 3  ? 0.2150 0.1153 0.1517 0.0003  0.0200  0.0500  2  HYP C C   
365 O O   . HYP C 3  ? 0.2157 0.1216 0.1538 -0.0055 0.0134  0.0397  2  HYP C O   
366 C CB  . HYP C 3  ? 0.2464 0.1470 0.1704 0.0338  0.0348  0.0752  2  HYP C CB  
367 C CG  . HYP C 3  ? 0.3155 0.2144 0.2440 0.0451  0.0417  0.0816  2  HYP C CG  
368 C CD  . HYP C 3  ? 0.2475 0.1382 0.1961 0.0289  0.0409  0.0711  2  HYP C CD  
369 O OD1 . HYP C 3  ? 0.2749 0.1659 0.2125 0.0558  0.0571  0.0956  2  HYP C OD1 
370 N N   . GLY C 4  ? 0.3008 0.2016 0.2308 -0.0037 0.0175  0.0494  3  GLY C N   
371 C CA  . GLY C 4  ? 0.2491 0.1566 0.1716 -0.0134 0.0075  0.0375  3  GLY C CA  
372 C C   . GLY C 4  ? 0.2754 0.1960 0.1846 -0.0071 0.0004  0.0313  3  GLY C C   
373 O O   . GLY C 4  ? 0.2496 0.1772 0.1517 0.0070  0.0017  0.0369  3  GLY C O   
374 N N   . PRO C 5  ? 0.1926 0.1179 0.0995 -0.0166 -0.0063 0.0194  4  PRO C N   
375 C CA  . PRO C 5  ? 0.2357 0.1753 0.1354 -0.0126 -0.0126 0.0096  4  PRO C CA  
376 C C   . PRO C 5  ? 0.2011 0.1468 0.0894 -0.0051 -0.0138 0.0102  4  PRO C C   
377 O O   . PRO C 5  ? 0.2602 0.1967 0.1456 -0.0047 -0.0096 0.0189  4  PRO C O   
378 C CB  . PRO C 5  ? 0.1853 0.1235 0.0906 -0.0266 -0.0151 -0.0017 4  PRO C CB  
379 C CG  . PRO C 5  ? 0.1808 0.1063 0.0875 -0.0341 -0.0114 0.0035  4  PRO C CG  
380 C CD  . PRO C 5  ? 0.2210 0.1399 0.1325 -0.0295 -0.0070 0.0144  4  PRO C CD  
381 N N   . HYP C 6  ? 0.2543 0.2170 0.1376 0.0011  -0.0195 -0.0007 5  HYP C N   
382 C CA  . HYP C 6  ? 0.2126 0.1839 0.0858 0.0086  -0.0215 -0.0037 5  HYP C CA  
383 C C   . HYP C 6  ? 0.3031 0.2630 0.1782 -0.0042 -0.0201 -0.0081 5  HYP C C   
384 O O   . HYP C 6  ? 0.1991 0.1496 0.0827 -0.0177 -0.0186 -0.0124 5  HYP C O   
385 C CB  . HYP C 6  ? 0.2706 0.2669 0.1427 0.0164  -0.0289 -0.0197 5  HYP C CB  
386 C CG  . HYP C 6  ? 0.2178 0.2198 0.0963 0.0182  -0.0303 -0.0204 5  HYP C CG  
387 C CD  . HYP C 6  ? 0.2236 0.2026 0.1099 0.0064  -0.0242 -0.0095 5  HYP C CD  
388 O OD1 . HYP C 6  ? 0.2286 0.2428 0.0966 0.0389  -0.0300 -0.0111 5  HYP C OD1 
389 N N   . GLY C 7  ? 0.2134 0.1744 0.0792 0.0020  -0.0194 -0.0057 6  GLY C N   
390 C CA  . GLY C 7  ? 0.2107 0.1608 0.0771 -0.0077 -0.0170 -0.0087 6  GLY C CA  
391 C C   . GLY C 7  ? 0.2105 0.1661 0.0848 -0.0163 -0.0189 -0.0276 6  GLY C C   
392 O O   . GLY C 7  ? 0.2120 0.1836 0.0923 -0.0144 -0.0236 -0.0407 6  GLY C O   
393 N N   . PRO C 8  ? 0.4842 0.3675 0.2480 0.0566  -0.0542 -0.1568 7  PRO C N   
394 C CA  . PRO C 8  ? 0.4841 0.3807 0.2428 0.0600  -0.0494 -0.1568 7  PRO C CA  
395 C C   . PRO C 8  ? 0.4614 0.3421 0.2475 0.0672  -0.0671 -0.1491 7  PRO C C   
396 O O   . PRO C 8  ? 0.4399 0.3034 0.2370 0.0633  -0.0823 -0.1322 7  PRO C O   
397 C CB  . PRO C 8  ? 0.4864 0.3911 0.2097 0.0446  -0.0451 -0.1338 7  PRO C CB  
398 C CG  . PRO C 8  ? 0.4820 0.3899 0.1979 0.0336  -0.0415 -0.1311 7  PRO C CG  
399 C CD  . PRO C 8  ? 0.4747 0.3637 0.2158 0.0402  -0.0519 -0.1385 7  PRO C CD  
400 N N   . HYP C 9  ? 0.4564 0.3584 0.2733 0.0686  -0.0569 -0.1485 8  HYP C N   
401 C CA  . HYP C 9  ? 0.4320 0.3266 0.2832 0.0706  -0.0696 -0.1364 8  HYP C CA  
402 C C   . HYP C 9  ? 0.4143 0.2941 0.2447 0.0602  -0.0813 -0.1105 8  HYP C C   
403 O O   . HYP C 9  ? 0.4221 0.3083 0.2216 0.0510  -0.0731 -0.0980 8  HYP C O   
404 C CB  . HYP C 9  ? 0.4326 0.3619 0.3192 0.0698  -0.0511 -0.1400 8  HYP C CB  
405 C CG  . HYP C 9  ? 0.5193 0.4777 0.3841 0.0632  -0.0265 -0.1510 8  HYP C CG  
406 C CD  . HYP C 9  ? 0.4715 0.4114 0.2882 0.0609  -0.0308 -0.1516 8  HYP C CD  
407 O OD1 . HYP C 9  ? 0.5726 0.5542 0.4703 0.0747  -0.0159 -0.1803 8  HYP C OD1 
408 N N   . GLY C 10 ? 0.4021 0.2634 0.2504 0.0618  -0.1013 -0.1035 9  GLY C N   
409 C CA  . GLY C 10 ? 0.3760 0.2264 0.2104 0.0531  -0.1130 -0.0839 9  GLY C CA  
410 C C   . GLY C 10 ? 0.3729 0.2377 0.2151 0.0456  -0.1016 -0.0676 9  GLY C C   
411 O O   . GLY C 10 ? 0.3782 0.2633 0.2446 0.0451  -0.0863 -0.0702 9  GLY C O   
412 N N   . ASP C 11 ? 0.3747 0.2298 0.1966 0.0392  -0.1097 -0.0519 10 ASP C N   
413 C CA  . ASP C 11 ? 0.3686 0.2284 0.1967 0.0316  -0.1033 -0.0348 10 ASP C CA  
414 C C   . ASP C 11 ? 0.3476 0.2091 0.2179 0.0302  -0.1084 -0.0322 10 ASP C C   
415 O O   . ASP C 11 ? 0.3300 0.1866 0.2209 0.0346  -0.1212 -0.0406 10 ASP C O   
416 C CB  . ASP C 11 ? 0.3707 0.2162 0.1699 0.0287  -0.1146 -0.0211 10 ASP C CB  
417 C CG  . ASP C 11 ? 0.4557 0.3052 0.2188 0.0244  -0.1038 -0.0120 10 ASP C CG  
418 O OD1 . ASP C 11 ? 0.4688 0.3342 0.2254 0.0220  -0.0864 -0.0183 10 ASP C OD1 
419 O OD2 . ASP C 11 ? 0.5091 0.3513 0.2599 0.0228  -0.1097 0.0006  10 ASP C OD2 
420 N N   . ASP C 12 ? 0.3530 0.2208 0.2340 0.0218  -0.0993 -0.0195 11 ASP C N   
421 C CA  . ASP C 12 ? 0.4098 0.2792 0.3274 0.0180  -0.1045 -0.0152 11 ASP C CA  
422 C C   . ASP C 12 ? 0.3206 0.1725 0.2388 0.0188  -0.1262 -0.0132 11 ASP C C   
423 O O   . ASP C 12 ? 0.3159 0.1553 0.2050 0.0205  -0.1354 -0.0112 11 ASP C O   
424 C CB  . ASP C 12 ? 0.3486 0.2217 0.2689 0.0057  -0.0929 0.0002  11 ASP C CB  
425 C CG  . ASP C 12 ? 0.4261 0.3212 0.3395 -0.0004 -0.0704 -0.0016 11 ASP C CG  
426 O OD1 . ASP C 12 ? 0.4149 0.3289 0.3377 0.0071  -0.0624 -0.0189 11 ASP C OD1 
427 O OD2 . ASP C 12 ? 0.4808 0.3747 0.3792 -0.0137 -0.0614 0.0137  11 ASP C OD2 
428 N N   . GLY C 13 ? 0.2917 0.1471 0.2436 0.0165  -0.1345 -0.0152 12 GLY C N   
429 C CA  . GLY C 13 ? 0.2710 0.1174 0.2278 0.0138  -0.1477 -0.0144 12 GLY C CA  
430 C C   . GLY C 13 ? 0.2733 0.1112 0.2251 0.0072  -0.1474 -0.0049 12 GLY C C   
431 O O   . GLY C 13 ? 0.2944 0.1277 0.2370 0.0048  -0.1444 0.0062  12 GLY C O   
432 N N   . PRO C 14 ? 0.1766 0.3147 0.1907 0.0054  0.0017  0.0448  13 PRO C N   
433 C CA  . PRO C 14 ? 0.1469 0.2864 0.1656 0.0074  0.0029  0.0468  13 PRO C CA  
434 C C   . PRO C 14 ? 0.0724 0.2057 0.0986 0.0074  0.0040  0.0480  13 PRO C C   
435 O O   . PRO C 14 ? 0.1291 0.2582 0.1557 0.0056  0.0037  0.0474  13 PRO C O   
436 C CB  . PRO C 14 ? 0.0715 0.2131 0.0891 0.0059  0.0022  0.0422  13 PRO C CB  
437 C CG  . PRO C 14 ? 0.0511 0.1922 0.0617 0.0027  0.0007  0.0386  13 PRO C CG  
438 C CD  . PRO C 14 ? 0.0500 0.1867 0.0612 0.0023  0.0007  0.0399  13 PRO C CD  
439 N N   . SER C 15 ? 0.0529 0.1865 0.0858 0.0096  0.0056  0.0497  14 SER C N   
440 C CA  . SER C 15 ? 0.0525 0.1812 0.0932 0.0094  0.0072  0.0502  14 SER C CA  
441 C C   . SER C 15 ? 0.0501 0.1765 0.0934 0.0058  0.0067  0.0450  14 SER C C   
442 O O   . SER C 15 ? 0.0494 0.1781 0.0912 0.0045  0.0056  0.0412  14 SER C O   
443 C CB  . SER C 15 ? 0.1035 0.2354 0.1516 0.0131  0.0097  0.0548  14 SER C CB  
444 O OG  . SER C 15 ? 0.0603 0.1990 0.1047 0.0167  0.0100  0.0616  14 SER C OG  
445 N N   . GLY C 16 ? 0.0496 0.1720 0.0966 0.0038  0.0075  0.0448  15 GLY C N   
446 C CA  . GLY C 16 ? 0.0500 0.1712 0.0994 -0.0001 0.0071  0.0403  15 GLY C CA  
447 C C   . GLY C 16 ? 0.0488 0.1711 0.1065 -0.0007 0.0094  0.0366  15 GLY C C   
448 O O   . GLY C 16 ? 0.1420 0.2654 0.2050 0.0026  0.0116  0.0380  15 GLY C O   
449 N N   . ALA C 17 ? 0.1101 0.2322 0.1695 -0.0052 0.0093  0.0318  16 ALA C N   
450 C CA  . ALA C 17 ? 0.0491 0.1720 0.1177 -0.0069 0.0126  0.0269  16 ALA C CA  
451 C C   . ALA C 17 ? 0.0512 0.1716 0.1283 -0.0074 0.0172  0.0269  16 ALA C C   
452 O O   . ALA C 17 ? 0.0517 0.1699 0.1270 -0.0074 0.0171  0.0302  16 ALA C O   
453 C CB  . ALA C 17 ? 0.0491 0.1725 0.1156 -0.0123 0.0114  0.0220  16 ALA C CB  
454 N N   . GLU C 18 ? 0.0529 0.1740 0.1401 -0.0082 0.0219  0.0224  17 GLU C N   
455 C CA  . GLU C 18 ? 0.0745 0.1946 0.1694 -0.0096 0.0277  0.0220  17 GLU C CA  
456 C C   . GLU C 18 ? 0.0577 0.1740 0.1518 -0.0164 0.0290  0.0181  17 GLU C C   
457 O O   . GLU C 18 ? 0.1055 0.2221 0.1984 -0.0204 0.0273  0.0153  17 GLU C O   
458 C CB  . GLU C 18 ? 0.0718 0.1960 0.1774 -0.0093 0.0332  0.0186  17 GLU C CB  
459 C CG  . GLU C 18 ? 0.0663 0.1906 0.1788 -0.0122 0.0402  0.0176  17 GLU C CG  
460 C CD  . GLU C 18 ? 0.0953 0.2243 0.2178 -0.0104 0.0455  0.0164  17 GLU C CD  
461 O OE1 . GLU C 18 ? 0.2037 0.3365 0.3295 -0.0054 0.0437  0.0165  17 GLU C OE1 
462 O OE2 . GLU C 18 ? 0.1635 0.2915 0.2913 -0.0133 0.0517  0.0161  17 GLU C OE2 
463 N N   . GLY C 19 ? 0.0458 0.1369 0.0950 0.0286  -0.0045 0.0105  18 GLY C N   
464 C CA  . GLY C 19 ? 0.0451 0.1354 0.0872 0.0287  -0.0044 0.0071  18 GLY C CA  
465 C C   . GLY C 19 ? 0.0443 0.1303 0.0943 0.0294  -0.0012 0.0055  18 GLY C C   
466 O O   . GLY C 19 ? 0.0446 0.1285 0.1067 0.0301  0.0023  0.0063  18 GLY C O   
467 N N   . PRO C 20 ? 0.0885 0.1736 0.1318 0.0295  -0.0015 0.0023  19 PRO C N   
468 C CA  . PRO C 20 ? 0.0471 0.1334 0.0931 0.0326  0.0031  0.0004  19 PRO C CA  
469 C C   . PRO C 20 ? 0.1758 0.2657 0.2289 0.0327  0.0052  0.0023  19 PRO C C   
470 O O   . PRO C 20 ? 0.1268 0.2189 0.1810 0.0301  0.0011  0.0046  19 PRO C O   
471 C CB  . PRO C 20 ? 0.0978 0.1866 0.1303 0.0335  0.0002  -0.0043 19 PRO C CB  
472 C CG  . PRO C 20 ? 0.0460 0.1358 0.0720 0.0302  -0.0051 -0.0033 19 PRO C CG  
473 C CD  . PRO C 20 ? 0.0566 0.1439 0.0868 0.0286  -0.0051 0.0003  19 PRO C CD  
474 N N   . HYP C 21 ? 0.0936 0.1820 0.1502 0.0355  0.0129  0.0009  20 HYP C N   
475 C CA  . HYP C 21 ? 0.0551 0.1466 0.1178 0.0357  0.0162  0.0030  20 HYP C CA  
476 C C   . HYP C 21 ? 0.0527 0.1540 0.1086 0.0343  0.0092  0.0021  20 HYP C C   
477 O O   . HYP C 21 ? 0.0591 0.1618 0.1039 0.0335  0.0038  -0.0016 20 HYP C O   
478 C CB  . HYP C 21 ? 0.1039 0.1784 0.1625 0.0362  0.0282  0.0010  20 HYP C CB  
479 C CG  . HYP C 21 ? 0.0709 0.1386 0.1287 0.0390  0.0329  -0.0012 20 HYP C CG  
480 C CD  . HYP C 21 ? 0.0599 0.1382 0.1158 0.0382  0.0217  -0.0019 20 HYP C CD  
481 O OD1 . HYP C 21 ? 0.1485 0.2114 0.2184 0.0388  0.0375  0.0025  20 HYP C OD1 
482 N N   . GLY C 22 ? 0.0946 0.1999 0.1569 0.0325  0.0083  0.0057  21 GLY C N   
483 C CA  . GLY C 22 ? 0.0502 0.1633 0.1075 0.0299  0.0011  0.0058  21 GLY C CA  
484 C C   . GLY C 22 ? 0.0668 0.1620 0.1074 0.0242  0.0020  0.0018  21 GLY C C   
485 O O   . GLY C 22 ? 0.0801 0.1561 0.1112 0.0226  0.0089  -0.0017 21 GLY C O   
486 N N   . PRO C 23 ? 0.0823 0.1816 0.1183 0.0204  -0.0051 0.0027  22 PRO C N   
487 C CA  . PRO C 23 ? 0.1549 0.2361 0.1737 0.0132  -0.0063 -0.0001 22 PRO C CA  
488 C C   . PRO C 23 ? 0.1552 0.2182 0.1704 0.0100  0.0026  -0.0001 22 PRO C C   
489 O O   . PRO C 23 ? 0.1037 0.1732 0.1332 0.0132  0.0075  0.0035  22 PRO C O   
490 C CB  . PRO C 23 ? 0.0798 0.1746 0.1013 0.0108  -0.0161 0.0033  22 PRO C CB  
491 C CG  . PRO C 23 ? 0.1862 0.3047 0.2228 0.0173  -0.0198 0.0062  22 PRO C CG  
492 C CD  . PRO C 23 ? 0.1090 0.2300 0.1559 0.0224  -0.0125 0.0068  22 PRO C CD  
493 N N   . HYP C 24 ? 0.1212 0.1603 0.1166 0.0034  0.0049  -0.0039 23 HYP C N   
494 C CA  . HYP C 24 ? 0.1383 0.1573 0.1271 -0.0005 0.0136  -0.0041 23 HYP C CA  
495 C C   . HYP C 24 ? 0.1495 0.1769 0.1447 -0.0031 0.0092  0.0002  23 HYP C C   
496 O O   . HYP C 24 ? 0.1280 0.1693 0.1246 -0.0049 -0.0016 0.0023  23 HYP C O   
497 C CB  . HYP C 24 ? 0.1636 0.1541 0.1261 -0.0081 0.0155  -0.0093 23 HYP C CB  
498 C CG  . HYP C 24 ? 0.2006 0.1960 0.1572 -0.0071 0.0090  -0.0122 23 HYP C CG  
499 C CD  . HYP C 24 ? 0.1317 0.1587 0.1090 -0.0002 0.0013  -0.0085 23 HYP C CD  
500 O OD1 . HYP C 24 ? 0.2277 0.2102 0.1805 -0.0041 0.0188  -0.0159 23 HYP C OD1 
501 N N   . GLY C 25 ? 0.1413 0.1609 0.1416 -0.0030 0.0179  0.0020  24 GLY C N   
502 C CA  . GLY C 25 ? 0.1392 0.1658 0.1458 -0.0054 0.0146  0.0061  24 GLY C CA  
503 C C   . GLY C 25 ? 0.1590 0.1705 0.1458 -0.0149 0.0086  0.0049  24 GLY C C   
504 O O   . GLY C 25 ? 0.1741 0.1669 0.1405 -0.0202 0.0076  0.0008  24 GLY C O   
505 N N   . PRO C 26 ? 0.2126 0.2217 0.1883 -0.1271 -0.0368 0.0365  25 PRO C N   
506 C CA  . PRO C 26 ? 0.2325 0.2395 0.2219 -0.1224 -0.0373 0.0205  25 PRO C CA  
507 C C   . PRO C 26 ? 0.2373 0.2369 0.2497 -0.1209 -0.0312 0.0035  25 PRO C C   
508 O O   . PRO C 26 ? 0.2138 0.2158 0.2561 -0.1247 -0.0258 0.0100  25 PRO C O   
509 C CB  . PRO C 26 ? 0.2017 0.2258 0.2325 -0.1232 -0.0388 0.0360  25 PRO C CB  
510 C CG  . PRO C 26 ? 0.2651 0.2985 0.2777 -0.1231 -0.0405 0.0571  25 PRO C CG  
511 C CD  . PRO C 26 ? 0.2424 0.2686 0.2389 -0.1240 -0.0392 0.0572  25 PRO C CD  
512 N N   . HYP C 27 ? 0.2883 0.2802 0.2871 -0.1147 -0.0325 -0.0191 26 HYP C N   
513 C CA  . HYP C 27 ? 0.2386 0.2244 0.2521 -0.1125 -0.0264 -0.0397 26 HYP C CA  
514 C C   . HYP C 27 ? 0.2287 0.2236 0.3103 -0.1145 -0.0244 -0.0415 26 HYP C C   
515 O O   . HYP C 27 ? 0.2174 0.2221 0.3301 -0.1161 -0.0294 -0.0315 26 HYP C O   
516 C CB  . HYP C 27 ? 0.2933 0.2708 0.2669 -0.1048 -0.0313 -0.0626 26 HYP C CB  
517 C CG  . HYP C 27 ? 0.3055 0.2824 0.2424 -0.1023 -0.0399 -0.0527 26 HYP C CG  
518 C CD  . HYP C 27 ? 0.3113 0.2995 0.2713 -0.1087 -0.0401 -0.0275 26 HYP C CD  
519 O OD1 . HYP C 27 ? 0.2722 0.2347 0.1544 -0.1001 -0.0379 -0.0518 26 HYP C OD1 
520 N N   . GLY C 28 ? 0.2353 0.2267 0.3421 -0.1146 -0.0157 -0.0540 27 GLY C N   
521 C CA  . GLY C 28 ? 0.2530 0.2498 0.4263 -0.1145 -0.0129 -0.0572 27 GLY C CA  
522 C C   . GLY C 28 ? 0.2408 0.2373 0.4251 -0.1085 -0.0179 -0.0805 27 GLY C C   
523 O O   . GLY C 28 ? 0.3008 0.3006 0.5312 -0.1040 -0.0160 -0.0806 27 GLY C O   
524 N N   . NH2 C 29 ? 0.2514 0.2442 0.3900 -0.1067 -0.0247 -0.1000 28 NH2 C N   
# 
